data_2CT1
#
_entry.id   2CT1
#
loop_
_entity.id
_entity.type
_entity.pdbx_description
1 polymer 'Transcriptional repressor CTCF'
2 non-polymer 'ZINC ION'
#
_entity_poly.entity_id   1
_entity_poly.type   'polypeptide(L)'
_entity_poly.pdbx_seq_one_letter_code
;GSSGSSGRTHSGEKPYECYICHARFTQSGTMKMHILQKHTENVAKFHCPHCDTVIARKSDLGVHLRKQHSYSGPSSG
;
_entity_poly.pdbx_strand_id   A
#
# COMPACT_ATOMS: atom_id res chain seq x y z
N GLY A 1 23.39 -38.17 -4.26
CA GLY A 1 22.85 -36.83 -4.44
C GLY A 1 22.15 -36.32 -3.19
N SER A 2 22.81 -35.40 -2.49
CA SER A 2 22.24 -34.84 -1.27
C SER A 2 23.07 -33.64 -0.80
N SER A 3 22.51 -32.44 -0.95
CA SER A 3 23.20 -31.22 -0.54
C SER A 3 22.24 -30.28 0.17
N GLY A 4 22.77 -29.17 0.68
CA GLY A 4 21.96 -28.20 1.38
C GLY A 4 22.78 -27.14 2.07
N SER A 5 22.62 -25.89 1.65
CA SER A 5 23.36 -24.77 2.23
C SER A 5 22.60 -23.47 2.07
N SER A 6 22.62 -22.64 3.11
CA SER A 6 21.93 -21.36 3.09
C SER A 6 22.91 -20.20 3.23
N GLY A 7 22.56 -19.06 2.65
CA GLY A 7 23.42 -17.89 2.73
C GLY A 7 22.80 -16.67 2.11
N ARG A 8 21.99 -15.95 2.89
CA ARG A 8 21.32 -14.75 2.40
C ARG A 8 21.29 -13.68 3.48
N THR A 9 22.03 -12.61 3.27
CA THR A 9 22.09 -11.51 4.23
C THR A 9 21.88 -10.17 3.54
N HIS A 10 20.97 -9.36 4.09
CA HIS A 10 20.68 -8.05 3.53
C HIS A 10 20.10 -7.12 4.59
N SER A 11 20.80 -6.03 4.87
CA SER A 11 20.36 -5.07 5.87
C SER A 11 18.99 -4.50 5.51
N GLY A 12 18.08 -4.53 6.49
CA GLY A 12 16.74 -4.02 6.26
C GLY A 12 15.71 -5.12 6.17
N GLU A 13 14.76 -5.12 7.10
CA GLU A 13 13.71 -6.14 7.13
C GLU A 13 12.38 -5.56 6.68
N LYS A 14 11.71 -6.25 5.76
CA LYS A 14 10.42 -5.80 5.25
C LYS A 14 9.56 -6.98 4.83
N PRO A 15 8.55 -7.31 5.65
CA PRO A 15 7.64 -8.42 5.38
C PRO A 15 6.71 -8.14 4.20
N TYR A 16 6.91 -7.00 3.56
CA TYR A 16 6.09 -6.60 2.42
C TYR A 16 6.97 -6.14 1.26
N GLU A 17 6.43 -6.23 0.05
CA GLU A 17 7.16 -5.82 -1.15
C GLU A 17 6.21 -5.64 -2.32
N CYS A 18 6.51 -4.66 -3.17
CA CYS A 18 5.69 -4.38 -4.35
C CYS A 18 5.99 -5.36 -5.47
N TYR A 19 4.95 -6.04 -5.95
CA TYR A 19 5.11 -7.02 -7.03
C TYR A 19 5.11 -6.33 -8.39
N ILE A 20 5.33 -5.01 -8.38
CA ILE A 20 5.35 -4.24 -9.61
C ILE A 20 6.75 -3.68 -9.88
N CYS A 21 7.34 -3.07 -8.85
CA CYS A 21 8.67 -2.50 -8.97
C CYS A 21 9.66 -3.22 -8.06
N HIS A 22 9.14 -4.11 -7.22
CA HIS A 22 9.98 -4.86 -6.29
C HIS A 22 10.44 -3.97 -5.14
N ALA A 23 9.65 -2.96 -4.83
CA ALA A 23 9.98 -2.04 -3.74
C ALA A 23 9.53 -2.60 -2.40
N ARG A 24 10.51 -3.01 -1.59
CA ARG A 24 10.22 -3.56 -0.27
C ARG A 24 9.55 -2.53 0.63
N PHE A 25 8.82 -3.01 1.62
CA PHE A 25 8.13 -2.12 2.55
C PHE A 25 7.97 -2.79 3.92
N THR A 26 8.24 -2.03 4.97
CA THR A 26 8.13 -2.54 6.34
C THR A 26 6.74 -2.30 6.90
N GLN A 27 5.87 -1.70 6.09
CA GLN A 27 4.51 -1.40 6.51
C GLN A 27 3.50 -1.86 5.45
N SER A 28 2.50 -2.61 5.89
CA SER A 28 1.47 -3.12 4.97
C SER A 28 0.71 -1.96 4.33
N GLY A 29 0.53 -0.89 5.09
CA GLY A 29 -0.19 0.27 4.58
C GLY A 29 0.61 1.04 3.55
N THR A 30 1.87 1.32 3.87
CA THR A 30 2.75 2.06 2.96
C THR A 30 2.79 1.40 1.60
N MET A 31 3.01 0.08 1.58
CA MET A 31 3.08 -0.67 0.33
C MET A 31 1.81 -0.47 -0.49
N LYS A 32 0.68 -0.88 0.07
CA LYS A 32 -0.60 -0.76 -0.61
C LYS A 32 -0.78 0.64 -1.19
N MET A 33 -0.40 1.65 -0.40
CA MET A 33 -0.51 3.04 -0.84
C MET A 33 0.48 3.34 -1.94
N HIS A 34 1.60 2.62 -1.95
CA HIS A 34 2.63 2.81 -2.96
C HIS A 34 2.19 2.26 -4.31
N ILE A 35 1.56 1.09 -4.29
CA ILE A 35 1.07 0.45 -5.50
C ILE A 35 -0.04 1.27 -6.16
N LEU A 36 -0.80 1.99 -5.33
CA LEU A 36 -1.89 2.83 -5.83
C LEU A 36 -1.40 4.25 -6.10
N GLN A 37 -0.19 4.54 -5.65
CA GLN A 37 0.38 5.88 -5.84
C GLN A 37 1.29 5.91 -7.07
N LYS A 38 2.09 4.85 -7.24
CA LYS A 38 2.99 4.75 -8.38
C LYS A 38 2.38 3.93 -9.50
N HIS A 39 1.58 2.94 -9.12
CA HIS A 39 0.92 2.07 -10.11
C HIS A 39 -0.59 2.18 -10.00
N THR A 40 -1.11 3.40 -10.16
CA THR A 40 -2.54 3.64 -10.09
C THR A 40 -3.23 3.21 -11.38
N GLU A 41 -2.53 3.30 -12.49
CA GLU A 41 -3.07 2.92 -13.79
C GLU A 41 -2.65 1.51 -14.16
N ASN A 42 -1.52 1.07 -13.61
CA ASN A 42 -1.01 -0.26 -13.90
C ASN A 42 -1.63 -1.29 -12.97
N VAL A 43 -2.95 -1.20 -12.80
CA VAL A 43 -3.68 -2.13 -11.94
C VAL A 43 -5.17 -2.12 -12.27
N ALA A 44 -5.75 -3.31 -12.39
CA ALA A 44 -7.17 -3.43 -12.70
C ALA A 44 -8.02 -3.28 -11.44
N LYS A 45 -7.82 -4.18 -10.48
CA LYS A 45 -8.57 -4.13 -9.23
C LYS A 45 -7.90 -3.19 -8.23
N PHE A 46 -8.71 -2.51 -7.43
CA PHE A 46 -8.21 -1.58 -6.43
C PHE A 46 -8.47 -2.09 -5.02
N HIS A 47 -7.46 -2.01 -4.16
CA HIS A 47 -7.58 -2.47 -2.79
C HIS A 47 -7.40 -1.31 -1.81
N CYS A 48 -8.19 -1.34 -0.73
CA CYS A 48 -8.12 -0.28 0.28
C CYS A 48 -6.79 -0.34 1.03
N PRO A 49 -6.10 0.81 1.09
CA PRO A 49 -4.81 0.93 1.77
C PRO A 49 -4.96 0.83 3.28
N HIS A 50 -6.18 0.61 3.74
CA HIS A 50 -6.45 0.50 5.18
C HIS A 50 -6.95 -0.90 5.53
N CYS A 51 -8.18 -1.20 5.12
CA CYS A 51 -8.78 -2.50 5.40
C CYS A 51 -8.77 -3.38 4.15
N ASP A 52 -9.18 -4.63 4.31
CA ASP A 52 -9.22 -5.57 3.21
C ASP A 52 -10.56 -5.50 2.48
N THR A 53 -10.63 -4.66 1.46
CA THR A 53 -11.86 -4.49 0.68
C THR A 53 -11.54 -4.21 -0.79
N VAL A 54 -12.36 -4.77 -1.68
CA VAL A 54 -12.18 -4.57 -3.10
C VAL A 54 -12.82 -3.27 -3.57
N ILE A 55 -12.17 -2.59 -4.51
CA ILE A 55 -12.68 -1.34 -5.05
C ILE A 55 -12.68 -1.35 -6.57
N ALA A 56 -13.85 -1.13 -7.16
CA ALA A 56 -13.99 -1.11 -8.60
C ALA A 56 -12.82 -0.38 -9.26
N ARG A 57 -12.84 0.94 -9.18
CA ARG A 57 -11.78 1.76 -9.77
C ARG A 57 -11.29 2.81 -8.78
N LYS A 58 -10.21 3.50 -9.13
CA LYS A 58 -9.64 4.53 -8.27
C LYS A 58 -10.71 5.53 -7.84
N SER A 59 -11.30 6.22 -8.82
CA SER A 59 -12.32 7.21 -8.53
C SER A 59 -13.29 6.71 -7.46
N ASP A 60 -13.60 5.42 -7.51
CA ASP A 60 -14.51 4.82 -6.54
C ASP A 60 -13.88 4.79 -5.15
N LEU A 61 -12.59 4.48 -5.10
CA LEU A 61 -11.87 4.42 -3.83
C LEU A 61 -12.29 5.56 -2.91
N GLY A 62 -12.14 6.79 -3.39
CA GLY A 62 -12.51 7.95 -2.60
C GLY A 62 -13.82 7.74 -1.85
N VAL A 63 -14.86 7.36 -2.58
CA VAL A 63 -16.17 7.14 -1.98
C VAL A 63 -16.05 6.24 -0.75
N HIS A 64 -15.31 5.15 -0.88
CA HIS A 64 -15.13 4.21 0.23
C HIS A 64 -14.34 4.86 1.36
N LEU A 65 -13.33 5.65 1.00
CA LEU A 65 -12.49 6.33 1.97
C LEU A 65 -13.30 7.36 2.76
N ARG A 66 -14.37 7.85 2.15
CA ARG A 66 -15.22 8.84 2.79
C ARG A 66 -16.37 8.17 3.55
N LYS A 67 -16.94 7.14 2.94
CA LYS A 67 -18.04 6.40 3.55
C LYS A 67 -17.55 5.56 4.73
N GLN A 68 -16.87 4.46 4.41
CA GLN A 68 -16.35 3.57 5.43
C GLN A 68 -15.37 4.30 6.35
N HIS A 69 -14.41 5.01 5.74
CA HIS A 69 -13.42 5.75 6.50
C HIS A 69 -13.73 7.24 6.49
N SER A 70 -12.85 8.04 7.10
CA SER A 70 -13.04 9.47 7.16
C SER A 70 -11.91 10.20 6.44
N TYR A 71 -12.12 10.49 5.16
CA TYR A 71 -11.13 11.19 4.36
C TYR A 71 -11.74 12.40 3.66
N SER A 72 -11.73 13.54 4.34
CA SER A 72 -12.28 14.77 3.78
C SER A 72 -11.75 15.99 4.52
N GLY A 73 -11.85 17.15 3.88
CA GLY A 73 -11.37 18.38 4.48
C GLY A 73 -12.17 18.77 5.72
N PRO A 74 -11.46 19.19 6.77
CA PRO A 74 -12.08 19.59 8.04
C PRO A 74 -12.86 20.91 7.90
N SER A 75 -14.10 20.81 7.46
CA SER A 75 -14.94 21.99 7.28
C SER A 75 -16.19 21.91 8.16
N SER A 76 -16.57 23.03 8.75
CA SER A 76 -17.74 23.08 9.62
C SER A 76 -19.00 23.38 8.82
N GLY A 77 -19.60 22.33 8.26
CA GLY A 77 -20.81 22.51 7.47
C GLY A 77 -21.04 21.36 6.50
N GLY A 1 20.75 -30.35 27.92
CA GLY A 1 21.02 -28.98 28.35
C GLY A 1 22.32 -28.45 27.78
N SER A 2 22.22 -27.63 26.73
CA SER A 2 23.39 -27.06 26.10
C SER A 2 23.01 -25.94 25.14
N SER A 3 23.78 -24.85 25.15
CA SER A 3 23.51 -23.71 24.29
C SER A 3 24.81 -22.97 23.96
N GLY A 4 24.70 -22.00 23.06
CA GLY A 4 25.87 -21.23 22.67
C GLY A 4 25.99 -21.07 21.16
N SER A 5 25.82 -19.84 20.68
CA SER A 5 25.90 -19.56 19.26
C SER A 5 25.92 -18.06 19.00
N SER A 6 26.60 -17.66 17.92
CA SER A 6 26.70 -16.25 17.57
C SER A 6 26.15 -16.00 16.17
N GLY A 7 25.68 -14.78 15.92
CA GLY A 7 25.12 -14.44 14.63
C GLY A 7 23.72 -13.88 14.73
N ARG A 8 23.61 -12.65 15.24
CA ARG A 8 22.32 -12.00 15.39
C ARG A 8 21.92 -11.29 14.10
N THR A 9 22.16 -11.94 12.97
CA THR A 9 21.83 -11.37 11.67
C THR A 9 20.46 -10.69 11.70
N HIS A 10 20.45 -9.37 11.62
CA HIS A 10 19.20 -8.62 11.63
C HIS A 10 18.34 -8.96 10.41
N SER A 11 17.56 -10.03 10.54
CA SER A 11 16.70 -10.48 9.44
C SER A 11 15.28 -9.98 9.65
N GLY A 12 14.82 -9.11 8.75
CA GLY A 12 13.48 -8.57 8.85
C GLY A 12 13.43 -7.07 8.73
N GLU A 13 13.86 -6.56 7.57
CA GLU A 13 13.88 -5.13 7.32
C GLU A 13 12.52 -4.64 6.83
N LYS A 14 11.89 -5.43 5.96
CA LYS A 14 10.59 -5.08 5.40
C LYS A 14 9.79 -6.34 5.07
N PRO A 15 8.77 -6.63 5.90
CA PRO A 15 7.91 -7.81 5.71
C PRO A 15 7.00 -7.66 4.50
N TYR A 16 7.16 -6.56 3.77
CA TYR A 16 6.36 -6.32 2.58
C TYR A 16 7.22 -5.84 1.43
N GLU A 17 6.72 -6.03 0.21
CA GLU A 17 7.45 -5.61 -0.99
C GLU A 17 6.52 -5.53 -2.20
N CYS A 18 6.71 -4.51 -3.02
CA CYS A 18 5.89 -4.31 -4.20
C CYS A 18 6.25 -5.33 -5.29
N TYR A 19 5.25 -6.08 -5.75
CA TYR A 19 5.47 -7.08 -6.78
C TYR A 19 5.47 -6.45 -8.17
N ILE A 20 5.68 -5.14 -8.21
CA ILE A 20 5.71 -4.41 -9.47
C ILE A 20 7.08 -3.80 -9.73
N CYS A 21 7.59 -3.07 -8.75
CA CYS A 21 8.90 -2.44 -8.87
C CYS A 21 9.89 -3.05 -7.88
N HIS A 22 9.44 -4.06 -7.14
CA HIS A 22 10.29 -4.73 -6.17
C HIS A 22 10.71 -3.77 -5.06
N ALA A 23 9.83 -2.83 -4.74
CA ALA A 23 10.11 -1.84 -3.70
C ALA A 23 9.71 -2.36 -2.32
N ARG A 24 10.70 -2.60 -1.47
CA ARG A 24 10.44 -3.10 -0.13
C ARG A 24 9.72 -2.06 0.71
N PHE A 25 8.89 -2.53 1.65
CA PHE A 25 8.14 -1.64 2.52
C PHE A 25 8.02 -2.22 3.92
N THR A 26 8.14 -1.36 4.93
CA THR A 26 8.04 -1.78 6.32
C THR A 26 6.65 -1.53 6.88
N GLN A 27 5.69 -1.31 5.99
CA GLN A 27 4.31 -1.06 6.40
C GLN A 27 3.33 -1.56 5.34
N SER A 28 2.49 -2.50 5.73
CA SER A 28 1.50 -3.06 4.81
C SER A 28 0.71 -1.95 4.12
N GLY A 29 0.40 -0.90 4.86
CA GLY A 29 -0.35 0.22 4.30
C GLY A 29 0.45 0.97 3.25
N THR A 30 1.67 1.35 3.60
CA THR A 30 2.53 2.09 2.68
C THR A 30 2.62 1.39 1.34
N MET A 31 2.96 0.10 1.37
CA MET A 31 3.09 -0.68 0.16
C MET A 31 1.82 -0.60 -0.68
N LYS A 32 0.71 -1.07 -0.13
CA LYS A 32 -0.57 -1.05 -0.82
C LYS A 32 -0.82 0.31 -1.47
N MET A 33 -0.57 1.37 -0.71
CA MET A 33 -0.75 2.73 -1.22
C MET A 33 0.22 3.02 -2.36
N HIS A 34 1.45 2.54 -2.22
CA HIS A 34 2.47 2.76 -3.24
C HIS A 34 2.07 2.12 -4.56
N ILE A 35 1.46 0.93 -4.48
CA ILE A 35 1.02 0.22 -5.67
C ILE A 35 -0.14 0.93 -6.34
N LEU A 36 -0.96 1.61 -5.54
CA LEU A 36 -2.11 2.33 -6.06
C LEU A 36 -1.75 3.78 -6.36
N GLN A 37 -0.55 4.19 -5.97
CA GLN A 37 -0.08 5.55 -6.20
C GLN A 37 0.84 5.61 -7.41
N LYS A 38 1.72 4.62 -7.53
CA LYS A 38 2.66 4.56 -8.65
C LYS A 38 2.15 3.61 -9.73
N HIS A 39 1.41 2.58 -9.32
CA HIS A 39 0.87 1.61 -10.25
C HIS A 39 -0.66 1.60 -10.19
N THR A 40 -1.26 2.78 -10.25
CA THR A 40 -2.71 2.90 -10.21
C THR A 40 -3.36 2.28 -11.45
N GLU A 41 -2.64 2.33 -12.56
CA GLU A 41 -3.15 1.77 -13.81
C GLU A 41 -2.70 0.32 -13.98
N ASN A 42 -1.40 0.10 -13.82
CA ASN A 42 -0.84 -1.25 -13.95
C ASN A 42 -1.68 -2.27 -13.19
N VAL A 43 -2.08 -1.91 -11.98
CA VAL A 43 -2.88 -2.80 -11.14
C VAL A 43 -4.29 -2.94 -11.71
N ALA A 44 -4.89 -4.11 -11.51
CA ALA A 44 -6.24 -4.38 -11.99
C ALA A 44 -7.28 -4.05 -10.94
N LYS A 45 -7.25 -4.80 -9.83
CA LYS A 45 -8.20 -4.58 -8.74
C LYS A 45 -7.60 -3.65 -7.68
N PHE A 46 -8.36 -2.66 -7.27
CA PHE A 46 -7.91 -1.71 -6.26
C PHE A 46 -8.31 -2.18 -4.85
N HIS A 47 -7.34 -2.71 -4.12
CA HIS A 47 -7.58 -3.18 -2.77
C HIS A 47 -7.36 -2.07 -1.74
N CYS A 48 -8.43 -1.68 -1.06
CA CYS A 48 -8.37 -0.64 -0.05
C CYS A 48 -7.11 -0.78 0.80
N PRO A 49 -6.41 0.34 1.03
CA PRO A 49 -5.18 0.36 1.83
C PRO A 49 -5.46 0.12 3.30
N HIS A 50 -6.73 -0.08 3.65
CA HIS A 50 -7.12 -0.33 5.03
C HIS A 50 -7.76 -1.71 5.18
N CYS A 51 -8.97 -1.86 4.63
CA CYS A 51 -9.69 -3.11 4.70
C CYS A 51 -9.58 -3.88 3.38
N ASP A 52 -10.23 -5.04 3.33
CA ASP A 52 -10.20 -5.86 2.12
C ASP A 52 -11.44 -5.63 1.27
N THR A 53 -11.48 -4.49 0.58
CA THR A 53 -12.61 -4.14 -0.27
C THR A 53 -12.15 -3.83 -1.69
N VAL A 54 -12.69 -4.58 -2.65
CA VAL A 54 -12.34 -4.38 -4.06
C VAL A 54 -12.96 -3.10 -4.60
N ILE A 55 -12.11 -2.23 -5.16
CA ILE A 55 -12.59 -0.97 -5.72
C ILE A 55 -12.30 -0.90 -7.21
N ALA A 56 -13.28 -0.40 -7.97
CA ALA A 56 -13.12 -0.27 -9.41
C ALA A 56 -12.77 1.17 -9.81
N ARG A 57 -13.77 2.05 -9.76
CA ARG A 57 -13.55 3.45 -10.10
C ARG A 57 -12.53 4.10 -9.17
N LYS A 58 -11.42 4.54 -9.74
CA LYS A 58 -10.36 5.18 -8.97
C LYS A 58 -10.93 6.24 -8.03
N SER A 59 -11.75 7.14 -8.59
CA SER A 59 -12.36 8.21 -7.81
C SER A 59 -13.16 7.64 -6.65
N ASP A 60 -13.98 6.64 -6.94
CA ASP A 60 -14.81 6.00 -5.92
C ASP A 60 -13.98 5.65 -4.69
N LEU A 61 -12.77 5.13 -4.94
CA LEU A 61 -11.87 4.75 -3.85
C LEU A 61 -11.98 5.73 -2.69
N GLY A 62 -11.99 7.01 -3.00
CA GLY A 62 -12.09 8.03 -1.97
C GLY A 62 -13.36 7.92 -1.17
N VAL A 63 -14.49 7.87 -1.86
CA VAL A 63 -15.80 7.77 -1.21
C VAL A 63 -15.79 6.68 -0.15
N HIS A 64 -15.15 5.55 -0.47
CA HIS A 64 -15.08 4.42 0.46
C HIS A 64 -14.18 4.76 1.64
N LEU A 65 -13.17 5.58 1.39
CA LEU A 65 -12.23 5.98 2.44
C LEU A 65 -12.87 6.97 3.40
N ARG A 66 -13.76 7.82 2.87
CA ARG A 66 -14.45 8.81 3.68
C ARG A 66 -15.72 8.22 4.29
N LYS A 67 -16.29 7.24 3.61
CA LYS A 67 -17.51 6.59 4.09
C LYS A 67 -17.20 5.58 5.18
N GLN A 68 -16.51 4.51 4.80
CA GLN A 68 -16.14 3.46 5.75
C GLN A 68 -15.18 3.99 6.82
N HIS A 69 -14.16 4.71 6.36
CA HIS A 69 -13.16 5.28 7.27
C HIS A 69 -13.33 6.79 7.38
N SER A 70 -12.67 7.38 8.36
CA SER A 70 -12.73 8.83 8.57
C SER A 70 -11.66 9.55 7.77
N TYR A 71 -12.06 10.09 6.62
CA TYR A 71 -11.14 10.81 5.76
C TYR A 71 -11.76 12.11 5.25
N SER A 72 -12.67 12.66 6.04
CA SER A 72 -13.35 13.91 5.68
C SER A 72 -12.84 15.07 6.53
N GLY A 73 -11.97 15.88 5.94
CA GLY A 73 -11.42 17.02 6.66
C GLY A 73 -11.69 18.33 5.96
N PRO A 74 -12.99 18.71 5.88
CA PRO A 74 -13.41 19.96 5.24
C PRO A 74 -12.99 21.19 6.03
N SER A 75 -12.27 20.97 7.12
CA SER A 75 -11.81 22.07 7.96
C SER A 75 -12.97 22.67 8.75
N SER A 76 -13.84 21.81 9.26
CA SER A 76 -15.00 22.26 10.03
C SER A 76 -14.56 22.92 11.34
N GLY A 77 -15.49 23.61 11.98
CA GLY A 77 -15.18 24.28 13.23
C GLY A 77 -16.15 23.92 14.34
N GLY A 1 39.49 -5.65 -8.59
CA GLY A 1 39.10 -6.22 -7.32
C GLY A 1 40.09 -7.25 -6.80
N SER A 2 40.48 -7.12 -5.54
CA SER A 2 41.43 -8.04 -4.94
C SER A 2 40.72 -9.06 -4.06
N SER A 3 41.09 -10.33 -4.20
CA SER A 3 40.48 -11.41 -3.42
C SER A 3 40.13 -10.92 -2.02
N GLY A 4 38.94 -11.28 -1.56
CA GLY A 4 38.50 -10.88 -0.24
C GLY A 4 37.10 -10.29 -0.24
N SER A 5 36.98 -9.06 -0.71
CA SER A 5 35.69 -8.38 -0.76
C SER A 5 34.89 -8.85 -1.96
N SER A 6 33.57 -8.63 -1.92
CA SER A 6 32.68 -9.03 -3.00
C SER A 6 31.83 -7.86 -3.48
N GLY A 7 31.21 -7.17 -2.52
CA GLY A 7 30.37 -6.03 -2.85
C GLY A 7 29.38 -5.70 -1.75
N ARG A 8 28.80 -4.51 -1.82
CA ARG A 8 27.83 -4.07 -0.83
C ARG A 8 26.40 -4.33 -1.30
N THR A 9 25.54 -4.75 -0.37
CA THR A 9 24.15 -5.04 -0.70
C THR A 9 23.21 -4.47 0.36
N HIS A 10 21.97 -4.19 -0.04
CA HIS A 10 20.98 -3.65 0.87
C HIS A 10 20.47 -4.73 1.83
N SER A 11 20.32 -4.36 3.10
CA SER A 11 19.85 -5.29 4.13
C SER A 11 18.67 -4.70 4.89
N GLY A 12 17.81 -5.58 5.40
CA GLY A 12 16.65 -5.13 6.15
C GLY A 12 15.58 -6.21 6.26
N GLU A 13 14.49 -5.88 6.95
CA GLU A 13 13.40 -6.82 7.12
C GLU A 13 12.07 -6.20 6.70
N LYS A 14 11.45 -6.78 5.67
CA LYS A 14 10.19 -6.28 5.16
C LYS A 14 9.32 -7.43 4.65
N PRO A 15 8.30 -7.78 5.44
CA PRO A 15 7.37 -8.87 5.09
C PRO A 15 6.47 -8.51 3.91
N TYR A 16 6.65 -7.30 3.39
CA TYR A 16 5.85 -6.83 2.26
C TYR A 16 6.75 -6.31 1.13
N GLU A 17 6.25 -6.40 -0.10
CA GLU A 17 7.01 -5.94 -1.26
C GLU A 17 6.08 -5.72 -2.45
N CYS A 18 6.43 -4.75 -3.28
CA CYS A 18 5.64 -4.43 -4.47
C CYS A 18 5.94 -5.41 -5.60
N TYR A 19 4.88 -6.04 -6.11
CA TYR A 19 5.03 -7.01 -7.20
C TYR A 19 5.09 -6.30 -8.55
N ILE A 20 5.40 -5.01 -8.52
CA ILE A 20 5.48 -4.21 -9.74
C ILE A 20 6.90 -3.69 -9.95
N CYS A 21 7.46 -3.07 -8.92
CA CYS A 21 8.81 -2.53 -8.99
C CYS A 21 9.75 -3.27 -8.03
N HIS A 22 9.20 -4.25 -7.32
CA HIS A 22 9.98 -5.03 -6.37
C HIS A 22 10.39 -4.17 -5.17
N ALA A 23 9.61 -3.14 -4.89
CA ALA A 23 9.90 -2.23 -3.78
C ALA A 23 9.47 -2.85 -2.46
N ARG A 24 10.43 -3.17 -1.61
CA ARG A 24 10.14 -3.77 -0.31
C ARG A 24 9.47 -2.75 0.62
N PHE A 25 8.70 -3.25 1.58
CA PHE A 25 8.02 -2.39 2.53
C PHE A 25 7.85 -3.08 3.87
N THR A 26 8.21 -2.37 4.94
CA THR A 26 8.11 -2.93 6.29
C THR A 26 6.65 -2.96 6.76
N GLN A 27 5.80 -2.24 6.05
CA GLN A 27 4.38 -2.18 6.40
C GLN A 27 3.51 -2.41 5.16
N SER A 28 2.25 -2.78 5.40
CA SER A 28 1.32 -3.03 4.31
C SER A 28 0.69 -1.73 3.82
N GLY A 29 0.49 -0.79 4.74
CA GLY A 29 -0.10 0.48 4.38
C GLY A 29 0.78 1.29 3.43
N THR A 30 2.07 1.34 3.73
CA THR A 30 3.02 2.07 2.90
C THR A 30 3.13 1.45 1.52
N MET A 31 3.06 0.12 1.46
CA MET A 31 3.17 -0.60 0.20
C MET A 31 1.91 -0.40 -0.64
N LYS A 32 0.75 -0.70 -0.05
CA LYS A 32 -0.52 -0.56 -0.74
C LYS A 32 -0.65 0.83 -1.36
N MET A 33 -0.31 1.85 -0.58
CA MET A 33 -0.39 3.23 -1.05
C MET A 33 0.59 3.47 -2.19
N HIS A 34 1.73 2.79 -2.13
CA HIS A 34 2.76 2.93 -3.15
C HIS A 34 2.30 2.33 -4.48
N ILE A 35 1.56 1.23 -4.38
CA ILE A 35 1.06 0.55 -5.59
C ILE A 35 -0.10 1.33 -6.21
N LEU A 36 -0.85 2.04 -5.37
CA LEU A 36 -1.98 2.84 -5.84
C LEU A 36 -1.56 4.27 -6.11
N GLN A 37 -0.33 4.61 -5.72
CA GLN A 37 0.19 5.96 -5.91
C GLN A 37 1.12 6.02 -7.11
N LYS A 38 1.97 5.00 -7.25
CA LYS A 38 2.92 4.93 -8.34
C LYS A 38 2.37 4.07 -9.48
N HIS A 39 1.61 3.05 -9.13
CA HIS A 39 1.01 2.16 -10.12
C HIS A 39 -0.51 2.24 -10.09
N THR A 40 -1.04 3.46 -10.02
CA THR A 40 -2.48 3.67 -9.98
C THR A 40 -3.15 3.17 -11.25
N GLU A 41 -2.45 3.31 -12.38
CA GLU A 41 -2.97 2.87 -13.67
C GLU A 41 -2.56 1.43 -13.96
N ASN A 42 -1.36 1.07 -13.53
CA ASN A 42 -0.84 -0.28 -13.74
C ASN A 42 -1.42 -1.26 -12.73
N VAL A 43 -2.73 -1.15 -12.49
CA VAL A 43 -3.40 -2.03 -11.54
C VAL A 43 -4.90 -2.04 -11.79
N ALA A 44 -5.52 -3.21 -11.60
CA ALA A 44 -6.96 -3.36 -11.79
C ALA A 44 -7.69 -3.36 -10.47
N LYS A 45 -7.29 -4.24 -9.56
CA LYS A 45 -7.91 -4.34 -8.25
C LYS A 45 -7.32 -3.32 -7.28
N PHE A 46 -8.12 -2.33 -6.93
CA PHE A 46 -7.68 -1.28 -6.02
C PHE A 46 -7.92 -1.68 -4.57
N HIS A 47 -6.84 -1.99 -3.86
CA HIS A 47 -6.93 -2.40 -2.46
C HIS A 47 -6.85 -1.19 -1.54
N CYS A 48 -7.80 -1.09 -0.62
CA CYS A 48 -7.84 0.01 0.34
C CYS A 48 -6.56 0.08 1.15
N PRO A 49 -5.94 1.28 1.19
CA PRO A 49 -4.70 1.50 1.93
C PRO A 49 -4.90 1.44 3.43
N HIS A 50 -6.12 1.14 3.85
CA HIS A 50 -6.46 1.05 5.28
C HIS A 50 -6.91 -0.36 5.64
N CYS A 51 -8.12 -0.72 5.20
CA CYS A 51 -8.66 -2.04 5.48
C CYS A 51 -8.56 -2.95 4.26
N ASP A 52 -9.09 -4.16 4.39
CA ASP A 52 -9.06 -5.13 3.29
C ASP A 52 -10.36 -5.10 2.50
N THR A 53 -10.55 -4.04 1.71
CA THR A 53 -11.75 -3.90 0.91
C THR A 53 -11.41 -3.74 -0.57
N VAL A 54 -12.15 -4.46 -1.42
CA VAL A 54 -11.92 -4.39 -2.85
C VAL A 54 -12.57 -3.16 -3.47
N ILE A 55 -11.81 -2.44 -4.29
CA ILE A 55 -12.31 -1.24 -4.93
C ILE A 55 -12.22 -1.35 -6.45
N ALA A 56 -13.35 -1.19 -7.12
CA ALA A 56 -13.40 -1.27 -8.58
C ALA A 56 -12.32 -0.39 -9.21
N ARG A 57 -12.54 0.91 -9.21
CA ARG A 57 -11.59 1.85 -9.78
C ARG A 57 -11.26 2.97 -8.79
N LYS A 58 -10.37 3.86 -9.19
CA LYS A 58 -9.97 4.99 -8.34
C LYS A 58 -11.17 5.86 -8.01
N SER A 59 -11.82 6.40 -9.04
CA SER A 59 -12.99 7.25 -8.85
C SER A 59 -13.92 6.68 -7.79
N ASP A 60 -13.90 5.36 -7.65
CA ASP A 60 -14.74 4.67 -6.67
C ASP A 60 -14.05 4.59 -5.32
N LEU A 61 -12.73 4.47 -5.35
CA LEU A 61 -11.94 4.37 -4.12
C LEU A 61 -12.42 5.39 -3.08
N GLY A 62 -12.57 6.63 -3.51
CA GLY A 62 -13.03 7.68 -2.62
C GLY A 62 -14.31 7.29 -1.88
N VAL A 63 -15.37 7.05 -2.64
CA VAL A 63 -16.65 6.68 -2.06
C VAL A 63 -16.46 5.75 -0.86
N HIS A 64 -15.53 4.80 -0.99
CA HIS A 64 -15.25 3.86 0.08
C HIS A 64 -14.54 4.55 1.25
N LEU A 65 -13.64 5.48 0.91
CA LEU A 65 -12.89 6.20 1.93
C LEU A 65 -13.81 7.12 2.73
N ARG A 66 -14.75 7.76 2.04
CA ARG A 66 -15.69 8.66 2.68
C ARG A 66 -16.82 7.89 3.34
N LYS A 67 -17.19 6.75 2.75
CA LYS A 67 -18.26 5.92 3.29
C LYS A 67 -17.80 5.18 4.54
N GLN A 68 -16.88 4.23 4.36
CA GLN A 68 -16.36 3.46 5.48
C GLN A 68 -15.56 4.34 6.43
N HIS A 69 -14.63 5.11 5.87
CA HIS A 69 -13.81 6.01 6.67
C HIS A 69 -14.26 7.46 6.53
N SER A 70 -13.59 8.35 7.23
CA SER A 70 -13.93 9.78 7.18
C SER A 70 -12.79 10.58 6.56
N TYR A 71 -12.99 11.01 5.33
CA TYR A 71 -11.97 11.79 4.61
C TYR A 71 -12.62 12.93 3.83
N SER A 72 -12.48 14.14 4.33
CA SER A 72 -13.05 15.32 3.67
C SER A 72 -11.99 16.40 3.48
N GLY A 73 -11.83 16.84 2.23
CA GLY A 73 -10.85 17.87 1.94
C GLY A 73 -10.86 19.00 2.95
N PRO A 74 -11.94 19.79 2.95
CA PRO A 74 -12.09 20.92 3.86
C PRO A 74 -12.31 20.47 5.31
N SER A 75 -12.49 21.44 6.20
CA SER A 75 -12.70 21.13 7.62
C SER A 75 -14.18 20.90 7.90
N SER A 76 -15.03 21.74 7.33
CA SER A 76 -16.47 21.63 7.52
C SER A 76 -17.20 21.68 6.19
N GLY A 77 -17.00 22.78 5.45
CA GLY A 77 -17.66 22.93 4.16
C GLY A 77 -18.83 23.88 4.22
N GLY A 1 32.59 -11.13 -18.49
CA GLY A 1 31.77 -10.09 -17.90
C GLY A 1 32.49 -9.34 -16.79
N SER A 2 31.83 -8.33 -16.23
CA SER A 2 32.41 -7.54 -15.15
C SER A 2 31.36 -6.64 -14.51
N SER A 3 31.30 -6.66 -13.19
CA SER A 3 30.34 -5.85 -12.45
C SER A 3 30.61 -5.92 -10.95
N GLY A 4 29.95 -5.04 -10.19
CA GLY A 4 30.14 -5.02 -8.76
C GLY A 4 28.83 -4.79 -8.02
N SER A 5 28.12 -5.88 -7.72
CA SER A 5 26.84 -5.79 -7.02
C SER A 5 27.07 -5.56 -5.53
N SER A 6 27.95 -6.36 -4.93
CA SER A 6 28.25 -6.24 -3.51
C SER A 6 28.23 -4.78 -3.07
N GLY A 7 27.48 -4.49 -2.01
CA GLY A 7 27.41 -3.13 -1.50
C GLY A 7 27.02 -3.08 -0.04
N ARG A 8 27.70 -3.89 0.77
CA ARG A 8 27.41 -3.93 2.20
C ARG A 8 25.91 -3.92 2.47
N THR A 9 25.18 -4.66 1.65
CA THR A 9 23.73 -4.74 1.79
C THR A 9 23.19 -6.04 1.20
N HIS A 10 22.54 -6.84 2.04
CA HIS A 10 21.97 -8.11 1.60
C HIS A 10 20.45 -8.08 1.64
N SER A 11 19.91 -7.72 2.80
CA SER A 11 18.47 -7.64 2.99
C SER A 11 18.11 -6.74 4.17
N GLY A 12 16.89 -6.23 4.17
CA GLY A 12 16.44 -5.36 5.24
C GLY A 12 15.39 -6.01 6.11
N GLU A 13 14.51 -5.19 6.69
CA GLU A 13 13.45 -5.69 7.55
C GLU A 13 12.09 -5.21 7.06
N LYS A 14 11.57 -5.84 6.02
CA LYS A 14 10.28 -5.49 5.45
C LYS A 14 9.51 -6.72 5.01
N PRO A 15 8.48 -7.08 5.78
CA PRO A 15 7.64 -8.26 5.48
C PRO A 15 6.78 -8.05 4.25
N TYR A 16 6.91 -6.88 3.63
CA TYR A 16 6.14 -6.57 2.43
C TYR A 16 7.05 -6.09 1.29
N GLU A 17 6.59 -6.26 0.07
CA GLU A 17 7.36 -5.86 -1.10
C GLU A 17 6.46 -5.72 -2.33
N CYS A 18 6.72 -4.70 -3.13
CA CYS A 18 5.93 -4.46 -4.34
C CYS A 18 6.29 -5.45 -5.43
N TYR A 19 5.29 -6.16 -5.94
CA TYR A 19 5.50 -7.14 -7.00
C TYR A 19 5.56 -6.48 -8.37
N ILE A 20 5.80 -5.17 -8.38
CA ILE A 20 5.88 -4.41 -9.62
C ILE A 20 7.26 -3.82 -9.81
N CYS A 21 7.75 -3.11 -8.79
CA CYS A 21 9.06 -2.49 -8.85
C CYS A 21 10.03 -3.16 -7.87
N HIS A 22 9.52 -4.16 -7.14
CA HIS A 22 10.33 -4.88 -6.17
C HIS A 22 10.73 -3.97 -5.01
N ALA A 23 9.88 -2.99 -4.71
CA ALA A 23 10.15 -2.06 -3.63
C ALA A 23 9.67 -2.63 -2.29
N ARG A 24 10.62 -2.87 -1.39
CA ARG A 24 10.30 -3.40 -0.07
C ARG A 24 9.56 -2.37 0.78
N PHE A 25 8.72 -2.85 1.69
CA PHE A 25 7.96 -1.96 2.56
C PHE A 25 7.77 -2.59 3.93
N THR A 26 7.99 -1.80 4.98
CA THR A 26 7.84 -2.28 6.35
C THR A 26 6.46 -1.96 6.90
N GLN A 27 5.49 -1.79 6.00
CA GLN A 27 4.13 -1.47 6.40
C GLN A 27 3.14 -1.87 5.31
N SER A 28 2.22 -2.78 5.64
CA SER A 28 1.23 -3.24 4.69
C SER A 28 0.52 -2.07 4.02
N GLY A 29 0.22 -1.04 4.81
CA GLY A 29 -0.45 0.13 4.27
C GLY A 29 0.40 0.88 3.27
N THR A 30 1.63 1.20 3.66
CA THR A 30 2.55 1.91 2.78
C THR A 30 2.63 1.26 1.41
N MET A 31 2.89 -0.04 1.40
CA MET A 31 2.99 -0.80 0.16
C MET A 31 1.76 -0.58 -0.71
N LYS A 32 0.60 -1.00 -0.22
CA LYS A 32 -0.66 -0.84 -0.95
C LYS A 32 -0.78 0.57 -1.51
N MET A 33 -0.49 1.56 -0.69
CA MET A 33 -0.57 2.95 -1.10
C MET A 33 0.45 3.26 -2.19
N HIS A 34 1.56 2.52 -2.18
CA HIS A 34 2.62 2.70 -3.16
C HIS A 34 2.22 2.10 -4.51
N ILE A 35 1.52 0.97 -4.45
CA ILE A 35 1.08 0.29 -5.66
C ILE A 35 -0.07 1.04 -6.33
N LEU A 36 -0.87 1.73 -5.53
CA LEU A 36 -2.00 2.49 -6.04
C LEU A 36 -1.60 3.95 -6.31
N GLN A 37 -0.40 4.31 -5.89
CA GLN A 37 0.09 5.67 -6.08
C GLN A 37 1.07 5.73 -7.26
N LYS A 38 1.94 4.73 -7.36
CA LYS A 38 2.92 4.67 -8.44
C LYS A 38 2.41 3.80 -9.58
N HIS A 39 1.63 2.78 -9.24
CA HIS A 39 1.09 1.87 -10.24
C HIS A 39 -0.44 1.92 -10.25
N THR A 40 -0.97 3.14 -10.20
CA THR A 40 -2.42 3.33 -10.20
C THR A 40 -3.04 2.81 -11.48
N GLU A 41 -2.32 2.96 -12.59
CA GLU A 41 -2.80 2.51 -13.89
C GLU A 41 -2.28 1.10 -14.21
N ASN A 42 -1.13 0.76 -13.63
CA ASN A 42 -0.52 -0.54 -13.85
C ASN A 42 -1.15 -1.59 -12.93
N VAL A 43 -2.48 -1.57 -12.83
CA VAL A 43 -3.19 -2.53 -11.99
C VAL A 43 -4.67 -2.55 -12.34
N ALA A 44 -5.25 -3.75 -12.38
CA ALA A 44 -6.66 -3.92 -12.70
C ALA A 44 -7.54 -3.61 -11.49
N LYS A 45 -7.50 -4.48 -10.49
CA LYS A 45 -8.28 -4.31 -9.28
C LYS A 45 -7.55 -3.42 -8.28
N PHE A 46 -8.29 -2.86 -7.33
CA PHE A 46 -7.70 -1.99 -6.30
C PHE A 46 -7.94 -2.57 -4.91
N HIS A 47 -7.15 -2.09 -3.95
CA HIS A 47 -7.26 -2.56 -2.57
C HIS A 47 -7.19 -1.39 -1.59
N CYS A 48 -8.14 -1.32 -0.68
CA CYS A 48 -8.18 -0.26 0.31
C CYS A 48 -6.90 -0.25 1.15
N PRO A 49 -6.28 0.94 1.27
CA PRO A 49 -5.05 1.11 2.04
C PRO A 49 -5.27 0.98 3.53
N HIS A 50 -6.50 0.60 3.91
CA HIS A 50 -6.85 0.44 5.32
C HIS A 50 -7.36 -0.97 5.59
N CYS A 51 -8.57 -1.26 5.10
CA CYS A 51 -9.17 -2.58 5.30
C CYS A 51 -9.10 -3.40 4.02
N ASP A 52 -9.63 -4.61 4.07
CA ASP A 52 -9.62 -5.51 2.92
C ASP A 52 -10.89 -5.33 2.09
N THR A 53 -10.89 -4.34 1.21
CA THR A 53 -12.05 -4.06 0.36
C THR A 53 -11.61 -3.79 -1.07
N VAL A 54 -11.93 -4.73 -1.96
CA VAL A 54 -11.58 -4.58 -3.38
C VAL A 54 -12.35 -3.44 -4.03
N ILE A 55 -11.63 -2.57 -4.71
CA ILE A 55 -12.24 -1.43 -5.38
C ILE A 55 -11.99 -1.47 -6.89
N ALA A 56 -12.99 -1.04 -7.66
CA ALA A 56 -12.87 -1.03 -9.11
C ALA A 56 -12.61 0.38 -9.63
N ARG A 57 -13.66 1.21 -9.59
CA ARG A 57 -13.55 2.59 -10.07
C ARG A 57 -12.76 3.44 -9.07
N LYS A 58 -11.69 4.06 -9.57
CA LYS A 58 -10.84 4.91 -8.72
C LYS A 58 -11.67 6.00 -8.04
N SER A 59 -12.39 6.77 -8.84
CA SER A 59 -13.22 7.85 -8.31
C SER A 59 -14.04 7.38 -7.12
N ASP A 60 -14.49 6.12 -7.18
CA ASP A 60 -15.27 5.54 -6.10
C ASP A 60 -14.43 5.35 -4.85
N LEU A 61 -13.19 4.90 -5.05
CA LEU A 61 -12.28 4.66 -3.94
C LEU A 61 -12.45 5.72 -2.85
N GLY A 62 -12.48 6.98 -3.27
CA GLY A 62 -12.65 8.07 -2.31
C GLY A 62 -13.89 7.90 -1.45
N VAL A 63 -15.03 7.67 -2.10
CA VAL A 63 -16.29 7.49 -1.38
C VAL A 63 -16.15 6.44 -0.29
N HIS A 64 -15.42 5.36 -0.58
CA HIS A 64 -15.21 4.29 0.38
C HIS A 64 -14.28 4.74 1.50
N LEU A 65 -13.35 5.63 1.17
CA LEU A 65 -12.40 6.13 2.15
C LEU A 65 -13.08 7.07 3.14
N ARG A 66 -14.08 7.81 2.66
CA ARG A 66 -14.81 8.75 3.50
C ARG A 66 -16.01 8.06 4.15
N LYS A 67 -16.64 7.14 3.42
CA LYS A 67 -17.79 6.41 3.93
C LYS A 67 -17.39 5.48 5.06
N GLN A 68 -16.40 4.63 4.79
CA GLN A 68 -15.92 3.68 5.79
C GLN A 68 -14.96 4.35 6.76
N HIS A 69 -13.97 5.05 6.23
CA HIS A 69 -12.98 5.74 7.04
C HIS A 69 -13.22 7.25 7.03
N SER A 70 -12.56 7.95 7.95
CA SER A 70 -12.71 9.40 8.04
C SER A 70 -11.72 10.12 7.13
N TYR A 71 -12.25 10.83 6.13
CA TYR A 71 -11.42 11.55 5.18
C TYR A 71 -12.12 12.81 4.70
N SER A 72 -11.34 13.88 4.52
CA SER A 72 -11.89 15.14 4.05
C SER A 72 -11.35 15.51 2.67
N GLY A 73 -12.20 16.09 1.84
CA GLY A 73 -11.79 16.48 0.51
C GLY A 73 -10.49 17.23 0.49
N PRO A 74 -9.87 17.35 -0.69
CA PRO A 74 -8.60 18.06 -0.85
C PRO A 74 -8.73 19.56 -0.66
N SER A 75 -8.30 20.04 0.49
CA SER A 75 -8.38 21.47 0.81
C SER A 75 -7.08 22.18 0.42
N SER A 76 -7.10 22.83 -0.74
CA SER A 76 -5.93 23.56 -1.23
C SER A 76 -5.88 24.97 -0.65
N GLY A 77 -4.79 25.28 0.04
CA GLY A 77 -4.63 26.59 0.63
C GLY A 77 -4.16 26.53 2.07
N GLY A 1 16.91 -40.06 27.10
CA GLY A 1 16.97 -38.68 27.56
C GLY A 1 17.99 -37.86 26.80
N SER A 2 17.69 -36.60 26.58
CA SER A 2 18.57 -35.71 25.85
C SER A 2 18.37 -34.25 26.28
N SER A 3 19.34 -33.40 25.96
CA SER A 3 19.27 -32.00 26.31
C SER A 3 18.69 -31.17 25.16
N GLY A 4 19.22 -31.36 23.97
CA GLY A 4 18.74 -30.65 22.80
C GLY A 4 19.45 -29.32 22.61
N SER A 5 20.10 -29.16 21.47
CA SER A 5 20.83 -27.93 21.17
C SER A 5 20.29 -27.27 19.91
N SER A 6 19.87 -26.01 20.05
CA SER A 6 19.32 -25.27 18.92
C SER A 6 19.40 -23.77 19.16
N GLY A 7 19.49 -22.99 18.08
CA GLY A 7 19.56 -21.55 18.20
C GLY A 7 19.14 -20.84 16.94
N ARG A 8 17.95 -21.18 16.45
CA ARG A 8 17.43 -20.56 15.23
C ARG A 8 16.89 -19.17 15.52
N THR A 9 16.85 -18.34 14.49
CA THR A 9 16.37 -16.96 14.62
C THR A 9 15.42 -16.59 13.48
N HIS A 10 14.35 -15.90 13.81
CA HIS A 10 13.37 -15.48 12.81
C HIS A 10 13.28 -13.96 12.73
N SER A 11 14.19 -13.36 11.97
CA SER A 11 14.23 -11.91 11.82
C SER A 11 14.03 -11.51 10.36
N GLY A 12 13.61 -10.27 10.14
CA GLY A 12 13.39 -9.79 8.79
C GLY A 12 13.57 -8.29 8.68
N GLU A 13 13.23 -7.74 7.51
CA GLU A 13 13.36 -6.31 7.28
C GLU A 13 12.03 -5.71 6.82
N LYS A 14 11.42 -6.34 5.81
CA LYS A 14 10.14 -5.88 5.28
C LYS A 14 9.28 -7.05 4.83
N PRO A 15 8.26 -7.37 5.63
CA PRO A 15 7.33 -8.48 5.34
C PRO A 15 6.44 -8.18 4.15
N TYR A 16 6.67 -7.04 3.51
CA TYR A 16 5.88 -6.63 2.35
C TYR A 16 6.78 -6.17 1.21
N GLU A 17 6.26 -6.26 -0.01
CA GLU A 17 7.02 -5.84 -1.19
C GLU A 17 6.10 -5.63 -2.39
N CYS A 18 6.44 -4.66 -3.22
CA CYS A 18 5.64 -4.36 -4.40
C CYS A 18 5.93 -5.34 -5.53
N TYR A 19 4.89 -5.99 -6.03
CA TYR A 19 5.04 -6.96 -7.11
C TYR A 19 5.11 -6.26 -8.46
N ILE A 20 5.37 -4.96 -8.43
CA ILE A 20 5.48 -4.18 -9.66
C ILE A 20 6.89 -3.65 -9.86
N CYS A 21 7.42 -2.98 -8.84
CA CYS A 21 8.77 -2.43 -8.91
C CYS A 21 9.71 -3.18 -7.99
N HIS A 22 9.15 -4.08 -7.18
CA HIS A 22 9.95 -4.87 -6.25
C HIS A 22 10.45 -4.02 -5.09
N ALA A 23 9.66 -3.01 -4.74
CA ALA A 23 10.03 -2.11 -3.64
C ALA A 23 9.53 -2.66 -2.30
N ARG A 24 10.47 -3.12 -1.48
CA ARG A 24 10.14 -3.67 -0.17
C ARG A 24 9.47 -2.62 0.70
N PHE A 25 8.65 -3.08 1.65
CA PHE A 25 7.94 -2.17 2.55
C PHE A 25 7.74 -2.82 3.92
N THR A 26 7.98 -2.05 4.97
CA THR A 26 7.82 -2.55 6.34
C THR A 26 6.43 -2.23 6.89
N GLN A 27 5.56 -1.73 6.01
CA GLN A 27 4.19 -1.39 6.42
C GLN A 27 3.21 -1.77 5.32
N SER A 28 2.24 -2.61 5.68
CA SER A 28 1.23 -3.06 4.73
C SER A 28 0.49 -1.87 4.12
N GLY A 29 0.31 -0.82 4.92
CA GLY A 29 -0.37 0.36 4.44
C GLY A 29 0.43 1.12 3.41
N THR A 30 1.69 1.40 3.72
CA THR A 30 2.56 2.14 2.81
C THR A 30 2.61 1.46 1.44
N MET A 31 2.84 0.16 1.44
CA MET A 31 2.91 -0.60 0.20
C MET A 31 1.64 -0.41 -0.63
N LYS A 32 0.50 -0.79 -0.06
CA LYS A 32 -0.77 -0.66 -0.74
C LYS A 32 -0.94 0.76 -1.30
N MET A 33 -0.48 1.75 -0.55
CA MET A 33 -0.58 3.14 -0.97
C MET A 33 0.42 3.45 -2.08
N HIS A 34 1.53 2.70 -2.08
CA HIS A 34 2.58 2.90 -3.09
C HIS A 34 2.12 2.36 -4.44
N ILE A 35 1.45 1.22 -4.43
CA ILE A 35 0.97 0.59 -5.66
C ILE A 35 -0.18 1.40 -6.27
N LEU A 36 -0.90 2.12 -5.42
CA LEU A 36 -2.02 2.94 -5.87
C LEU A 36 -1.59 4.38 -6.11
N GLN A 37 -0.35 4.69 -5.72
CA GLN A 37 0.19 6.04 -5.89
C GLN A 37 1.09 6.11 -7.12
N LYS A 38 1.92 5.08 -7.30
CA LYS A 38 2.83 5.03 -8.42
C LYS A 38 2.26 4.16 -9.55
N HIS A 39 1.54 3.11 -9.17
CA HIS A 39 0.94 2.21 -10.15
C HIS A 39 -0.58 2.29 -10.10
N THR A 40 -1.10 3.52 -10.08
CA THR A 40 -2.54 3.74 -10.02
C THR A 40 -3.21 3.25 -11.30
N GLU A 41 -2.52 3.39 -12.43
CA GLU A 41 -3.06 2.96 -13.71
C GLU A 41 -2.53 1.57 -14.08
N ASN A 42 -1.36 1.22 -13.53
CA ASN A 42 -0.75 -0.07 -13.81
C ASN A 42 -1.37 -1.16 -12.95
N VAL A 43 -2.68 -1.10 -12.77
CA VAL A 43 -3.40 -2.08 -11.96
C VAL A 43 -4.88 -2.12 -12.32
N ALA A 44 -5.47 -3.31 -12.23
CA ALA A 44 -6.89 -3.48 -12.54
C ALA A 44 -7.74 -3.41 -11.28
N LYS A 45 -7.44 -4.30 -10.33
CA LYS A 45 -8.18 -4.34 -9.07
C LYS A 45 -7.58 -3.38 -8.05
N PHE A 46 -8.44 -2.66 -7.34
CA PHE A 46 -7.99 -1.71 -6.33
C PHE A 46 -8.22 -2.25 -4.93
N HIS A 47 -7.26 -2.00 -4.04
CA HIS A 47 -7.36 -2.46 -2.66
C HIS A 47 -7.26 -1.30 -1.68
N CYS A 48 -8.12 -1.32 -0.66
CA CYS A 48 -8.13 -0.26 0.34
C CYS A 48 -6.84 -0.26 1.16
N PRO A 49 -6.20 0.91 1.26
CA PRO A 49 -4.95 1.07 2.01
C PRO A 49 -5.15 0.92 3.52
N HIS A 50 -6.38 0.63 3.92
CA HIS A 50 -6.71 0.47 5.34
C HIS A 50 -7.17 -0.96 5.62
N CYS A 51 -8.38 -1.29 5.17
CA CYS A 51 -8.94 -2.62 5.38
C CYS A 51 -8.84 -3.46 4.10
N ASP A 52 -9.27 -4.71 4.19
CA ASP A 52 -9.23 -5.61 3.05
C ASP A 52 -10.53 -5.54 2.26
N THR A 53 -10.69 -4.48 1.47
CA THR A 53 -11.89 -4.29 0.67
C THR A 53 -11.53 -4.00 -0.78
N VAL A 54 -12.09 -4.81 -1.69
CA VAL A 54 -11.82 -4.64 -3.11
C VAL A 54 -12.63 -3.47 -3.69
N ILE A 55 -11.98 -2.66 -4.52
CA ILE A 55 -12.64 -1.51 -5.13
C ILE A 55 -12.56 -1.59 -6.65
N ALA A 56 -13.71 -1.51 -7.31
CA ALA A 56 -13.77 -1.57 -8.76
C ALA A 56 -12.70 -0.67 -9.38
N ARG A 57 -12.92 0.63 -9.35
CA ARG A 57 -11.98 1.59 -9.91
C ARG A 57 -11.47 2.54 -8.84
N LYS A 58 -10.46 3.34 -9.19
CA LYS A 58 -9.88 4.29 -8.26
C LYS A 58 -10.89 5.35 -7.85
N SER A 59 -11.46 6.04 -8.84
CA SER A 59 -12.46 7.07 -8.57
C SER A 59 -13.43 6.63 -7.49
N ASP A 60 -13.77 5.35 -7.50
CA ASP A 60 -14.69 4.79 -6.52
C ASP A 60 -14.02 4.66 -5.15
N LEU A 61 -12.75 4.31 -5.16
CA LEU A 61 -11.99 4.14 -3.93
C LEU A 61 -12.30 5.27 -2.94
N GLY A 62 -12.01 6.50 -3.36
CA GLY A 62 -12.26 7.64 -2.51
C GLY A 62 -13.57 7.51 -1.74
N VAL A 63 -14.67 7.37 -2.47
CA VAL A 63 -15.98 7.23 -1.83
C VAL A 63 -15.92 6.31 -0.63
N HIS A 64 -15.22 5.19 -0.78
CA HIS A 64 -15.08 4.22 0.31
C HIS A 64 -14.19 4.77 1.41
N LEU A 65 -13.13 5.46 1.02
CA LEU A 65 -12.19 6.04 1.98
C LEU A 65 -12.85 7.14 2.79
N ARG A 66 -13.85 7.79 2.20
CA ARG A 66 -14.57 8.87 2.87
C ARG A 66 -15.76 8.32 3.64
N LYS A 67 -16.41 7.31 3.08
CA LYS A 67 -17.58 6.71 3.72
C LYS A 67 -17.16 5.85 4.91
N GLN A 68 -16.54 4.71 4.63
CA GLN A 68 -16.08 3.81 5.68
C GLN A 68 -15.06 4.49 6.58
N HIS A 69 -14.08 5.15 5.97
CA HIS A 69 -13.04 5.85 6.72
C HIS A 69 -13.23 7.36 6.63
N SER A 70 -12.29 8.11 7.20
CA SER A 70 -12.36 9.56 7.19
C SER A 70 -11.28 10.14 6.28
N TYR A 71 -11.70 11.06 5.40
CA TYR A 71 -10.77 11.69 4.47
C TYR A 71 -11.25 13.09 4.09
N SER A 72 -10.41 14.09 4.34
CA SER A 72 -10.75 15.47 4.03
C SER A 72 -9.49 16.28 3.74
N GLY A 73 -9.66 17.34 2.95
CA GLY A 73 -8.53 18.18 2.60
C GLY A 73 -8.34 19.34 3.57
N PRO A 74 -7.14 19.94 3.55
CA PRO A 74 -6.82 21.07 4.44
C PRO A 74 -7.59 22.34 4.06
N SER A 75 -8.72 22.56 4.71
CA SER A 75 -9.54 23.72 4.44
C SER A 75 -9.62 24.63 5.67
N SER A 76 -8.58 25.44 5.87
CA SER A 76 -8.53 26.35 7.01
C SER A 76 -8.52 27.80 6.55
N GLY A 77 -9.72 28.34 6.32
CA GLY A 77 -9.84 29.72 5.88
C GLY A 77 -10.80 29.88 4.72
N GLY A 1 37.64 2.97 17.39
CA GLY A 1 37.12 2.31 16.21
C GLY A 1 38.17 1.51 15.48
N SER A 2 38.39 1.84 14.21
CA SER A 2 39.38 1.15 13.40
C SER A 2 38.97 -0.31 13.18
N SER A 3 37.69 -0.52 12.88
CA SER A 3 37.18 -1.86 12.66
C SER A 3 36.41 -1.93 11.33
N GLY A 4 36.08 -3.15 10.91
CA GLY A 4 35.36 -3.33 9.67
C GLY A 4 34.37 -4.48 9.73
N SER A 5 34.75 -5.62 9.16
CA SER A 5 33.88 -6.79 9.16
C SER A 5 32.55 -6.48 8.50
N SER A 6 32.61 -5.79 7.37
CA SER A 6 31.40 -5.42 6.63
C SER A 6 30.53 -6.64 6.38
N GLY A 7 29.21 -6.46 6.51
CA GLY A 7 28.28 -7.55 6.29
C GLY A 7 26.93 -7.29 6.91
N ARG A 8 25.89 -7.88 6.33
CA ARG A 8 24.53 -7.70 6.83
C ARG A 8 23.81 -9.04 6.94
N THR A 9 22.64 -9.04 7.56
CA THR A 9 21.86 -10.25 7.74
C THR A 9 20.46 -10.10 7.14
N HIS A 10 20.17 -10.91 6.12
CA HIS A 10 18.87 -10.86 5.46
C HIS A 10 17.91 -11.87 6.07
N SER A 11 17.30 -11.50 7.19
CA SER A 11 16.35 -12.38 7.88
C SER A 11 14.95 -11.79 7.86
N GLY A 12 14.83 -10.54 8.28
CA GLY A 12 13.53 -9.88 8.30
C GLY A 12 13.64 -8.37 8.34
N GLU A 13 13.69 -7.75 7.16
CA GLU A 13 13.80 -6.31 7.06
C GLU A 13 12.47 -5.68 6.66
N LYS A 14 11.79 -6.32 5.71
CA LYS A 14 10.51 -5.83 5.23
C LYS A 14 9.60 -6.99 4.81
N PRO A 15 8.60 -7.29 5.65
CA PRO A 15 7.65 -8.37 5.39
C PRO A 15 6.72 -8.06 4.21
N TYR A 16 6.90 -6.89 3.62
CA TYR A 16 6.07 -6.47 2.50
C TYR A 16 6.94 -6.01 1.32
N GLU A 17 6.42 -6.19 0.12
CA GLU A 17 7.15 -5.80 -1.09
C GLU A 17 6.20 -5.65 -2.27
N CYS A 18 6.47 -4.66 -3.12
CA CYS A 18 5.64 -4.40 -4.29
C CYS A 18 5.92 -5.42 -5.40
N TYR A 19 4.88 -6.11 -5.82
CA TYR A 19 5.02 -7.12 -6.87
C TYR A 19 4.99 -6.48 -8.25
N ILE A 20 5.24 -5.18 -8.29
CA ILE A 20 5.25 -4.44 -9.55
C ILE A 20 6.65 -3.94 -9.87
N CYS A 21 7.30 -3.30 -8.90
CA CYS A 21 8.64 -2.77 -9.08
C CYS A 21 9.63 -3.45 -8.15
N HIS A 22 9.10 -4.29 -7.26
CA HIS A 22 9.93 -5.01 -6.30
C HIS A 22 10.42 -4.07 -5.20
N ALA A 23 9.62 -3.06 -4.88
CA ALA A 23 9.98 -2.10 -3.85
C ALA A 23 9.56 -2.59 -2.48
N ARG A 24 10.54 -3.00 -1.67
CA ARG A 24 10.27 -3.50 -0.33
C ARG A 24 9.65 -2.41 0.54
N PHE A 25 8.92 -2.83 1.58
CA PHE A 25 8.28 -1.88 2.48
C PHE A 25 8.22 -2.45 3.90
N THR A 26 8.63 -1.64 4.87
CA THR A 26 8.63 -2.07 6.26
C THR A 26 7.22 -2.12 6.83
N GLN A 27 6.28 -1.48 6.12
CA GLN A 27 4.89 -1.46 6.54
C GLN A 27 3.96 -1.83 5.39
N SER A 28 2.70 -2.10 5.71
CA SER A 28 1.72 -2.47 4.69
C SER A 28 1.07 -1.23 4.09
N GLY A 29 0.60 -0.33 4.96
CA GLY A 29 -0.04 0.89 4.50
C GLY A 29 0.80 1.62 3.46
N THR A 30 2.09 1.74 3.73
CA THR A 30 3.01 2.43 2.82
C THR A 30 3.05 1.73 1.46
N MET A 31 3.21 0.41 1.48
CA MET A 31 3.26 -0.36 0.26
C MET A 31 1.98 -0.22 -0.55
N LYS A 32 0.86 -0.50 0.08
CA LYS A 32 -0.44 -0.39 -0.58
C LYS A 32 -0.60 0.97 -1.25
N MET A 33 -0.23 2.02 -0.53
CA MET A 33 -0.33 3.37 -1.07
C MET A 33 0.62 3.57 -2.24
N HIS A 34 1.76 2.89 -2.19
CA HIS A 34 2.76 2.98 -3.25
C HIS A 34 2.25 2.32 -4.53
N ILE A 35 1.54 1.22 -4.38
CA ILE A 35 1.00 0.49 -5.52
C ILE A 35 -0.17 1.24 -6.15
N LEU A 36 -0.91 1.97 -5.32
CA LEU A 36 -2.06 2.74 -5.79
C LEU A 36 -1.65 4.17 -6.14
N GLN A 37 -0.42 4.52 -5.80
CA GLN A 37 0.10 5.85 -6.08
C GLN A 37 1.00 5.85 -7.31
N LYS A 38 1.84 4.82 -7.41
CA LYS A 38 2.75 4.69 -8.55
C LYS A 38 2.17 3.78 -9.63
N HIS A 39 1.40 2.79 -9.20
CA HIS A 39 0.77 1.86 -10.13
C HIS A 39 -0.74 1.94 -10.04
N THR A 40 -1.27 3.16 -9.99
CA THR A 40 -2.71 3.38 -9.90
C THR A 40 -3.43 2.78 -11.11
N GLU A 41 -2.81 2.89 -12.28
CA GLU A 41 -3.39 2.36 -13.50
C GLU A 41 -2.79 1.00 -13.85
N ASN A 42 -1.58 0.75 -13.37
CA ASN A 42 -0.89 -0.51 -13.62
C ASN A 42 -1.38 -1.59 -12.66
N VAL A 43 -2.68 -1.62 -12.43
CA VAL A 43 -3.27 -2.61 -11.53
C VAL A 43 -4.72 -2.91 -11.92
N ALA A 44 -5.17 -4.11 -11.60
CA ALA A 44 -6.53 -4.53 -11.91
C ALA A 44 -7.48 -4.23 -10.76
N LYS A 45 -7.30 -4.95 -9.66
CA LYS A 45 -8.14 -4.76 -8.47
C LYS A 45 -7.51 -3.76 -7.51
N PHE A 46 -8.33 -2.91 -6.92
CA PHE A 46 -7.86 -1.90 -5.98
C PHE A 46 -8.22 -2.28 -4.54
N HIS A 47 -7.24 -2.79 -3.81
CA HIS A 47 -7.45 -3.20 -2.43
C HIS A 47 -7.33 -2.01 -1.48
N CYS A 48 -8.42 -1.68 -0.82
CA CYS A 48 -8.44 -0.55 0.12
C CYS A 48 -7.21 -0.57 1.01
N PRO A 49 -6.60 0.61 1.20
CA PRO A 49 -5.41 0.76 2.04
C PRO A 49 -5.70 0.56 3.52
N HIS A 50 -6.94 0.19 3.82
CA HIS A 50 -7.35 -0.04 5.20
C HIS A 50 -7.93 -1.44 5.38
N CYS A 51 -9.04 -1.70 4.72
CA CYS A 51 -9.70 -3.01 4.81
C CYS A 51 -9.52 -3.80 3.51
N ASP A 52 -10.11 -4.97 3.45
CA ASP A 52 -10.01 -5.83 2.27
C ASP A 52 -11.24 -5.66 1.38
N THR A 53 -11.24 -4.61 0.57
CA THR A 53 -12.36 -4.34 -0.33
C THR A 53 -11.88 -3.81 -1.67
N VAL A 54 -12.12 -4.56 -2.73
CA VAL A 54 -11.71 -4.16 -4.08
C VAL A 54 -12.43 -2.90 -4.52
N ILE A 55 -11.71 -2.02 -5.21
CA ILE A 55 -12.29 -0.77 -5.68
C ILE A 55 -12.07 -0.61 -7.19
N ALA A 56 -12.92 -1.27 -7.97
CA ALA A 56 -12.83 -1.20 -9.43
C ALA A 56 -12.41 0.20 -9.88
N ARG A 57 -13.34 1.14 -9.77
CA ARG A 57 -13.07 2.53 -10.18
C ARG A 57 -12.13 3.21 -9.19
N LYS A 58 -11.08 3.85 -9.71
CA LYS A 58 -10.11 4.54 -8.88
C LYS A 58 -10.79 5.60 -8.02
N SER A 59 -11.31 6.64 -8.67
CA SER A 59 -11.99 7.73 -7.97
C SER A 59 -12.83 7.18 -6.82
N ASP A 60 -13.73 6.27 -7.14
CA ASP A 60 -14.61 5.66 -6.13
C ASP A 60 -13.85 5.43 -4.83
N LEU A 61 -12.61 4.98 -4.96
CA LEU A 61 -11.78 4.70 -3.78
C LEU A 61 -12.01 5.75 -2.69
N GLY A 62 -11.96 7.02 -3.08
CA GLY A 62 -12.17 8.09 -2.12
C GLY A 62 -13.49 7.96 -1.38
N VAL A 63 -14.58 7.88 -2.13
CA VAL A 63 -15.90 7.75 -1.53
C VAL A 63 -15.91 6.67 -0.46
N HIS A 64 -15.31 5.53 -0.76
CA HIS A 64 -15.25 4.42 0.19
C HIS A 64 -14.37 4.77 1.39
N LEU A 65 -13.43 5.68 1.17
CA LEU A 65 -12.53 6.11 2.24
C LEU A 65 -13.21 7.09 3.18
N ARG A 66 -14.20 7.81 2.66
CA ARG A 66 -14.95 8.78 3.44
C ARG A 66 -16.18 8.14 4.09
N LYS A 67 -16.76 7.17 3.40
CA LYS A 67 -17.93 6.47 3.90
C LYS A 67 -17.55 5.46 4.99
N GLN A 68 -16.90 4.39 4.57
CA GLN A 68 -16.47 3.35 5.50
C GLN A 68 -15.52 3.91 6.55
N HIS A 69 -14.55 4.70 6.11
CA HIS A 69 -13.57 5.31 7.01
C HIS A 69 -13.80 6.81 7.13
N SER A 70 -12.97 7.47 7.92
CA SER A 70 -13.09 8.91 8.13
C SER A 70 -12.06 9.67 7.29
N TYR A 71 -12.51 10.26 6.20
CA TYR A 71 -11.62 11.01 5.32
C TYR A 71 -12.21 12.37 4.98
N SER A 72 -12.80 13.02 5.97
CA SER A 72 -13.41 14.33 5.77
C SER A 72 -12.70 15.39 6.62
N GLY A 73 -11.38 15.32 6.65
CA GLY A 73 -10.61 16.28 7.42
C GLY A 73 -10.75 17.69 6.89
N PRO A 74 -11.38 18.57 7.68
CA PRO A 74 -11.59 19.97 7.32
C PRO A 74 -10.29 20.77 7.31
N SER A 75 -10.14 21.65 6.31
CA SER A 75 -8.96 22.47 6.19
C SER A 75 -8.96 23.60 7.22
N SER A 76 -8.11 23.46 8.23
CA SER A 76 -8.02 24.48 9.28
C SER A 76 -9.39 24.77 9.87
N GLY A 77 -10.18 23.72 10.09
CA GLY A 77 -11.51 23.89 10.65
C GLY A 77 -11.51 23.84 12.17
N GLY A 1 10.15 27.91 19.91
CA GLY A 1 11.44 27.80 19.26
C GLY A 1 11.48 26.70 18.22
N SER A 2 12.67 26.22 17.89
CA SER A 2 12.83 25.16 16.90
C SER A 2 12.42 23.81 17.48
N SER A 3 12.09 22.88 16.60
CA SER A 3 11.67 21.54 17.02
C SER A 3 12.85 20.58 16.99
N GLY A 4 12.98 19.77 18.04
CA GLY A 4 14.06 18.80 18.11
C GLY A 4 13.77 17.55 17.33
N SER A 5 13.33 16.51 18.03
CA SER A 5 13.01 15.23 17.39
C SER A 5 12.05 14.42 18.25
N SER A 6 10.94 14.00 17.64
CA SER A 6 9.93 13.21 18.35
C SER A 6 10.24 11.73 18.25
N GLY A 7 11.04 11.23 19.19
CA GLY A 7 11.39 9.82 19.20
C GLY A 7 12.15 9.42 17.95
N ARG A 8 13.22 8.64 18.14
CA ARG A 8 14.03 8.19 17.01
C ARG A 8 13.28 7.15 16.18
N THR A 9 13.42 7.25 14.86
CA THR A 9 12.76 6.33 13.96
C THR A 9 13.45 4.98 13.93
N HIS A 10 12.67 3.91 13.95
CA HIS A 10 13.21 2.55 13.93
C HIS A 10 12.57 1.72 12.82
N SER A 11 13.39 1.34 11.84
CA SER A 11 12.90 0.54 10.72
C SER A 11 13.67 -0.77 10.61
N GLY A 12 13.17 -1.67 9.76
CA GLY A 12 13.83 -2.95 9.57
C GLY A 12 12.98 -3.92 8.77
N GLU A 13 12.86 -5.15 9.24
CA GLU A 13 12.09 -6.18 8.56
C GLU A 13 10.87 -5.56 7.89
N LYS A 14 10.54 -6.06 6.70
CA LYS A 14 9.38 -5.55 5.96
C LYS A 14 8.54 -6.71 5.43
N PRO A 15 7.48 -7.05 6.18
CA PRO A 15 6.56 -8.13 5.81
C PRO A 15 5.71 -7.80 4.59
N TYR A 16 5.99 -6.64 3.99
CA TYR A 16 5.25 -6.20 2.82
C TYR A 16 6.20 -5.77 1.71
N GLU A 17 5.75 -5.90 0.46
CA GLU A 17 6.56 -5.53 -0.69
C GLU A 17 5.70 -5.40 -1.95
N CYS A 18 6.11 -4.51 -2.84
CA CYS A 18 5.37 -4.28 -4.07
C CYS A 18 5.68 -5.36 -5.11
N TYR A 19 4.64 -5.99 -5.63
CA TYR A 19 4.79 -7.05 -6.61
C TYR A 19 4.94 -6.47 -8.02
N ILE A 20 5.21 -5.17 -8.09
CA ILE A 20 5.37 -4.50 -9.37
C ILE A 20 6.81 -4.04 -9.58
N CYS A 21 7.34 -3.32 -8.59
CA CYS A 21 8.71 -2.83 -8.66
C CYS A 21 9.60 -3.57 -7.67
N HIS A 22 9.00 -4.46 -6.88
CA HIS A 22 9.74 -5.24 -5.89
C HIS A 22 10.28 -4.34 -4.80
N ALA A 23 9.51 -3.32 -4.43
CA ALA A 23 9.90 -2.39 -3.39
C ALA A 23 9.33 -2.79 -2.04
N ARG A 24 10.20 -3.28 -1.16
CA ARG A 24 9.78 -3.71 0.17
C ARG A 24 9.16 -2.55 0.95
N PHE A 25 8.40 -2.88 1.99
CA PHE A 25 7.74 -1.87 2.81
C PHE A 25 7.51 -2.39 4.23
N THR A 26 7.98 -1.63 5.21
CA THR A 26 7.83 -2.00 6.60
C THR A 26 6.38 -1.86 7.06
N GLN A 27 5.59 -1.14 6.27
CA GLN A 27 4.17 -0.93 6.60
C GLN A 27 3.28 -1.40 5.45
N SER A 28 2.04 -1.76 5.78
CA SER A 28 1.09 -2.23 4.79
C SER A 28 0.51 -1.07 4.00
N GLY A 29 -0.04 -0.09 4.72
CA GLY A 29 -0.62 1.06 4.07
C GLY A 29 0.30 1.68 3.03
N THR A 30 1.54 1.95 3.42
CA THR A 30 2.52 2.54 2.52
C THR A 30 2.61 1.75 1.23
N MET A 31 2.78 0.44 1.35
CA MET A 31 2.89 -0.44 0.18
C MET A 31 1.65 -0.31 -0.71
N LYS A 32 0.50 -0.68 -0.16
CA LYS A 32 -0.75 -0.61 -0.90
C LYS A 32 -0.90 0.74 -1.59
N MET A 33 -0.65 1.82 -0.85
CA MET A 33 -0.74 3.16 -1.41
C MET A 33 0.28 3.37 -2.52
N HIS A 34 1.49 2.85 -2.32
CA HIS A 34 2.55 2.98 -3.32
C HIS A 34 2.13 2.35 -4.65
N ILE A 35 1.43 1.22 -4.56
CA ILE A 35 0.97 0.52 -5.76
C ILE A 35 -0.12 1.30 -6.46
N LEU A 36 -0.93 2.02 -5.69
CA LEU A 36 -2.01 2.81 -6.25
C LEU A 36 -1.56 4.24 -6.53
N GLN A 37 -0.35 4.57 -6.08
CA GLN A 37 0.20 5.90 -6.29
C GLN A 37 1.15 5.92 -7.48
N LYS A 38 1.93 4.85 -7.63
CA LYS A 38 2.88 4.74 -8.73
C LYS A 38 2.33 3.83 -9.83
N HIS A 39 1.60 2.80 -9.43
CA HIS A 39 1.03 1.85 -10.38
C HIS A 39 -0.50 1.94 -10.36
N THR A 40 -1.03 3.15 -10.47
CA THR A 40 -2.46 3.36 -10.47
C THR A 40 -3.10 2.83 -11.75
N GLU A 41 -2.36 2.92 -12.85
CA GLU A 41 -2.87 2.45 -14.14
C GLU A 41 -2.37 1.03 -14.42
N ASN A 42 -1.16 0.73 -13.95
CA ASN A 42 -0.58 -0.60 -14.15
C ASN A 42 -1.22 -1.62 -13.24
N VAL A 43 -2.55 -1.66 -13.24
CA VAL A 43 -3.30 -2.61 -12.41
C VAL A 43 -4.77 -2.61 -12.78
N ALA A 44 -5.39 -3.79 -12.70
CA ALA A 44 -6.81 -3.93 -13.02
C ALA A 44 -7.67 -3.60 -11.80
N LYS A 45 -7.58 -4.43 -10.78
CA LYS A 45 -8.36 -4.23 -9.55
C LYS A 45 -7.55 -3.47 -8.51
N PHE A 46 -8.24 -2.73 -7.65
CA PHE A 46 -7.58 -1.96 -6.60
C PHE A 46 -7.82 -2.59 -5.23
N HIS A 47 -6.98 -2.24 -4.27
CA HIS A 47 -7.10 -2.77 -2.92
C HIS A 47 -6.91 -1.67 -1.88
N CYS A 48 -7.92 -1.46 -1.04
CA CYS A 48 -7.86 -0.43 -0.02
C CYS A 48 -6.54 -0.49 0.74
N PRO A 49 -5.87 0.66 0.87
CA PRO A 49 -4.59 0.76 1.57
C PRO A 49 -4.73 0.56 3.08
N HIS A 50 -5.92 0.16 3.50
CA HIS A 50 -6.18 -0.08 4.93
C HIS A 50 -6.69 -1.49 5.16
N CYS A 51 -7.93 -1.75 4.72
CA CYS A 51 -8.54 -3.07 4.88
C CYS A 51 -8.54 -3.82 3.56
N ASP A 52 -8.96 -5.09 3.61
CA ASP A 52 -9.03 -5.92 2.42
C ASP A 52 -10.32 -5.66 1.65
N THR A 53 -10.34 -4.61 0.86
CA THR A 53 -11.51 -4.25 0.07
C THR A 53 -11.14 -3.96 -1.38
N VAL A 54 -11.62 -4.80 -2.29
CA VAL A 54 -11.34 -4.63 -3.71
C VAL A 54 -12.11 -3.44 -4.29
N ILE A 55 -11.38 -2.53 -4.94
CA ILE A 55 -12.00 -1.36 -5.54
C ILE A 55 -11.77 -1.33 -7.04
N ALA A 56 -12.77 -0.86 -7.78
CA ALA A 56 -12.67 -0.77 -9.23
C ALA A 56 -12.50 0.68 -9.68
N ARG A 57 -13.59 1.44 -9.63
CA ARG A 57 -13.55 2.85 -10.04
C ARG A 57 -12.73 3.68 -9.06
N LYS A 58 -11.60 4.18 -9.53
CA LYS A 58 -10.72 4.99 -8.70
C LYS A 58 -11.51 6.05 -7.93
N SER A 59 -12.40 6.74 -8.63
CA SER A 59 -13.22 7.78 -8.02
C SER A 59 -13.94 7.24 -6.79
N ASP A 60 -14.40 6.00 -6.88
CA ASP A 60 -15.11 5.36 -5.77
C ASP A 60 -14.17 5.14 -4.58
N LEU A 61 -12.94 4.75 -4.89
CA LEU A 61 -11.94 4.51 -3.85
C LEU A 61 -12.06 5.53 -2.72
N GLY A 62 -12.27 6.79 -3.09
CA GLY A 62 -12.39 7.84 -2.10
C GLY A 62 -13.60 7.65 -1.21
N VAL A 63 -14.75 7.38 -1.81
CA VAL A 63 -15.99 7.16 -1.07
C VAL A 63 -15.80 6.12 0.03
N HIS A 64 -15.11 5.03 -0.32
CA HIS A 64 -14.86 3.96 0.63
C HIS A 64 -13.90 4.41 1.72
N LEU A 65 -12.97 5.30 1.36
CA LEU A 65 -12.00 5.81 2.31
C LEU A 65 -12.65 6.79 3.29
N ARG A 66 -13.64 7.53 2.81
CA ARG A 66 -14.34 8.49 3.65
C ARG A 66 -15.43 7.80 4.49
N LYS A 67 -16.07 6.80 3.89
CA LYS A 67 -17.12 6.06 4.58
C LYS A 67 -16.53 5.16 5.66
N GLN A 68 -15.83 4.10 5.23
CA GLN A 68 -15.23 3.16 6.17
C GLN A 68 -14.18 3.86 7.03
N HIS A 69 -13.30 4.62 6.40
CA HIS A 69 -12.25 5.34 7.11
C HIS A 69 -12.50 6.84 7.10
N SER A 70 -11.58 7.61 7.64
CA SER A 70 -11.71 9.06 7.70
C SER A 70 -10.69 9.73 6.78
N TYR A 71 -11.17 10.19 5.63
CA TYR A 71 -10.31 10.85 4.66
C TYR A 71 -10.90 12.17 4.21
N SER A 72 -11.49 12.91 5.16
CA SER A 72 -12.10 14.19 4.87
C SER A 72 -11.25 15.33 5.41
N GLY A 73 -11.26 16.46 4.72
CA GLY A 73 -10.49 17.62 5.14
C GLY A 73 -9.10 17.64 4.54
N PRO A 74 -8.73 18.80 3.96
CA PRO A 74 -7.42 18.98 3.33
C PRO A 74 -6.28 19.00 4.35
N SER A 75 -6.64 19.04 5.63
CA SER A 75 -5.65 19.06 6.70
C SER A 75 -5.23 17.65 7.09
N SER A 76 -4.08 17.55 7.76
CA SER A 76 -3.56 16.25 8.19
C SER A 76 -2.34 16.42 9.08
N GLY A 77 -2.45 15.98 10.32
CA GLY A 77 -1.34 16.09 11.25
C GLY A 77 -1.80 16.25 12.69
N GLY A 1 23.41 -40.81 7.01
CA GLY A 1 22.84 -40.09 8.13
C GLY A 1 22.91 -38.58 7.95
N SER A 2 21.90 -37.88 8.46
CA SER A 2 21.86 -36.42 8.35
C SER A 2 21.35 -35.80 9.64
N SER A 3 22.25 -35.18 10.39
CA SER A 3 21.90 -34.54 11.65
C SER A 3 22.67 -33.24 11.85
N GLY A 4 21.94 -32.13 11.90
CA GLY A 4 22.58 -30.84 12.07
C GLY A 4 21.57 -29.73 12.35
N SER A 5 22.08 -28.55 12.68
CA SER A 5 21.22 -27.41 12.97
C SER A 5 21.84 -26.11 12.48
N SER A 6 21.05 -25.04 12.47
CA SER A 6 21.53 -23.73 12.02
C SER A 6 20.94 -22.62 12.88
N GLY A 7 21.58 -21.46 12.84
CA GLY A 7 21.10 -20.32 13.60
C GLY A 7 21.03 -19.05 12.77
N ARG A 8 20.54 -19.18 11.55
CA ARG A 8 20.42 -18.02 10.66
C ARG A 8 19.18 -18.14 9.79
N THR A 9 18.52 -17.02 9.54
CA THR A 9 17.31 -16.98 8.72
C THR A 9 17.34 -15.82 7.74
N HIS A 10 17.28 -16.14 6.46
CA HIS A 10 17.30 -15.12 5.41
C HIS A 10 15.97 -14.37 5.36
N SER A 11 15.97 -13.12 5.78
CA SER A 11 14.77 -12.30 5.78
C SER A 11 15.12 -10.81 5.70
N GLY A 12 14.18 -10.03 5.19
CA GLY A 12 14.40 -8.60 5.07
C GLY A 12 13.70 -7.81 6.17
N GLU A 13 14.04 -6.52 6.27
CA GLU A 13 13.44 -5.66 7.29
C GLU A 13 12.10 -5.11 6.82
N LYS A 14 11.38 -5.90 6.03
CA LYS A 14 10.08 -5.50 5.52
C LYS A 14 9.23 -6.71 5.17
N PRO A 15 8.20 -6.98 5.98
CA PRO A 15 7.29 -8.11 5.78
C PRO A 15 6.40 -7.92 4.56
N TYR A 16 6.58 -6.81 3.87
CA TYR A 16 5.79 -6.50 2.68
C TYR A 16 6.68 -6.12 1.51
N GLU A 17 6.16 -6.25 0.30
CA GLU A 17 6.91 -5.91 -0.90
C GLU A 17 5.98 -5.79 -2.11
N CYS A 18 6.24 -4.77 -2.93
CA CYS A 18 5.43 -4.53 -4.12
C CYS A 18 5.71 -5.57 -5.19
N TYR A 19 4.67 -6.28 -5.62
CA TYR A 19 4.80 -7.30 -6.64
C TYR A 19 4.82 -6.69 -8.04
N ILE A 20 5.15 -5.40 -8.10
CA ILE A 20 5.20 -4.70 -9.38
C ILE A 20 6.62 -4.19 -9.66
N CYS A 21 7.18 -3.45 -8.71
CA CYS A 21 8.53 -2.91 -8.85
C CYS A 21 9.49 -3.59 -7.88
N HIS A 22 8.97 -4.51 -7.09
CA HIS A 22 9.79 -5.24 -6.12
C HIS A 22 10.25 -4.30 -5.01
N ALA A 23 9.43 -3.30 -4.70
CA ALA A 23 9.76 -2.35 -3.65
C ALA A 23 9.34 -2.86 -2.27
N ARG A 24 10.32 -3.15 -1.43
CA ARG A 24 10.05 -3.65 -0.09
C ARG A 24 9.44 -2.56 0.79
N PHE A 25 8.51 -2.96 1.67
CA PHE A 25 7.86 -2.01 2.56
C PHE A 25 7.71 -2.60 3.96
N THR A 26 8.13 -1.84 4.97
CA THR A 26 8.04 -2.29 6.35
C THR A 26 6.60 -2.25 6.85
N GLN A 27 5.76 -1.50 6.16
CA GLN A 27 4.35 -1.37 6.53
C GLN A 27 3.44 -1.69 5.35
N SER A 28 2.28 -2.27 5.65
CA SER A 28 1.33 -2.64 4.61
C SER A 28 0.73 -1.39 3.96
N GLY A 29 0.25 -0.46 4.79
CA GLY A 29 -0.34 0.75 4.27
C GLY A 29 0.54 1.43 3.25
N THR A 30 1.78 1.71 3.62
CA THR A 30 2.72 2.36 2.71
C THR A 30 2.78 1.65 1.37
N MET A 31 2.95 0.33 1.40
CA MET A 31 3.02 -0.47 0.18
C MET A 31 1.74 -0.30 -0.64
N LYS A 32 0.61 -0.69 -0.06
CA LYS A 32 -0.67 -0.59 -0.74
C LYS A 32 -0.82 0.76 -1.42
N MET A 33 -0.51 1.82 -0.68
CA MET A 33 -0.60 3.18 -1.22
C MET A 33 0.36 3.38 -2.38
N HIS A 34 1.55 2.78 -2.27
CA HIS A 34 2.56 2.89 -3.31
C HIS A 34 2.07 2.27 -4.61
N ILE A 35 1.39 1.14 -4.50
CA ILE A 35 0.86 0.45 -5.68
C ILE A 35 -0.25 1.24 -6.34
N LEU A 36 -0.96 2.03 -5.53
CA LEU A 36 -2.06 2.84 -6.03
C LEU A 36 -1.59 4.26 -6.33
N GLN A 37 -0.35 4.56 -5.95
CA GLN A 37 0.22 5.88 -6.18
C GLN A 37 1.14 5.87 -7.40
N LYS A 38 1.90 4.80 -7.56
CA LYS A 38 2.81 4.66 -8.68
C LYS A 38 2.22 3.76 -9.75
N HIS A 39 1.46 2.77 -9.33
CA HIS A 39 0.83 1.83 -10.26
C HIS A 39 -0.69 1.95 -10.22
N THR A 40 -1.17 3.19 -10.15
CA THR A 40 -2.61 3.44 -10.10
C THR A 40 -3.32 2.84 -11.29
N GLU A 41 -2.72 2.99 -12.47
CA GLU A 41 -3.29 2.45 -13.70
C GLU A 41 -2.74 1.06 -13.99
N ASN A 42 -1.42 0.94 -13.94
CA ASN A 42 -0.75 -0.33 -14.21
C ASN A 42 -1.52 -1.50 -13.59
N VAL A 43 -2.06 -1.26 -12.39
CA VAL A 43 -2.82 -2.28 -11.68
C VAL A 43 -4.24 -2.37 -12.21
N ALA A 44 -4.82 -3.56 -12.14
CA ALA A 44 -6.19 -3.77 -12.61
C ALA A 44 -7.19 -3.61 -11.47
N LYS A 45 -7.04 -4.42 -10.43
CA LYS A 45 -7.93 -4.36 -9.27
C LYS A 45 -7.31 -3.53 -8.15
N PHE A 46 -8.10 -2.62 -7.60
CA PHE A 46 -7.64 -1.77 -6.51
C PHE A 46 -7.94 -2.39 -5.15
N HIS A 47 -7.25 -1.91 -4.13
CA HIS A 47 -7.45 -2.42 -2.77
C HIS A 47 -7.16 -1.34 -1.73
N CYS A 48 -8.19 -0.97 -0.97
CA CYS A 48 -8.03 0.05 0.06
C CYS A 48 -6.66 -0.03 0.73
N PRO A 49 -6.01 1.12 0.88
CA PRO A 49 -4.69 1.21 1.50
C PRO A 49 -4.72 0.92 2.99
N HIS A 50 -5.89 0.53 3.49
CA HIS A 50 -6.07 0.23 4.90
C HIS A 50 -6.65 -1.18 5.09
N CYS A 51 -7.92 -1.34 4.70
CA CYS A 51 -8.59 -2.63 4.82
C CYS A 51 -8.60 -3.37 3.49
N ASP A 52 -9.11 -4.60 3.50
CA ASP A 52 -9.18 -5.40 2.29
C ASP A 52 -10.51 -5.19 1.57
N THR A 53 -10.53 -4.24 0.64
CA THR A 53 -11.73 -3.93 -0.12
C THR A 53 -11.40 -3.60 -1.57
N VAL A 54 -12.02 -4.34 -2.49
CA VAL A 54 -11.79 -4.12 -3.92
C VAL A 54 -12.47 -2.85 -4.40
N ILE A 55 -11.69 -1.98 -5.05
CA ILE A 55 -12.22 -0.71 -5.55
C ILE A 55 -12.10 -0.64 -7.07
N ALA A 56 -12.98 -1.34 -7.77
CA ALA A 56 -12.96 -1.35 -9.23
C ALA A 56 -12.38 -0.06 -9.78
N ARG A 57 -13.16 1.02 -9.71
CA ARG A 57 -12.72 2.32 -10.20
C ARG A 57 -12.01 3.11 -9.10
N LYS A 58 -11.01 3.89 -9.49
CA LYS A 58 -10.26 4.70 -8.54
C LYS A 58 -11.20 5.61 -7.75
N SER A 59 -11.96 6.43 -8.45
CA SER A 59 -12.89 7.35 -7.82
C SER A 59 -13.53 6.71 -6.59
N ASP A 60 -14.14 5.56 -6.77
CA ASP A 60 -14.78 4.84 -5.68
C ASP A 60 -13.89 4.83 -4.44
N LEU A 61 -12.60 4.59 -4.65
CA LEU A 61 -11.65 4.54 -3.54
C LEU A 61 -11.98 5.60 -2.49
N GLY A 62 -12.21 6.82 -2.94
CA GLY A 62 -12.54 7.90 -2.03
C GLY A 62 -13.83 7.64 -1.27
N VAL A 63 -14.90 7.38 -2.01
CA VAL A 63 -16.20 7.11 -1.40
C VAL A 63 -16.09 6.09 -0.27
N HIS A 64 -15.27 5.06 -0.50
CA HIS A 64 -15.06 4.03 0.50
C HIS A 64 -14.29 4.56 1.70
N LEU A 65 -13.32 5.42 1.43
CA LEU A 65 -12.49 6.01 2.49
C LEU A 65 -13.32 6.96 3.35
N ARG A 66 -14.23 7.69 2.71
CA ARG A 66 -15.07 8.64 3.43
C ARG A 66 -16.21 7.91 4.15
N LYS A 67 -16.73 6.86 3.52
CA LYS A 67 -17.82 6.08 4.11
C LYS A 67 -17.30 5.22 5.26
N GLN A 68 -16.57 4.16 4.92
CA GLN A 68 -16.03 3.26 5.94
C GLN A 68 -15.14 4.02 6.91
N HIS A 69 -14.22 4.81 6.37
CA HIS A 69 -13.30 5.59 7.20
C HIS A 69 -13.65 7.07 7.16
N SER A 70 -12.85 7.89 7.82
CA SER A 70 -13.08 9.32 7.87
C SER A 70 -11.98 10.07 7.11
N TYR A 71 -12.17 10.24 5.81
CA TYR A 71 -11.20 10.94 4.97
C TYR A 71 -11.86 12.09 4.22
N SER A 72 -12.31 13.09 4.97
CA SER A 72 -12.96 14.26 4.39
C SER A 72 -12.93 15.44 5.35
N GLY A 73 -13.08 16.64 4.80
CA GLY A 73 -13.06 17.84 5.62
C GLY A 73 -14.33 18.66 5.49
N PRO A 74 -14.47 19.69 6.32
CA PRO A 74 -15.64 20.57 6.31
C PRO A 74 -15.70 21.44 5.06
N SER A 75 -16.86 22.07 4.83
CA SER A 75 -17.04 22.93 3.67
C SER A 75 -16.82 24.40 4.03
N SER A 76 -16.80 25.26 3.02
CA SER A 76 -16.60 26.69 3.22
C SER A 76 -17.86 27.34 3.80
N GLY A 77 -19.01 27.02 3.20
CA GLY A 77 -20.25 27.59 3.67
C GLY A 77 -20.16 29.08 3.94
N GLY A 1 6.52 10.67 9.68
CA GLY A 1 7.26 11.85 10.08
C GLY A 1 7.28 12.04 11.59
N SER A 2 8.30 12.72 12.08
CA SER A 2 8.44 12.97 13.52
C SER A 2 8.94 14.39 13.78
N SER A 3 9.03 14.75 15.05
CA SER A 3 9.49 16.08 15.43
C SER A 3 10.80 16.01 16.21
N GLY A 4 11.80 16.75 15.76
CA GLY A 4 13.08 16.74 16.42
C GLY A 4 14.14 15.95 15.67
N SER A 5 15.37 15.97 16.16
CA SER A 5 16.46 15.25 15.53
C SER A 5 16.18 13.76 15.48
N SER A 6 16.82 13.07 14.55
CA SER A 6 16.64 11.62 14.40
C SER A 6 17.98 10.90 14.44
N GLY A 7 17.96 9.65 14.86
CA GLY A 7 19.18 8.86 14.95
C GLY A 7 19.52 8.19 13.63
N ARG A 8 19.71 6.87 13.66
CA ARG A 8 20.06 6.11 12.47
C ARG A 8 18.96 5.10 12.14
N THR A 9 18.92 4.67 10.89
CA THR A 9 17.93 3.70 10.44
C THR A 9 18.58 2.42 9.93
N HIS A 10 18.03 1.28 10.31
CA HIS A 10 18.57 -0.01 9.89
C HIS A 10 17.71 -0.62 8.78
N SER A 11 17.31 0.22 7.83
CA SER A 11 16.47 -0.24 6.72
C SER A 11 16.87 -1.64 6.28
N GLY A 12 15.88 -2.47 5.99
CA GLY A 12 16.14 -3.83 5.57
C GLY A 12 14.95 -4.75 5.77
N GLU A 13 14.74 -5.18 7.02
CA GLU A 13 13.64 -6.07 7.34
C GLU A 13 12.32 -5.48 6.84
N LYS A 14 11.66 -6.20 5.93
CA LYS A 14 10.40 -5.76 5.37
C LYS A 14 9.58 -6.95 4.87
N PRO A 15 8.55 -7.32 5.63
CA PRO A 15 7.67 -8.45 5.28
C PRO A 15 6.79 -8.14 4.07
N TYR A 16 7.00 -6.97 3.47
CA TYR A 16 6.22 -6.56 2.31
C TYR A 16 7.15 -6.02 1.21
N GLU A 17 6.64 -6.01 -0.02
CA GLU A 17 7.41 -5.53 -1.16
C GLU A 17 6.53 -5.40 -2.40
N CYS A 18 6.81 -4.39 -3.21
CA CYS A 18 6.05 -4.15 -4.43
C CYS A 18 6.47 -5.12 -5.53
N TYR A 19 5.48 -5.81 -6.11
CA TYR A 19 5.74 -6.77 -7.17
C TYR A 19 5.82 -6.07 -8.53
N ILE A 20 5.90 -4.74 -8.50
CA ILE A 20 5.98 -3.96 -9.72
C ILE A 20 7.35 -3.33 -9.90
N CYS A 21 7.82 -2.64 -8.86
CA CYS A 21 9.13 -2.01 -8.88
C CYS A 21 10.12 -2.73 -7.99
N HIS A 22 9.60 -3.62 -7.15
CA HIS A 22 10.44 -4.39 -6.24
C HIS A 22 10.90 -3.53 -5.07
N ALA A 23 10.01 -2.68 -4.58
CA ALA A 23 10.32 -1.79 -3.46
C ALA A 23 9.82 -2.37 -2.15
N ARG A 24 10.74 -2.84 -1.31
CA ARG A 24 10.37 -3.41 -0.03
C ARG A 24 9.64 -2.39 0.84
N PHE A 25 8.82 -2.90 1.76
CA PHE A 25 8.05 -2.03 2.65
C PHE A 25 7.85 -2.68 4.02
N THR A 26 8.05 -1.91 5.07
CA THR A 26 7.89 -2.42 6.43
C THR A 26 6.50 -2.09 6.99
N GLN A 27 5.57 -1.80 6.08
CA GLN A 27 4.21 -1.47 6.48
C GLN A 27 3.21 -1.84 5.39
N SER A 28 2.40 -2.85 5.64
CA SER A 28 1.41 -3.31 4.67
C SER A 28 0.66 -2.13 4.07
N GLY A 29 0.36 -1.13 4.90
CA GLY A 29 -0.35 0.04 4.43
C GLY A 29 0.44 0.83 3.42
N THR A 30 1.68 1.17 3.78
CA THR A 30 2.55 1.95 2.89
C THR A 30 2.62 1.30 1.51
N MET A 31 2.95 0.02 1.47
CA MET A 31 3.06 -0.70 0.21
C MET A 31 1.77 -0.55 -0.61
N LYS A 32 0.66 -1.02 -0.05
CA LYS A 32 -0.62 -0.94 -0.73
C LYS A 32 -0.85 0.46 -1.30
N MET A 33 -0.54 1.47 -0.50
CA MET A 33 -0.71 2.85 -0.94
C MET A 33 0.28 3.20 -2.04
N HIS A 34 1.47 2.60 -1.98
CA HIS A 34 2.50 2.85 -2.98
C HIS A 34 2.12 2.23 -4.33
N ILE A 35 1.50 1.06 -4.27
CA ILE A 35 1.08 0.37 -5.49
C ILE A 35 -0.11 1.06 -6.12
N LEU A 36 -0.94 1.68 -5.30
CA LEU A 36 -2.12 2.39 -5.79
C LEU A 36 -1.82 3.86 -6.03
N GLN A 37 -0.63 4.30 -5.60
CA GLN A 37 -0.23 5.69 -5.77
C GLN A 37 0.73 5.83 -6.95
N LYS A 38 1.61 4.85 -7.12
CA LYS A 38 2.58 4.87 -8.20
C LYS A 38 2.10 4.01 -9.37
N HIS A 39 1.37 2.95 -9.06
CA HIS A 39 0.85 2.05 -10.09
C HIS A 39 -0.67 2.02 -10.07
N THR A 40 -1.28 3.20 -10.07
CA THR A 40 -2.74 3.31 -10.05
C THR A 40 -3.34 2.87 -11.38
N GLU A 41 -2.55 2.94 -12.44
CA GLU A 41 -3.00 2.55 -13.77
C GLU A 41 -2.57 1.13 -14.10
N ASN A 42 -1.44 0.72 -13.54
CA ASN A 42 -0.92 -0.62 -13.77
C ASN A 42 -1.65 -1.65 -12.91
N VAL A 43 -2.97 -1.53 -12.83
CA VAL A 43 -3.78 -2.45 -12.05
C VAL A 43 -5.26 -2.28 -12.36
N ALA A 44 -5.97 -3.39 -12.45
CA ALA A 44 -7.40 -3.37 -12.74
C ALA A 44 -8.22 -3.33 -11.46
N LYS A 45 -7.98 -4.30 -10.58
CA LYS A 45 -8.69 -4.38 -9.31
C LYS A 45 -8.03 -3.51 -8.25
N PHE A 46 -8.84 -2.69 -7.58
CA PHE A 46 -8.32 -1.81 -6.54
C PHE A 46 -8.61 -2.38 -5.16
N HIS A 47 -7.77 -2.02 -4.18
CA HIS A 47 -7.93 -2.49 -2.82
C HIS A 47 -7.68 -1.36 -1.81
N CYS A 48 -8.50 -1.30 -0.78
CA CYS A 48 -8.37 -0.27 0.24
C CYS A 48 -7.07 -0.45 1.03
N PRO A 49 -6.27 0.63 1.10
CA PRO A 49 -5.00 0.61 1.82
C PRO A 49 -5.18 0.53 3.34
N HIS A 50 -6.39 0.21 3.76
CA HIS A 50 -6.70 0.09 5.18
C HIS A 50 -7.33 -1.26 5.49
N CYS A 51 -8.59 -1.44 5.08
CA CYS A 51 -9.30 -2.68 5.32
C CYS A 51 -9.39 -3.51 4.04
N ASP A 52 -9.62 -4.81 4.19
CA ASP A 52 -9.72 -5.71 3.05
C ASP A 52 -11.04 -5.50 2.31
N THR A 53 -11.07 -4.49 1.44
CA THR A 53 -12.27 -4.18 0.67
C THR A 53 -11.93 -3.98 -0.81
N VAL A 54 -12.74 -4.57 -1.68
CA VAL A 54 -12.54 -4.44 -3.12
C VAL A 54 -13.14 -3.15 -3.65
N ILE A 55 -12.44 -2.52 -4.58
CA ILE A 55 -12.91 -1.27 -5.17
C ILE A 55 -12.88 -1.35 -6.70
N ALA A 56 -14.04 -1.15 -7.32
CA ALA A 56 -14.15 -1.19 -8.77
C ALA A 56 -13.01 -0.41 -9.43
N ARG A 57 -13.12 0.91 -9.39
CA ARG A 57 -12.10 1.77 -9.99
C ARG A 57 -11.49 2.70 -8.93
N LYS A 58 -10.45 3.43 -9.33
CA LYS A 58 -9.78 4.35 -8.42
C LYS A 58 -10.74 5.43 -7.92
N SER A 59 -11.29 6.21 -8.85
CA SER A 59 -12.22 7.26 -8.50
C SER A 59 -13.15 6.83 -7.36
N ASP A 60 -13.57 5.57 -7.40
CA ASP A 60 -14.45 5.02 -6.38
C ASP A 60 -13.72 4.91 -5.05
N LEU A 61 -12.49 4.42 -5.08
CA LEU A 61 -11.70 4.25 -3.88
C LEU A 61 -11.96 5.39 -2.89
N GLY A 62 -11.88 6.62 -3.39
CA GLY A 62 -12.11 7.77 -2.54
C GLY A 62 -13.41 7.66 -1.75
N VAL A 63 -14.53 7.53 -2.46
CA VAL A 63 -15.83 7.41 -1.82
C VAL A 63 -15.77 6.45 -0.64
N HIS A 64 -15.07 5.33 -0.81
CA HIS A 64 -14.95 4.33 0.23
C HIS A 64 -14.08 4.85 1.38
N LEU A 65 -13.10 5.69 1.05
CA LEU A 65 -12.21 6.26 2.04
C LEU A 65 -12.94 7.29 2.90
N ARG A 66 -13.86 8.02 2.29
CA ARG A 66 -14.64 9.04 3.01
C ARG A 66 -15.83 8.41 3.70
N LYS A 67 -16.40 7.38 3.09
CA LYS A 67 -17.56 6.69 3.65
C LYS A 67 -17.16 5.84 4.85
N GLN A 68 -16.33 4.83 4.59
CA GLN A 68 -15.87 3.94 5.65
C GLN A 68 -14.91 4.66 6.60
N HIS A 69 -13.95 5.37 6.03
CA HIS A 69 -12.98 6.11 6.83
C HIS A 69 -13.19 7.62 6.69
N SER A 70 -12.34 8.40 7.34
CA SER A 70 -12.43 9.85 7.30
C SER A 70 -11.24 10.45 6.57
N TYR A 71 -11.48 10.94 5.35
CA TYR A 71 -10.42 11.54 4.55
C TYR A 71 -10.94 12.75 3.76
N SER A 72 -10.02 13.52 3.21
CA SER A 72 -10.39 14.70 2.44
C SER A 72 -9.18 15.25 1.68
N GLY A 73 -9.41 16.31 0.91
CA GLY A 73 -8.33 16.92 0.15
C GLY A 73 -7.01 16.87 0.89
N PRO A 74 -6.00 16.25 0.26
CA PRO A 74 -4.66 16.12 0.83
C PRO A 74 -3.92 17.46 0.90
N SER A 75 -3.70 17.95 2.10
CA SER A 75 -3.00 19.22 2.30
C SER A 75 -1.56 18.99 2.74
N SER A 76 -0.73 20.01 2.55
CA SER A 76 0.68 19.92 2.93
C SER A 76 0.84 19.18 4.26
N GLY A 77 0.04 19.58 5.24
CA GLY A 77 0.11 18.95 6.55
C GLY A 77 -0.45 17.54 6.54
N GLY A 1 35.51 -34.37 16.23
CA GLY A 1 34.33 -33.56 15.97
C GLY A 1 34.66 -32.27 15.26
N SER A 2 35.01 -32.36 13.99
CA SER A 2 35.35 -31.18 13.19
C SER A 2 34.10 -30.50 12.68
N SER A 3 34.18 -29.17 12.51
CA SER A 3 33.05 -28.39 12.02
C SER A 3 33.49 -27.43 10.92
N GLY A 4 32.82 -27.50 9.78
CA GLY A 4 33.14 -26.63 8.66
C GLY A 4 31.91 -26.12 7.94
N SER A 5 30.95 -25.61 8.70
CA SER A 5 29.72 -25.09 8.12
C SER A 5 29.94 -23.71 7.51
N SER A 6 29.06 -23.32 6.60
CA SER A 6 29.17 -22.04 5.92
C SER A 6 28.85 -20.90 6.90
N GLY A 7 27.68 -20.95 7.50
CA GLY A 7 27.28 -19.91 8.44
C GLY A 7 25.88 -19.39 8.18
N ARG A 8 25.07 -19.31 9.23
CA ARG A 8 23.70 -18.82 9.10
C ARG A 8 23.67 -17.29 9.03
N THR A 9 22.71 -16.77 8.29
CA THR A 9 22.55 -15.32 8.13
C THR A 9 21.12 -14.89 8.34
N HIS A 10 20.93 -13.86 9.16
CA HIS A 10 19.59 -13.34 9.44
C HIS A 10 19.08 -12.48 8.28
N SER A 11 17.77 -12.49 8.09
CA SER A 11 17.16 -11.72 7.02
C SER A 11 15.71 -11.37 7.35
N GLY A 12 15.43 -10.08 7.52
CA GLY A 12 14.08 -9.65 7.84
C GLY A 12 14.00 -8.15 8.07
N GLU A 13 14.12 -7.38 6.98
CA GLU A 13 14.06 -5.93 7.08
C GLU A 13 12.67 -5.42 6.70
N LYS A 14 12.07 -6.04 5.70
CA LYS A 14 10.74 -5.65 5.24
C LYS A 14 9.95 -6.87 4.78
N PRO A 15 8.93 -7.25 5.58
CA PRO A 15 8.08 -8.40 5.27
C PRO A 15 7.17 -8.15 4.08
N TYR A 16 7.31 -6.98 3.47
CA TYR A 16 6.49 -6.60 2.32
C TYR A 16 7.36 -6.04 1.20
N GLU A 17 6.90 -6.17 -0.03
CA GLU A 17 7.64 -5.67 -1.19
C GLU A 17 6.72 -5.53 -2.40
N CYS A 18 6.91 -4.48 -3.18
CA CYS A 18 6.11 -4.23 -4.37
C CYS A 18 6.51 -5.17 -5.49
N TYR A 19 5.55 -5.93 -6.00
CA TYR A 19 5.80 -6.87 -7.08
C TYR A 19 5.78 -6.16 -8.43
N ILE A 20 5.96 -4.85 -8.41
CA ILE A 20 5.96 -4.06 -9.63
C ILE A 20 7.32 -3.41 -9.86
N CYS A 21 7.81 -2.70 -8.84
CA CYS A 21 9.10 -2.03 -8.93
C CYS A 21 10.11 -2.67 -7.98
N HIS A 22 9.65 -3.66 -7.22
CA HIS A 22 10.52 -4.35 -6.28
C HIS A 22 10.84 -3.45 -5.08
N ALA A 23 9.94 -2.52 -4.78
CA ALA A 23 10.13 -1.61 -3.67
C ALA A 23 9.71 -2.25 -2.36
N ARG A 24 10.69 -2.55 -1.51
CA ARG A 24 10.43 -3.17 -0.22
C ARG A 24 9.71 -2.21 0.71
N PHE A 25 8.88 -2.75 1.59
CA PHE A 25 8.12 -1.93 2.54
C PHE A 25 8.09 -2.59 3.92
N THR A 26 8.27 -1.78 4.96
CA THR A 26 8.26 -2.28 6.32
C THR A 26 6.84 -2.52 6.81
N GLN A 27 5.87 -1.95 6.11
CA GLN A 27 4.46 -2.10 6.47
C GLN A 27 3.63 -2.49 5.26
N SER A 28 2.43 -3.00 5.51
CA SER A 28 1.53 -3.41 4.43
C SER A 28 0.77 -2.22 3.87
N GLY A 29 0.31 -1.35 4.76
CA GLY A 29 -0.43 -0.18 4.33
C GLY A 29 0.38 0.71 3.40
N THR A 30 1.63 0.95 3.76
CA THR A 30 2.52 1.78 2.95
C THR A 30 2.69 1.21 1.54
N MET A 31 2.91 -0.10 1.47
CA MET A 31 3.10 -0.78 0.20
C MET A 31 1.86 -0.63 -0.68
N LYS A 32 0.72 -1.09 -0.16
CA LYS A 32 -0.54 -1.00 -0.90
C LYS A 32 -0.77 0.42 -1.41
N MET A 33 -0.55 1.41 -0.56
CA MET A 33 -0.73 2.80 -0.93
C MET A 33 0.24 3.20 -2.04
N HIS A 34 1.36 2.48 -2.12
CA HIS A 34 2.39 2.76 -3.13
C HIS A 34 1.98 2.16 -4.48
N ILE A 35 1.43 0.94 -4.44
CA ILE A 35 1.01 0.27 -5.66
C ILE A 35 -0.22 0.94 -6.26
N LEU A 36 -1.00 1.60 -5.43
CA LEU A 36 -2.21 2.29 -5.87
C LEU A 36 -1.93 3.76 -6.14
N GLN A 37 -0.73 4.21 -5.76
CA GLN A 37 -0.34 5.60 -5.95
C GLN A 37 0.59 5.74 -7.15
N LYS A 38 1.52 4.80 -7.29
CA LYS A 38 2.47 4.82 -8.40
C LYS A 38 2.02 3.88 -9.51
N HIS A 39 1.38 2.77 -9.14
CA HIS A 39 0.89 1.81 -10.11
C HIS A 39 -0.63 1.72 -10.08
N THR A 40 -1.28 2.88 -10.05
CA THR A 40 -2.74 2.93 -10.01
C THR A 40 -3.34 2.34 -11.28
N GLU A 41 -2.62 2.47 -12.38
CA GLU A 41 -3.08 1.95 -13.67
C GLU A 41 -2.59 0.52 -13.88
N ASN A 42 -1.30 0.31 -13.68
CA ASN A 42 -0.71 -1.01 -13.84
C ASN A 42 -1.55 -2.08 -13.18
N VAL A 43 -1.99 -1.80 -11.94
CA VAL A 43 -2.82 -2.74 -11.20
C VAL A 43 -4.21 -2.85 -11.81
N ALA A 44 -4.79 -4.04 -11.71
CA ALA A 44 -6.13 -4.29 -12.25
C ALA A 44 -7.20 -4.10 -11.18
N LYS A 45 -7.03 -4.77 -10.06
CA LYS A 45 -7.98 -4.68 -8.95
C LYS A 45 -7.46 -3.74 -7.87
N PHE A 46 -8.35 -2.91 -7.34
CA PHE A 46 -7.99 -1.95 -6.30
C PHE A 46 -8.39 -2.47 -4.92
N HIS A 47 -7.47 -2.37 -3.96
CA HIS A 47 -7.73 -2.82 -2.61
C HIS A 47 -7.51 -1.70 -1.60
N CYS A 48 -8.52 -1.42 -0.78
CA CYS A 48 -8.44 -0.37 0.22
C CYS A 48 -7.17 -0.53 1.06
N PRO A 49 -6.39 0.57 1.15
CA PRO A 49 -5.14 0.57 1.92
C PRO A 49 -5.39 0.50 3.43
N HIS A 50 -6.62 0.20 3.80
CA HIS A 50 -6.99 0.10 5.21
C HIS A 50 -7.61 -1.26 5.51
N CYS A 51 -8.85 -1.45 5.04
CA CYS A 51 -9.55 -2.70 5.26
C CYS A 51 -9.61 -3.53 3.97
N ASP A 52 -10.17 -4.73 4.07
CA ASP A 52 -10.29 -5.61 2.92
C ASP A 52 -11.50 -5.25 2.07
N THR A 53 -11.33 -4.25 1.21
CA THR A 53 -12.40 -3.79 0.34
C THR A 53 -11.90 -3.58 -1.08
N VAL A 54 -12.55 -4.23 -2.04
CA VAL A 54 -12.18 -4.11 -3.44
C VAL A 54 -12.85 -2.91 -4.10
N ILE A 55 -12.11 -2.21 -4.94
CA ILE A 55 -12.63 -1.02 -5.63
C ILE A 55 -12.42 -1.13 -7.13
N ALA A 56 -13.39 -0.65 -7.89
CA ALA A 56 -13.32 -0.68 -9.35
C ALA A 56 -12.83 0.65 -9.90
N ARG A 57 -13.70 1.66 -9.87
CA ARG A 57 -13.35 2.99 -10.37
C ARG A 57 -12.47 3.73 -9.37
N LYS A 58 -11.20 3.89 -9.71
CA LYS A 58 -10.26 4.59 -8.85
C LYS A 58 -10.94 5.70 -8.08
N SER A 59 -11.78 6.47 -8.78
CA SER A 59 -12.49 7.58 -8.16
C SER A 59 -13.30 7.10 -6.96
N ASP A 60 -14.05 6.02 -7.15
CA ASP A 60 -14.86 5.45 -6.08
C ASP A 60 -14.06 5.32 -4.79
N LEU A 61 -12.81 4.90 -4.92
CA LEU A 61 -11.93 4.73 -3.77
C LEU A 61 -12.16 5.82 -2.74
N GLY A 62 -12.29 7.06 -3.21
CA GLY A 62 -12.53 8.17 -2.32
C GLY A 62 -13.81 8.02 -1.51
N VAL A 63 -14.90 7.72 -2.21
CA VAL A 63 -16.19 7.54 -1.55
C VAL A 63 -16.10 6.55 -0.40
N HIS A 64 -15.38 5.45 -0.64
CA HIS A 64 -15.22 4.42 0.37
C HIS A 64 -14.34 4.92 1.52
N LEU A 65 -13.44 5.83 1.21
CA LEU A 65 -12.54 6.40 2.22
C LEU A 65 -13.26 7.44 3.07
N ARG A 66 -14.21 8.14 2.45
CA ARG A 66 -14.98 9.17 3.15
C ARG A 66 -16.15 8.55 3.91
N LYS A 67 -16.72 7.49 3.35
CA LYS A 67 -17.85 6.80 3.97
C LYS A 67 -17.38 5.93 5.13
N GLN A 68 -16.71 4.83 4.81
CA GLN A 68 -16.21 3.92 5.84
C GLN A 68 -15.21 4.63 6.75
N HIS A 69 -14.26 5.33 6.15
CA HIS A 69 -13.24 6.04 6.91
C HIS A 69 -13.47 7.55 6.85
N SER A 70 -12.59 8.31 7.49
CA SER A 70 -12.70 9.76 7.51
C SER A 70 -11.46 10.41 6.92
N TYR A 71 -11.57 10.86 5.67
CA TYR A 71 -10.46 11.50 4.99
C TYR A 71 -10.87 12.85 4.40
N SER A 72 -10.56 13.92 5.11
CA SER A 72 -10.91 15.27 4.66
C SER A 72 -10.20 16.32 5.51
N GLY A 73 -9.73 17.38 4.86
CA GLY A 73 -9.04 18.44 5.56
C GLY A 73 -9.04 19.74 4.78
N PRO A 74 -7.84 20.21 4.41
CA PRO A 74 -7.68 21.46 3.66
C PRO A 74 -8.19 21.35 2.22
N SER A 75 -9.49 21.55 2.06
CA SER A 75 -10.11 21.47 0.73
C SER A 75 -11.57 21.94 0.79
N SER A 76 -11.95 22.78 -0.16
CA SER A 76 -13.32 23.30 -0.22
C SER A 76 -14.13 22.56 -1.26
N GLY A 77 -15.31 22.09 -0.87
CA GLY A 77 -16.17 21.37 -1.79
C GLY A 77 -17.64 21.69 -1.58
N GLY A 1 28.68 -43.85 0.87
CA GLY A 1 29.03 -42.50 1.25
C GLY A 1 27.92 -41.52 0.95
N SER A 2 27.50 -40.78 1.97
CA SER A 2 26.43 -39.80 1.82
C SER A 2 26.85 -38.45 2.39
N SER A 3 26.97 -37.45 1.51
CA SER A 3 27.37 -36.12 1.92
C SER A 3 27.03 -35.09 0.85
N GLY A 4 27.24 -33.82 1.16
CA GLY A 4 26.95 -32.76 0.21
C GLY A 4 25.83 -31.85 0.68
N SER A 5 25.85 -30.60 0.23
CA SER A 5 24.83 -29.63 0.62
C SER A 5 24.59 -28.63 -0.50
N SER A 6 23.38 -28.04 -0.51
CA SER A 6 23.03 -27.07 -1.53
C SER A 6 23.26 -25.65 -1.04
N GLY A 7 22.66 -25.32 0.11
CA GLY A 7 22.82 -23.99 0.66
C GLY A 7 21.67 -23.07 0.32
N ARG A 8 20.45 -23.57 0.45
CA ARG A 8 19.26 -22.80 0.15
C ARG A 8 18.81 -21.98 1.36
N THR A 9 19.17 -20.70 1.38
CA THR A 9 18.81 -19.82 2.48
C THR A 9 18.50 -18.42 1.99
N HIS A 10 17.47 -17.80 2.55
CA HIS A 10 17.07 -16.45 2.16
C HIS A 10 16.14 -15.84 3.20
N SER A 11 16.34 -14.56 3.50
CA SER A 11 15.51 -13.86 4.48
C SER A 11 15.50 -12.37 4.20
N GLY A 12 14.32 -11.76 4.29
CA GLY A 12 14.21 -10.32 4.05
C GLY A 12 13.86 -9.56 5.31
N GLU A 13 14.04 -8.24 5.28
CA GLU A 13 13.75 -7.40 6.42
C GLU A 13 12.47 -6.59 6.20
N LYS A 14 11.61 -7.10 5.33
CA LYS A 14 10.34 -6.44 5.02
C LYS A 14 9.24 -7.46 4.75
N PRO A 15 8.20 -7.45 5.58
CA PRO A 15 7.06 -8.37 5.44
C PRO A 15 6.20 -8.05 4.22
N TYR A 16 6.57 -6.99 3.51
CA TYR A 16 5.84 -6.57 2.31
C TYR A 16 6.80 -6.07 1.23
N GLU A 17 6.33 -6.10 -0.02
CA GLU A 17 7.14 -5.65 -1.14
C GLU A 17 6.30 -5.55 -2.41
N CYS A 18 6.52 -4.48 -3.17
CA CYS A 18 5.78 -4.25 -4.39
C CYS A 18 6.21 -5.23 -5.48
N TYR A 19 5.25 -5.95 -6.05
CA TYR A 19 5.53 -6.92 -7.10
C TYR A 19 5.57 -6.25 -8.46
N ILE A 20 5.70 -4.93 -8.47
CA ILE A 20 5.75 -4.18 -9.71
C ILE A 20 7.13 -3.56 -9.92
N CYS A 21 7.65 -2.91 -8.88
CA CYS A 21 8.96 -2.27 -8.95
C CYS A 21 9.92 -2.91 -7.94
N HIS A 22 9.41 -3.86 -7.17
CA HIS A 22 10.23 -4.54 -6.17
C HIS A 22 10.52 -3.62 -4.98
N ALA A 23 9.65 -2.65 -4.77
CA ALA A 23 9.82 -1.69 -3.67
C ALA A 23 9.36 -2.30 -2.36
N ARG A 24 10.32 -2.69 -1.52
CA ARG A 24 10.01 -3.29 -0.22
C ARG A 24 9.25 -2.29 0.66
N PHE A 25 8.56 -2.83 1.67
CA PHE A 25 7.79 -1.99 2.59
C PHE A 25 7.68 -2.65 3.95
N THR A 26 8.05 -1.91 4.99
CA THR A 26 8.00 -2.42 6.36
C THR A 26 6.56 -2.59 6.83
N GLN A 27 5.65 -1.89 6.17
CA GLN A 27 4.24 -1.96 6.51
C GLN A 27 3.40 -2.37 5.31
N SER A 28 2.11 -2.58 5.53
CA SER A 28 1.20 -2.98 4.46
C SER A 28 0.56 -1.76 3.81
N GLY A 29 -0.03 -0.89 4.62
CA GLY A 29 -0.66 0.30 4.11
C GLY A 29 0.24 1.07 3.16
N THR A 30 1.48 1.32 3.58
CA THR A 30 2.44 2.05 2.77
C THR A 30 2.57 1.42 1.38
N MET A 31 2.76 0.11 1.35
CA MET A 31 2.90 -0.61 0.09
C MET A 31 1.68 -0.38 -0.80
N LYS A 32 0.52 -0.81 -0.33
CA LYS A 32 -0.71 -0.65 -1.08
C LYS A 32 -0.84 0.75 -1.65
N MET A 33 -0.63 1.75 -0.81
CA MET A 33 -0.70 3.14 -1.23
C MET A 33 0.30 3.43 -2.34
N HIS A 34 1.43 2.74 -2.30
CA HIS A 34 2.48 2.93 -3.30
C HIS A 34 2.06 2.31 -4.63
N ILE A 35 1.42 1.15 -4.56
CA ILE A 35 0.97 0.44 -5.76
C ILE A 35 -0.20 1.17 -6.40
N LEU A 36 -0.99 1.86 -5.60
CA LEU A 36 -2.15 2.60 -6.09
C LEU A 36 -1.78 4.05 -6.38
N GLN A 37 -0.57 4.44 -5.99
CA GLN A 37 -0.10 5.80 -6.21
C GLN A 37 0.86 5.86 -7.39
N LYS A 38 1.72 4.86 -7.51
CA LYS A 38 2.68 4.79 -8.59
C LYS A 38 2.19 3.88 -9.71
N HIS A 39 1.46 2.84 -9.34
CA HIS A 39 0.92 1.89 -10.31
C HIS A 39 -0.60 1.92 -10.30
N THR A 40 -1.18 3.12 -10.25
CA THR A 40 -2.62 3.28 -10.24
C THR A 40 -3.25 2.71 -11.51
N GLU A 41 -2.50 2.76 -12.61
CA GLU A 41 -2.99 2.26 -13.89
C GLU A 41 -2.51 0.84 -14.13
N ASN A 42 -1.27 0.57 -13.72
CA ASN A 42 -0.68 -0.76 -13.90
C ASN A 42 -1.26 -1.75 -12.88
N VAL A 43 -2.58 -1.88 -12.87
CA VAL A 43 -3.25 -2.79 -11.95
C VAL A 43 -4.73 -2.92 -12.29
N ALA A 44 -5.29 -4.09 -12.03
CA ALA A 44 -6.70 -4.35 -12.31
C ALA A 44 -7.57 -3.95 -11.12
N LYS A 45 -7.53 -4.76 -10.06
CA LYS A 45 -8.30 -4.49 -8.86
C LYS A 45 -7.52 -3.64 -7.88
N PHE A 46 -8.24 -2.85 -7.08
CA PHE A 46 -7.61 -1.98 -6.10
C PHE A 46 -7.83 -2.49 -4.68
N HIS A 47 -7.01 -2.04 -3.75
CA HIS A 47 -7.12 -2.46 -2.36
C HIS A 47 -7.03 -1.26 -1.42
N CYS A 48 -8.03 -1.12 -0.55
CA CYS A 48 -8.07 -0.01 0.39
C CYS A 48 -6.80 0.04 1.22
N PRO A 49 -6.26 1.26 1.42
CA PRO A 49 -5.03 1.46 2.19
C PRO A 49 -5.24 1.22 3.68
N HIS A 50 -6.41 0.71 4.03
CA HIS A 50 -6.73 0.41 5.43
C HIS A 50 -7.27 -1.01 5.58
N CYS A 51 -8.50 -1.22 5.14
CA CYS A 51 -9.12 -2.54 5.22
C CYS A 51 -8.99 -3.29 3.91
N ASP A 52 -9.53 -4.50 3.87
CA ASP A 52 -9.48 -5.32 2.67
C ASP A 52 -10.75 -5.17 1.84
N THR A 53 -10.87 -4.03 1.16
CA THR A 53 -12.04 -3.76 0.32
C THR A 53 -11.63 -3.45 -1.12
N VAL A 54 -12.08 -4.28 -2.04
CA VAL A 54 -11.76 -4.09 -3.46
C VAL A 54 -12.41 -2.83 -4.00
N ILE A 55 -11.64 -2.04 -4.73
CA ILE A 55 -12.13 -0.79 -5.32
C ILE A 55 -11.90 -0.77 -6.82
N ALA A 56 -12.71 -1.51 -7.56
CA ALA A 56 -12.60 -1.56 -9.02
C ALA A 56 -12.12 -0.22 -9.57
N ARG A 57 -12.97 0.80 -9.46
CA ARG A 57 -12.62 2.13 -9.95
C ARG A 57 -11.72 2.86 -8.97
N LYS A 58 -10.76 3.61 -9.50
CA LYS A 58 -9.83 4.37 -8.68
C LYS A 58 -10.55 5.43 -7.88
N SER A 59 -11.19 6.37 -8.57
CA SER A 59 -11.91 7.45 -7.92
C SER A 59 -12.79 6.91 -6.79
N ASP A 60 -13.45 5.80 -7.05
CA ASP A 60 -14.32 5.18 -6.05
C ASP A 60 -13.60 5.05 -4.71
N LEU A 61 -12.33 4.66 -4.76
CA LEU A 61 -11.52 4.50 -3.56
C LEU A 61 -11.85 5.58 -2.54
N GLY A 62 -11.89 6.83 -3.00
CA GLY A 62 -12.19 7.94 -2.11
C GLY A 62 -13.49 7.75 -1.36
N VAL A 63 -14.59 7.66 -2.11
CA VAL A 63 -15.91 7.48 -1.51
C VAL A 63 -15.86 6.47 -0.36
N HIS A 64 -15.30 5.30 -0.65
CA HIS A 64 -15.19 4.25 0.36
C HIS A 64 -14.43 4.75 1.58
N LEU A 65 -13.47 5.63 1.36
CA LEU A 65 -12.67 6.19 2.45
C LEU A 65 -13.46 7.22 3.24
N ARG A 66 -14.47 7.80 2.60
CA ARG A 66 -15.31 8.81 3.24
C ARG A 66 -16.48 8.15 3.97
N LYS A 67 -16.99 7.06 3.39
CA LYS A 67 -18.11 6.35 3.98
C LYS A 67 -17.64 5.44 5.11
N GLN A 68 -16.94 4.36 4.76
CA GLN A 68 -16.44 3.42 5.76
C GLN A 68 -15.56 4.13 6.77
N HIS A 69 -14.63 4.96 6.29
CA HIS A 69 -13.73 5.70 7.16
C HIS A 69 -14.08 7.19 7.17
N SER A 70 -13.46 7.93 8.08
CA SER A 70 -13.70 9.36 8.20
C SER A 70 -12.66 10.16 7.41
N TYR A 71 -13.11 10.80 6.35
CA TYR A 71 -12.21 11.60 5.51
C TYR A 71 -12.83 12.96 5.21
N SER A 72 -14.14 12.98 4.98
CA SER A 72 -14.84 14.23 4.68
C SER A 72 -15.26 14.93 5.96
N GLY A 73 -15.89 16.10 5.81
CA GLY A 73 -16.33 16.86 6.96
C GLY A 73 -17.69 16.43 7.44
N PRO A 74 -18.28 17.20 8.38
CA PRO A 74 -19.58 16.91 8.94
C PRO A 74 -20.72 17.12 7.94
N SER A 75 -20.57 18.14 7.10
CA SER A 75 -21.57 18.45 6.10
C SER A 75 -22.95 18.65 6.73
N SER A 76 -22.97 19.35 7.87
CA SER A 76 -24.21 19.62 8.59
C SER A 76 -24.27 21.06 9.06
N GLY A 77 -25.38 21.72 8.78
CA GLY A 77 -25.54 23.11 9.20
C GLY A 77 -26.60 23.83 8.39
N GLY A 1 39.80 -31.87 0.87
CA GLY A 1 39.38 -30.97 -0.18
C GLY A 1 38.09 -30.23 0.17
N SER A 2 38.23 -29.09 0.83
CA SER A 2 37.07 -28.29 1.22
C SER A 2 37.43 -26.81 1.29
N SER A 3 36.43 -25.98 1.52
CA SER A 3 36.63 -24.53 1.61
C SER A 3 35.59 -23.90 2.53
N GLY A 4 35.71 -22.59 2.71
CA GLY A 4 34.77 -21.87 3.56
C GLY A 4 34.72 -20.39 3.26
N SER A 5 33.53 -19.92 2.88
CA SER A 5 33.35 -18.51 2.55
C SER A 5 31.90 -18.08 2.81
N SER A 6 31.72 -16.79 3.11
CA SER A 6 30.39 -16.25 3.38
C SER A 6 30.09 -15.07 2.46
N GLY A 7 28.84 -14.95 2.04
CA GLY A 7 28.44 -13.87 1.17
C GLY A 7 27.00 -13.43 1.40
N ARG A 8 26.78 -12.67 2.46
CA ARG A 8 25.43 -12.20 2.78
C ARG A 8 25.46 -10.73 3.19
N THR A 9 24.45 -9.98 2.77
CA THR A 9 24.36 -8.56 3.09
C THR A 9 22.94 -8.17 3.50
N HIS A 10 22.83 -7.38 4.55
CA HIS A 10 21.53 -6.93 5.04
C HIS A 10 20.93 -5.87 4.12
N SER A 11 19.75 -6.16 3.58
CA SER A 11 19.07 -5.24 2.68
C SER A 11 17.80 -4.68 3.32
N GLY A 12 17.88 -4.37 4.61
CA GLY A 12 16.73 -3.84 5.32
C GLY A 12 15.70 -4.90 5.61
N GLU A 13 14.94 -4.71 6.70
CA GLU A 13 13.91 -5.67 7.10
C GLU A 13 12.53 -5.19 6.65
N LYS A 14 11.93 -5.93 5.72
CA LYS A 14 10.61 -5.58 5.21
C LYS A 14 9.85 -6.83 4.77
N PRO A 15 8.87 -7.25 5.58
CA PRO A 15 8.06 -8.43 5.30
C PRO A 15 7.12 -8.22 4.12
N TYR A 16 7.18 -7.03 3.52
CA TYR A 16 6.34 -6.69 2.39
C TYR A 16 7.17 -6.17 1.22
N GLU A 17 6.63 -6.29 0.02
CA GLU A 17 7.32 -5.83 -1.18
C GLU A 17 6.35 -5.65 -2.34
N CYS A 18 6.69 -4.75 -3.26
CA CYS A 18 5.85 -4.48 -4.41
C CYS A 18 6.18 -5.42 -5.56
N TYR A 19 5.17 -6.12 -6.07
CA TYR A 19 5.35 -7.06 -7.16
C TYR A 19 5.32 -6.34 -8.51
N ILE A 20 5.57 -5.04 -8.47
CA ILE A 20 5.57 -4.23 -9.70
C ILE A 20 6.95 -3.64 -9.96
N CYS A 21 7.51 -2.97 -8.95
CA CYS A 21 8.82 -2.37 -9.09
C CYS A 21 9.83 -3.07 -8.18
N HIS A 22 9.34 -3.96 -7.33
CA HIS A 22 10.20 -4.70 -6.42
C HIS A 22 10.66 -3.80 -5.26
N ALA A 23 9.79 -2.91 -4.82
CA ALA A 23 10.10 -2.00 -3.74
C ALA A 23 9.64 -2.57 -2.40
N ARG A 24 10.60 -2.94 -1.55
CA ARG A 24 10.29 -3.50 -0.25
C ARG A 24 9.59 -2.47 0.63
N PHE A 25 8.86 -2.95 1.63
CA PHE A 25 8.13 -2.07 2.54
C PHE A 25 8.07 -2.68 3.94
N THR A 26 8.50 -1.91 4.94
CA THR A 26 8.49 -2.38 6.32
C THR A 26 7.07 -2.51 6.84
N GLN A 27 6.13 -1.84 6.18
CA GLN A 27 4.72 -1.89 6.57
C GLN A 27 3.84 -2.34 5.41
N SER A 28 2.64 -2.80 5.73
CA SER A 28 1.71 -3.26 4.70
C SER A 28 0.98 -2.08 4.07
N GLY A 29 0.51 -1.15 4.90
CA GLY A 29 -0.20 0.01 4.40
C GLY A 29 0.60 0.79 3.39
N THR A 30 1.84 1.14 3.76
CA THR A 30 2.71 1.90 2.88
C THR A 30 2.81 1.24 1.51
N MET A 31 2.99 -0.07 1.48
CA MET A 31 3.09 -0.81 0.24
C MET A 31 1.83 -0.63 -0.61
N LYS A 32 0.69 -1.08 -0.08
CA LYS A 32 -0.58 -0.97 -0.78
C LYS A 32 -0.76 0.43 -1.36
N MET A 33 -0.51 1.45 -0.54
CA MET A 33 -0.64 2.83 -0.97
C MET A 33 0.32 3.14 -2.11
N HIS A 34 1.50 2.52 -2.07
CA HIS A 34 2.52 2.73 -3.09
C HIS A 34 2.06 2.12 -4.43
N ILE A 35 1.39 0.98 -4.35
CA ILE A 35 0.91 0.30 -5.54
C ILE A 35 -0.28 1.03 -6.16
N LEU A 36 -1.07 1.67 -5.30
CA LEU A 36 -2.24 2.42 -5.75
C LEU A 36 -1.90 3.88 -6.00
N GLN A 37 -0.71 4.29 -5.56
CA GLN A 37 -0.26 5.67 -5.74
C GLN A 37 0.69 5.78 -6.92
N LYS A 38 1.58 4.80 -7.06
CA LYS A 38 2.54 4.78 -8.15
C LYS A 38 2.04 3.93 -9.31
N HIS A 39 1.31 2.88 -9.00
CA HIS A 39 0.76 1.99 -10.02
C HIS A 39 -0.76 1.99 -9.98
N THR A 40 -1.34 3.18 -9.93
CA THR A 40 -2.80 3.32 -9.89
C THR A 40 -3.44 2.79 -11.16
N GLU A 41 -2.81 3.07 -12.30
CA GLU A 41 -3.31 2.62 -13.59
C GLU A 41 -2.73 1.26 -13.96
N ASN A 42 -1.53 0.97 -13.45
CA ASN A 42 -0.87 -0.29 -13.73
C ASN A 42 -1.42 -1.40 -12.84
N VAL A 43 -2.74 -1.43 -12.69
CA VAL A 43 -3.40 -2.44 -11.87
C VAL A 43 -4.88 -2.53 -12.21
N ALA A 44 -5.42 -3.75 -12.14
CA ALA A 44 -6.83 -3.97 -12.43
C ALA A 44 -7.69 -3.73 -11.20
N LYS A 45 -7.59 -4.64 -10.22
CA LYS A 45 -8.36 -4.52 -8.99
C LYS A 45 -7.61 -3.67 -7.96
N PHE A 46 -8.36 -2.87 -7.22
CA PHE A 46 -7.77 -2.00 -6.20
C PHE A 46 -8.04 -2.55 -4.81
N HIS A 47 -7.08 -2.38 -3.91
CA HIS A 47 -7.20 -2.86 -2.54
C HIS A 47 -7.04 -1.71 -1.55
N CYS A 48 -8.12 -1.38 -0.84
CA CYS A 48 -8.09 -0.30 0.14
C CYS A 48 -6.81 -0.35 0.97
N PRO A 49 -6.20 0.83 1.16
CA PRO A 49 -4.96 0.95 1.94
C PRO A 49 -5.17 0.70 3.43
N HIS A 50 -6.42 0.76 3.86
CA HIS A 50 -6.77 0.54 5.26
C HIS A 50 -7.33 -0.87 5.47
N CYS A 51 -8.47 -1.13 4.85
CA CYS A 51 -9.11 -2.44 4.97
C CYS A 51 -8.87 -3.29 3.72
N ASP A 52 -9.50 -4.45 3.66
CA ASP A 52 -9.36 -5.34 2.53
C ASP A 52 -10.35 -4.99 1.43
N THR A 53 -11.40 -4.26 1.79
CA THR A 53 -12.42 -3.85 0.84
C THR A 53 -11.84 -3.65 -0.55
N VAL A 54 -12.36 -4.38 -1.53
CA VAL A 54 -11.89 -4.28 -2.90
C VAL A 54 -12.58 -3.14 -3.64
N ILE A 55 -11.80 -2.37 -4.39
CA ILE A 55 -12.34 -1.24 -5.15
C ILE A 55 -12.11 -1.43 -6.64
N ALA A 56 -13.12 -1.08 -7.44
CA ALA A 56 -13.03 -1.21 -8.89
C ALA A 56 -12.20 -0.06 -9.48
N ARG A 57 -12.81 1.11 -9.57
CA ARG A 57 -12.14 2.28 -10.12
C ARG A 57 -11.58 3.16 -9.01
N LYS A 58 -10.49 3.86 -9.30
CA LYS A 58 -9.86 4.74 -8.32
C LYS A 58 -10.86 5.80 -7.82
N SER A 59 -11.42 6.56 -8.75
CA SER A 59 -12.39 7.59 -8.39
C SER A 59 -13.29 7.13 -7.25
N ASP A 60 -13.61 5.84 -7.25
CA ASP A 60 -14.47 5.28 -6.21
C ASP A 60 -13.75 5.21 -4.87
N LEU A 61 -12.48 4.81 -4.91
CA LEU A 61 -11.67 4.71 -3.70
C LEU A 61 -12.02 5.82 -2.71
N GLY A 62 -12.27 7.02 -3.25
CA GLY A 62 -12.61 8.15 -2.41
C GLY A 62 -13.93 7.95 -1.68
N VAL A 63 -15.00 7.76 -2.44
CA VAL A 63 -16.32 7.56 -1.86
C VAL A 63 -16.27 6.55 -0.71
N HIS A 64 -15.47 5.52 -0.88
CA HIS A 64 -15.33 4.48 0.15
C HIS A 64 -14.53 5.00 1.33
N LEU A 65 -13.57 5.90 1.05
CA LEU A 65 -12.74 6.47 2.10
C LEU A 65 -13.52 7.47 2.94
N ARG A 66 -14.54 8.08 2.33
CA ARG A 66 -15.36 9.06 3.03
C ARG A 66 -16.60 8.39 3.62
N LYS A 67 -17.10 7.37 2.94
CA LYS A 67 -18.28 6.64 3.40
C LYS A 67 -17.93 5.72 4.55
N GLN A 68 -17.22 4.64 4.24
CA GLN A 68 -16.81 3.67 5.25
C GLN A 68 -15.91 4.31 6.30
N HIS A 69 -14.89 5.02 5.83
CA HIS A 69 -13.95 5.68 6.73
C HIS A 69 -14.29 7.17 6.86
N SER A 70 -13.68 7.82 7.85
CA SER A 70 -13.92 9.25 8.09
C SER A 70 -12.95 10.11 7.28
N TYR A 71 -13.40 10.58 6.13
CA TYR A 71 -12.57 11.42 5.27
C TYR A 71 -13.35 12.62 4.77
N SER A 72 -14.35 13.05 5.55
CA SER A 72 -15.17 14.19 5.19
C SER A 72 -14.69 15.45 5.91
N GLY A 73 -14.46 15.32 7.21
CA GLY A 73 -14.00 16.46 7.99
C GLY A 73 -14.59 16.47 9.39
N PRO A 74 -13.77 16.82 10.39
CA PRO A 74 -14.20 16.88 11.78
C PRO A 74 -15.17 18.04 12.05
N SER A 75 -15.55 18.72 10.99
CA SER A 75 -16.48 19.85 11.10
C SER A 75 -15.86 20.97 11.93
N SER A 76 -14.56 21.20 11.75
CA SER A 76 -13.85 22.24 12.48
C SER A 76 -14.26 23.63 11.98
N GLY A 77 -15.03 24.33 12.81
CA GLY A 77 -15.48 25.67 12.45
C GLY A 77 -16.25 26.35 13.56
N GLY A 1 41.00 17.74 -0.52
CA GLY A 1 39.70 17.10 -0.58
C GLY A 1 39.22 16.63 0.78
N SER A 2 37.91 16.53 0.94
CA SER A 2 37.32 16.09 2.20
C SER A 2 36.90 14.63 2.12
N SER A 3 36.61 14.03 3.28
CA SER A 3 36.20 12.64 3.35
C SER A 3 35.10 12.45 4.38
N GLY A 4 34.38 11.33 4.27
CA GLY A 4 33.30 11.06 5.20
C GLY A 4 31.96 10.89 4.51
N SER A 5 31.28 9.79 4.79
CA SER A 5 29.98 9.51 4.19
C SER A 5 29.17 8.56 5.05
N SER A 6 27.87 8.46 4.75
CA SER A 6 26.98 7.59 5.51
C SER A 6 26.02 6.84 4.58
N GLY A 7 25.87 5.54 4.81
CA GLY A 7 24.99 4.74 3.98
C GLY A 7 24.18 3.74 4.80
N ARG A 8 24.08 2.52 4.28
CA ARG A 8 23.33 1.48 4.96
C ARG A 8 24.09 0.14 4.91
N THR A 9 24.53 -0.32 6.08
CA THR A 9 25.27 -1.58 6.16
C THR A 9 24.56 -2.57 7.08
N HIS A 10 24.34 -3.78 6.57
CA HIS A 10 23.67 -4.82 7.35
C HIS A 10 22.23 -4.42 7.67
N SER A 11 21.52 -3.95 6.65
CA SER A 11 20.13 -3.53 6.83
C SER A 11 19.24 -4.11 5.73
N GLY A 12 18.11 -4.68 6.13
CA GLY A 12 17.20 -5.26 5.16
C GLY A 12 16.14 -6.13 5.82
N GLU A 13 15.02 -5.52 6.19
CA GLU A 13 13.94 -6.24 6.84
C GLU A 13 12.59 -5.62 6.49
N LYS A 14 11.84 -6.29 5.62
CA LYS A 14 10.53 -5.82 5.20
C LYS A 14 9.61 -6.99 4.84
N PRO A 15 8.61 -7.25 5.69
CA PRO A 15 7.66 -8.33 5.48
C PRO A 15 6.71 -8.05 4.31
N TYR A 16 6.89 -6.90 3.68
CA TYR A 16 6.05 -6.50 2.56
C TYR A 16 6.90 -6.07 1.37
N GLU A 17 6.33 -6.16 0.17
CA GLU A 17 7.04 -5.77 -1.04
C GLU A 17 6.08 -5.62 -2.21
N CYS A 18 6.41 -4.73 -3.14
CA CYS A 18 5.57 -4.47 -4.30
C CYS A 18 5.79 -5.53 -5.37
N TYR A 19 4.70 -6.14 -5.83
CA TYR A 19 4.78 -7.18 -6.85
C TYR A 19 4.88 -6.57 -8.24
N ILE A 20 5.29 -5.30 -8.30
CA ILE A 20 5.42 -4.60 -9.56
C ILE A 20 6.86 -4.08 -9.74
N CYS A 21 7.30 -3.27 -8.79
CA CYS A 21 8.65 -2.70 -8.85
C CYS A 21 9.56 -3.37 -7.82
N HIS A 22 9.09 -4.47 -7.25
CA HIS A 22 9.86 -5.22 -6.25
C HIS A 22 10.37 -4.27 -5.16
N ALA A 23 9.58 -3.25 -4.85
CA ALA A 23 9.95 -2.29 -3.83
C ALA A 23 9.51 -2.76 -2.44
N ARG A 24 10.46 -3.24 -1.65
CA ARG A 24 10.18 -3.73 -0.32
C ARG A 24 9.55 -2.63 0.53
N PHE A 25 8.81 -3.04 1.56
CA PHE A 25 8.15 -2.09 2.46
C PHE A 25 8.03 -2.66 3.87
N THR A 26 8.36 -1.85 4.86
CA THR A 26 8.29 -2.27 6.25
C THR A 26 6.93 -1.96 6.86
N GLN A 27 6.06 -1.36 6.05
CA GLN A 27 4.71 -1.01 6.51
C GLN A 27 3.66 -1.49 5.52
N SER A 28 2.71 -2.27 6.02
CA SER A 28 1.63 -2.80 5.18
C SER A 28 0.86 -1.67 4.50
N GLY A 29 0.71 -0.56 5.21
CA GLY A 29 -0.02 0.57 4.66
C GLY A 29 0.76 1.27 3.56
N THR A 30 2.05 1.48 3.79
CA THR A 30 2.90 2.14 2.81
C THR A 30 2.85 1.42 1.46
N MET A 31 3.08 0.11 1.48
CA MET A 31 3.06 -0.68 0.27
C MET A 31 1.75 -0.48 -0.49
N LYS A 32 0.64 -0.80 0.15
CA LYS A 32 -0.68 -0.65 -0.47
C LYS A 32 -0.87 0.77 -1.01
N MET A 33 -0.35 1.74 -0.28
CA MET A 33 -0.46 3.14 -0.68
C MET A 33 0.53 3.46 -1.80
N HIS A 34 1.52 2.59 -1.98
CA HIS A 34 2.52 2.78 -3.02
C HIS A 34 2.03 2.23 -4.36
N ILE A 35 1.46 1.03 -4.32
CA ILE A 35 0.95 0.40 -5.54
C ILE A 35 -0.17 1.23 -6.17
N LEU A 36 -0.84 2.02 -5.33
CA LEU A 36 -1.93 2.87 -5.81
C LEU A 36 -1.43 4.27 -6.12
N GLN A 37 -0.19 4.54 -5.77
CA GLN A 37 0.41 5.85 -6.01
C GLN A 37 1.29 5.82 -7.26
N LYS A 38 2.08 4.76 -7.40
CA LYS A 38 2.97 4.62 -8.55
C LYS A 38 2.30 3.77 -9.64
N HIS A 39 1.52 2.79 -9.24
CA HIS A 39 0.83 1.91 -10.18
C HIS A 39 -0.68 2.08 -10.07
N THR A 40 -1.12 3.33 -9.94
CA THR A 40 -2.55 3.63 -9.83
C THR A 40 -3.33 3.03 -10.99
N GLU A 41 -2.75 3.09 -12.18
CA GLU A 41 -3.39 2.56 -13.38
C GLU A 41 -2.83 1.17 -13.72
N ASN A 42 -1.51 1.07 -13.74
CA ASN A 42 -0.86 -0.20 -14.05
C ASN A 42 -1.62 -1.37 -13.45
N VAL A 43 -2.10 -1.19 -12.22
CA VAL A 43 -2.85 -2.23 -11.52
C VAL A 43 -4.26 -2.35 -12.07
N ALA A 44 -4.82 -3.55 -11.97
CA ALA A 44 -6.18 -3.79 -12.46
C ALA A 44 -7.20 -3.70 -11.33
N LYS A 45 -7.02 -4.54 -10.31
CA LYS A 45 -7.93 -4.54 -9.16
C LYS A 45 -7.37 -3.67 -8.03
N PHE A 46 -8.21 -2.76 -7.53
CA PHE A 46 -7.80 -1.87 -6.45
C PHE A 46 -8.14 -2.48 -5.09
N HIS A 47 -7.46 -2.00 -4.06
CA HIS A 47 -7.68 -2.50 -2.70
C HIS A 47 -7.40 -1.41 -1.67
N CYS A 48 -8.41 -1.04 -0.90
CA CYS A 48 -8.26 0.00 0.12
C CYS A 48 -6.92 -0.13 0.82
N PRO A 49 -6.22 1.00 0.98
CA PRO A 49 -4.91 1.05 1.64
C PRO A 49 -5.01 0.79 3.14
N HIS A 50 -6.22 0.54 3.61
CA HIS A 50 -6.45 0.28 5.03
C HIS A 50 -7.03 -1.12 5.24
N CYS A 51 -8.26 -1.32 4.77
CA CYS A 51 -8.92 -2.62 4.92
C CYS A 51 -8.91 -3.37 3.59
N ASP A 52 -9.55 -4.54 3.58
CA ASP A 52 -9.62 -5.36 2.38
C ASP A 52 -10.94 -5.15 1.64
N THR A 53 -10.94 -4.19 0.71
CA THR A 53 -12.13 -3.87 -0.06
C THR A 53 -11.78 -3.56 -1.51
N VAL A 54 -12.28 -4.37 -2.43
CA VAL A 54 -12.02 -4.17 -3.85
C VAL A 54 -12.68 -2.89 -4.36
N ILE A 55 -11.90 -2.05 -5.03
CA ILE A 55 -12.41 -0.80 -5.57
C ILE A 55 -12.28 -0.76 -7.10
N ALA A 56 -13.18 -1.47 -7.77
CA ALA A 56 -13.17 -1.51 -9.23
C ALA A 56 -12.54 -0.24 -9.81
N ARG A 57 -13.27 0.86 -9.73
CA ARG A 57 -12.79 2.14 -10.25
C ARG A 57 -12.21 3.00 -9.13
N LYS A 58 -11.11 3.68 -9.43
CA LYS A 58 -10.45 4.54 -8.45
C LYS A 58 -11.42 5.57 -7.89
N SER A 59 -12.10 6.28 -8.78
CA SER A 59 -13.06 7.31 -8.37
C SER A 59 -13.88 6.83 -7.17
N ASP A 60 -14.15 5.53 -7.12
CA ASP A 60 -14.92 4.95 -6.03
C ASP A 60 -14.09 4.89 -4.74
N LEU A 61 -12.81 4.58 -4.90
CA LEU A 61 -11.90 4.48 -3.76
C LEU A 61 -12.23 5.55 -2.71
N GLY A 62 -12.33 6.80 -3.17
CA GLY A 62 -12.65 7.89 -2.27
C GLY A 62 -13.91 7.64 -1.48
N VAL A 63 -15.03 7.49 -2.18
CA VAL A 63 -16.31 7.26 -1.52
C VAL A 63 -16.18 6.26 -0.39
N HIS A 64 -15.37 5.22 -0.61
CA HIS A 64 -15.15 4.19 0.40
C HIS A 64 -14.30 4.73 1.55
N LEU A 65 -13.32 5.56 1.22
CA LEU A 65 -12.43 6.13 2.22
C LEU A 65 -13.20 7.11 3.11
N ARG A 66 -14.17 7.80 2.53
CA ARG A 66 -14.97 8.76 3.27
C ARG A 66 -16.18 8.08 3.92
N LYS A 67 -16.68 7.04 3.26
CA LYS A 67 -17.84 6.31 3.76
C LYS A 67 -17.44 5.42 4.94
N GLN A 68 -16.61 4.42 4.67
CA GLN A 68 -16.16 3.51 5.71
C GLN A 68 -15.28 4.21 6.73
N HIS A 69 -14.31 4.99 6.23
CA HIS A 69 -13.41 5.72 7.11
C HIS A 69 -13.71 7.22 7.07
N SER A 70 -12.95 7.99 7.83
CA SER A 70 -13.15 9.43 7.88
C SER A 70 -12.03 10.16 7.14
N TYR A 71 -12.28 10.49 5.88
CA TYR A 71 -11.29 11.19 5.06
C TYR A 71 -11.93 12.35 4.30
N SER A 72 -12.86 13.04 4.96
CA SER A 72 -13.55 14.18 4.36
C SER A 72 -13.30 15.45 5.16
N GLY A 73 -12.86 15.29 6.40
CA GLY A 73 -12.60 16.44 7.25
C GLY A 73 -11.15 16.54 7.65
N PRO A 74 -10.47 17.61 7.19
CA PRO A 74 -9.06 17.84 7.48
C PRO A 74 -8.83 18.21 8.94
N SER A 75 -9.91 18.23 9.72
CA SER A 75 -9.82 18.57 11.14
C SER A 75 -8.77 19.65 11.37
N SER A 76 -8.74 20.64 10.49
CA SER A 76 -7.78 21.74 10.60
C SER A 76 -8.48 23.03 11.05
N GLY A 77 -7.79 23.81 11.87
CA GLY A 77 -8.35 25.06 12.34
C GLY A 77 -8.14 25.25 13.84
N GLY A 1 31.59 -32.61 0.39
CA GLY A 1 31.93 -31.50 1.26
C GLY A 1 31.45 -30.17 0.72
N SER A 2 30.15 -30.06 0.48
CA SER A 2 29.56 -28.83 -0.04
C SER A 2 28.72 -28.14 1.03
N SER A 3 29.04 -26.86 1.28
CA SER A 3 28.31 -26.09 2.28
C SER A 3 28.73 -24.62 2.22
N GLY A 4 27.79 -23.76 1.84
CA GLY A 4 28.08 -22.35 1.75
C GLY A 4 26.96 -21.49 2.33
N SER A 5 27.18 -20.96 3.53
CA SER A 5 26.19 -20.13 4.20
C SER A 5 25.68 -19.04 3.27
N SER A 6 24.38 -19.02 3.04
CA SER A 6 23.77 -18.03 2.17
C SER A 6 24.19 -16.61 2.57
N GLY A 7 24.05 -16.31 3.86
CA GLY A 7 24.42 -15.00 4.36
C GLY A 7 23.48 -13.91 3.87
N ARG A 8 22.71 -13.34 4.79
CA ARG A 8 21.76 -12.29 4.45
C ARG A 8 21.78 -11.18 5.50
N THR A 9 22.37 -10.04 5.14
CA THR A 9 22.46 -8.91 6.05
C THR A 9 22.15 -7.60 5.32
N HIS A 10 21.20 -6.84 5.86
CA HIS A 10 20.83 -5.55 5.26
C HIS A 10 20.08 -4.70 6.27
N SER A 11 20.48 -3.43 6.37
CA SER A 11 19.85 -2.50 7.31
C SER A 11 18.52 -1.99 6.75
N GLY A 12 17.70 -2.92 6.27
CA GLY A 12 16.41 -2.56 5.71
C GLY A 12 15.39 -3.68 5.81
N GLU A 13 15.17 -4.17 7.03
CA GLU A 13 14.22 -5.25 7.26
C GLU A 13 12.82 -4.85 6.80
N LYS A 14 12.26 -5.61 5.87
CA LYS A 14 10.93 -5.33 5.34
C LYS A 14 10.24 -6.62 4.89
N PRO A 15 9.27 -7.08 5.68
CA PRO A 15 8.52 -8.31 5.38
C PRO A 15 7.60 -8.14 4.18
N TYR A 16 7.58 -6.94 3.62
CA TYR A 16 6.74 -6.64 2.46
C TYR A 16 7.57 -6.05 1.32
N GLU A 17 7.02 -6.12 0.11
CA GLU A 17 7.71 -5.60 -1.07
C GLU A 17 6.76 -5.51 -2.25
N CYS A 18 6.89 -4.44 -3.04
CA CYS A 18 6.04 -4.23 -4.20
C CYS A 18 6.38 -5.24 -5.30
N TYR A 19 5.36 -5.92 -5.80
CA TYR A 19 5.54 -6.92 -6.86
C TYR A 19 5.54 -6.25 -8.23
N ILE A 20 5.75 -4.95 -8.25
CA ILE A 20 5.77 -4.20 -9.50
C ILE A 20 7.15 -3.61 -9.77
N CYS A 21 7.67 -2.86 -8.81
CA CYS A 21 8.98 -2.24 -8.94
C CYS A 21 9.99 -2.91 -8.01
N HIS A 22 9.52 -3.87 -7.22
CA HIS A 22 10.38 -4.58 -6.29
C HIS A 22 10.86 -3.66 -5.16
N ALA A 23 9.99 -2.75 -4.75
CA ALA A 23 10.32 -1.82 -3.68
C ALA A 23 9.88 -2.35 -2.32
N ARG A 24 10.85 -2.78 -1.51
CA ARG A 24 10.58 -3.31 -0.19
C ARG A 24 9.82 -2.29 0.66
N PHE A 25 9.11 -2.79 1.67
CA PHE A 25 8.35 -1.92 2.56
C PHE A 25 8.25 -2.52 3.96
N THR A 26 8.79 -1.81 4.95
CA THR A 26 8.77 -2.27 6.32
C THR A 26 7.33 -2.45 6.82
N GLN A 27 6.39 -1.84 6.13
CA GLN A 27 4.98 -1.93 6.50
C GLN A 27 4.13 -2.32 5.30
N SER A 28 2.95 -2.87 5.57
CA SER A 28 2.03 -3.30 4.51
C SER A 28 1.26 -2.11 3.96
N GLY A 29 0.76 -1.27 4.86
CA GLY A 29 -0.01 -0.11 4.46
C GLY A 29 0.75 0.77 3.48
N THR A 30 2.02 1.04 3.80
CA THR A 30 2.85 1.88 2.94
C THR A 30 2.97 1.29 1.53
N MET A 31 3.22 -0.01 1.47
CA MET A 31 3.35 -0.70 0.18
C MET A 31 2.06 -0.61 -0.61
N LYS A 32 0.97 -1.08 -0.02
CA LYS A 32 -0.34 -1.04 -0.67
C LYS A 32 -0.61 0.32 -1.29
N MET A 33 -0.38 1.38 -0.50
CA MET A 33 -0.61 2.74 -0.97
C MET A 33 0.36 3.08 -2.10
N HIS A 34 1.55 2.49 -2.06
CA HIS A 34 2.56 2.74 -3.08
C HIS A 34 2.14 2.14 -4.42
N ILE A 35 1.54 0.95 -4.36
CA ILE A 35 1.09 0.27 -5.57
C ILE A 35 -0.12 0.97 -6.18
N LEU A 36 -0.92 1.62 -5.33
CA LEU A 36 -2.11 2.32 -5.79
C LEU A 36 -1.80 3.80 -6.03
N GLN A 37 -0.60 4.22 -5.63
CA GLN A 37 -0.18 5.61 -5.82
C GLN A 37 0.76 5.74 -7.00
N LYS A 38 1.66 4.76 -7.15
CA LYS A 38 2.62 4.78 -8.24
C LYS A 38 2.14 3.89 -9.39
N HIS A 39 1.43 2.82 -9.06
CA HIS A 39 0.91 1.90 -10.06
C HIS A 39 -0.61 1.87 -10.03
N THR A 40 -1.23 3.03 -10.07
CA THR A 40 -2.68 3.14 -10.04
C THR A 40 -3.29 2.68 -11.36
N GLU A 41 -2.57 2.93 -12.45
CA GLU A 41 -3.04 2.53 -13.78
C GLU A 41 -2.64 1.10 -14.09
N ASN A 42 -1.51 0.67 -13.55
CA ASN A 42 -1.02 -0.69 -13.78
C ASN A 42 -1.77 -1.68 -12.90
N VAL A 43 -3.10 -1.58 -12.91
CA VAL A 43 -3.93 -2.48 -12.11
C VAL A 43 -5.42 -2.26 -12.42
N ALA A 44 -6.19 -3.34 -12.37
CA ALA A 44 -7.62 -3.26 -12.63
C ALA A 44 -8.42 -3.22 -11.33
N LYS A 45 -8.23 -4.24 -10.50
CA LYS A 45 -8.93 -4.32 -9.23
C LYS A 45 -8.25 -3.46 -8.17
N PHE A 46 -9.06 -2.70 -7.42
CA PHE A 46 -8.52 -1.82 -6.38
C PHE A 46 -8.86 -2.37 -4.99
N HIS A 47 -7.96 -2.12 -4.04
CA HIS A 47 -8.16 -2.59 -2.67
C HIS A 47 -7.85 -1.47 -1.67
N CYS A 48 -8.71 -1.33 -0.67
CA CYS A 48 -8.53 -0.31 0.35
C CYS A 48 -7.27 -0.57 1.16
N PRO A 49 -6.43 0.47 1.30
CA PRO A 49 -5.17 0.38 2.05
C PRO A 49 -5.39 0.26 3.55
N HIS A 50 -6.65 0.14 3.95
CA HIS A 50 -7.00 0.00 5.35
C HIS A 50 -7.69 -1.33 5.61
N CYS A 51 -8.94 -1.44 5.17
CA CYS A 51 -9.70 -2.67 5.36
C CYS A 51 -9.68 -3.53 4.09
N ASP A 52 -10.19 -4.75 4.21
CA ASP A 52 -10.22 -5.68 3.08
C ASP A 52 -11.50 -5.48 2.27
N THR A 53 -11.52 -4.44 1.44
CA THR A 53 -12.67 -4.14 0.61
C THR A 53 -12.26 -3.92 -0.84
N VAL A 54 -13.17 -4.24 -1.76
CA VAL A 54 -12.90 -4.08 -3.19
C VAL A 54 -13.44 -2.74 -3.71
N ILE A 55 -12.67 -2.10 -4.57
CA ILE A 55 -13.07 -0.83 -5.14
C ILE A 55 -13.05 -0.87 -6.67
N ALA A 56 -14.15 -0.41 -7.28
CA ALA A 56 -14.26 -0.40 -8.73
C ALA A 56 -12.99 0.17 -9.37
N ARG A 57 -12.83 1.49 -9.29
CA ARG A 57 -11.66 2.15 -9.86
C ARG A 57 -11.08 3.16 -8.87
N LYS A 58 -10.01 3.83 -9.29
CA LYS A 58 -9.35 4.82 -8.45
C LYS A 58 -10.36 5.81 -7.88
N SER A 59 -10.95 6.63 -8.76
CA SER A 59 -11.93 7.62 -8.34
C SER A 59 -12.87 7.04 -7.30
N ASP A 60 -13.31 5.81 -7.53
CA ASP A 60 -14.23 5.13 -6.60
C ASP A 60 -13.59 4.98 -5.23
N LEU A 61 -12.32 4.59 -5.21
CA LEU A 61 -11.59 4.41 -3.96
C LEU A 61 -12.00 5.47 -2.93
N GLY A 62 -11.90 6.73 -3.32
CA GLY A 62 -12.26 7.81 -2.42
C GLY A 62 -13.60 7.59 -1.75
N VAL A 63 -14.66 7.53 -2.54
CA VAL A 63 -16.00 7.30 -2.02
C VAL A 63 -15.98 6.33 -0.84
N HIS A 64 -15.29 5.21 -1.03
CA HIS A 64 -15.19 4.19 0.01
C HIS A 64 -14.47 4.74 1.24
N LEU A 65 -13.44 5.55 1.00
CA LEU A 65 -12.67 6.14 2.09
C LEU A 65 -13.52 7.13 2.88
N ARG A 66 -14.29 7.95 2.16
CA ARG A 66 -15.14 8.94 2.79
C ARG A 66 -16.38 8.29 3.40
N LYS A 67 -16.83 7.21 2.77
CA LYS A 67 -18.00 6.49 3.25
C LYS A 67 -17.69 5.71 4.53
N GLN A 68 -16.99 4.59 4.36
CA GLN A 68 -16.64 3.75 5.50
C GLN A 68 -15.79 4.53 6.50
N HIS A 69 -14.75 5.18 6.01
CA HIS A 69 -13.86 5.97 6.85
C HIS A 69 -14.15 7.46 6.72
N SER A 70 -13.40 8.27 7.46
CA SER A 70 -13.58 9.73 7.42
C SER A 70 -12.28 10.43 7.04
N TYR A 71 -12.14 10.75 5.77
CA TYR A 71 -10.95 11.43 5.28
C TYR A 71 -11.31 12.74 4.60
N SER A 72 -10.73 13.84 5.11
CA SER A 72 -10.99 15.16 4.55
C SER A 72 -10.51 15.25 3.11
N GLY A 73 -11.35 15.79 2.24
CA GLY A 73 -10.99 15.93 0.85
C GLY A 73 -11.60 17.18 0.21
N PRO A 74 -10.95 17.68 -0.85
CA PRO A 74 -11.40 18.87 -1.57
C PRO A 74 -12.69 18.62 -2.35
N SER A 75 -13.16 17.38 -2.34
CA SER A 75 -14.38 17.01 -3.04
C SER A 75 -15.59 17.08 -2.12
N SER A 76 -15.67 18.17 -1.36
CA SER A 76 -16.78 18.37 -0.43
C SER A 76 -17.58 19.61 -0.79
N GLY A 77 -17.80 19.83 -2.09
CA GLY A 77 -18.54 20.97 -2.54
C GLY A 77 -17.94 22.28 -2.06
N GLY A 1 45.49 -24.85 -8.89
CA GLY A 1 44.41 -23.87 -8.87
C GLY A 1 43.75 -23.78 -7.51
N SER A 2 43.99 -22.69 -6.80
CA SER A 2 43.42 -22.49 -5.47
C SER A 2 43.07 -21.02 -5.25
N SER A 3 41.87 -20.77 -4.74
CA SER A 3 41.41 -19.41 -4.48
C SER A 3 40.14 -19.42 -3.64
N GLY A 4 40.07 -18.48 -2.69
CA GLY A 4 38.90 -18.40 -1.82
C GLY A 4 37.89 -17.38 -2.32
N SER A 5 36.63 -17.58 -1.95
CA SER A 5 35.57 -16.68 -2.35
C SER A 5 34.53 -16.52 -1.24
N SER A 6 33.96 -15.32 -1.13
CA SER A 6 32.96 -15.04 -0.12
C SER A 6 32.20 -13.76 -0.43
N GLY A 7 31.18 -13.47 0.36
CA GLY A 7 30.39 -12.26 0.15
C GLY A 7 29.10 -12.28 0.93
N ARG A 8 29.19 -11.95 2.22
CA ARG A 8 28.02 -11.93 3.09
C ARG A 8 27.29 -10.59 2.97
N THR A 9 26.01 -10.65 2.63
CA THR A 9 25.20 -9.45 2.49
C THR A 9 24.09 -9.40 3.53
N HIS A 10 24.10 -8.36 4.36
CA HIS A 10 23.09 -8.21 5.41
C HIS A 10 22.05 -7.17 5.00
N SER A 11 20.93 -7.65 4.46
CA SER A 11 19.86 -6.77 4.03
C SER A 11 19.00 -6.32 5.21
N GLY A 12 18.19 -5.29 4.99
CA GLY A 12 17.33 -4.79 6.05
C GLY A 12 16.28 -5.80 6.47
N GLU A 13 15.05 -5.32 6.67
CA GLU A 13 13.95 -6.18 7.08
C GLU A 13 12.61 -5.59 6.69
N LYS A 14 11.88 -6.27 5.82
CA LYS A 14 10.58 -5.81 5.36
C LYS A 14 9.68 -6.98 4.98
N PRO A 15 8.70 -7.29 5.85
CA PRO A 15 7.76 -8.39 5.63
C PRO A 15 6.79 -8.10 4.49
N TYR A 16 6.95 -6.94 3.86
CA TYR A 16 6.09 -6.54 2.76
C TYR A 16 6.91 -6.08 1.56
N GLU A 17 6.30 -6.13 0.38
CA GLU A 17 6.97 -5.72 -0.84
C GLU A 17 6.00 -5.61 -2.00
N CYS A 18 6.23 -4.65 -2.89
CA CYS A 18 5.36 -4.44 -4.04
C CYS A 18 5.53 -5.57 -5.06
N TYR A 19 4.40 -6.12 -5.51
CA TYR A 19 4.42 -7.20 -6.49
C TYR A 19 4.43 -6.65 -7.91
N ILE A 20 4.75 -5.37 -8.03
CA ILE A 20 4.81 -4.73 -9.35
C ILE A 20 6.23 -4.33 -9.71
N CYS A 21 6.88 -3.58 -8.82
CA CYS A 21 8.25 -3.14 -9.04
C CYS A 21 9.21 -3.90 -8.13
N HIS A 22 8.67 -4.67 -7.20
CA HIS A 22 9.48 -5.45 -6.27
C HIS A 22 10.09 -4.54 -5.20
N ALA A 23 9.39 -3.45 -4.89
CA ALA A 23 9.85 -2.50 -3.88
C ALA A 23 9.45 -2.94 -2.48
N ARG A 24 10.43 -3.40 -1.70
CA ARG A 24 10.18 -3.84 -0.34
C ARG A 24 9.58 -2.73 0.50
N PHE A 25 8.93 -3.11 1.60
CA PHE A 25 8.31 -2.13 2.50
C PHE A 25 8.23 -2.67 3.91
N THR A 26 8.82 -1.94 4.86
CA THR A 26 8.82 -2.35 6.26
C THR A 26 7.40 -2.34 6.83
N GLN A 27 6.49 -1.68 6.13
CA GLN A 27 5.10 -1.60 6.56
C GLN A 27 4.15 -1.94 5.42
N SER A 28 3.00 -2.50 5.77
CA SER A 28 2.01 -2.88 4.77
C SER A 28 1.31 -1.64 4.19
N GLY A 29 1.09 -0.65 5.04
CA GLY A 29 0.44 0.57 4.60
C GLY A 29 1.26 1.32 3.56
N THR A 30 2.53 1.55 3.88
CA THR A 30 3.43 2.26 2.97
C THR A 30 3.42 1.62 1.59
N MET A 31 3.44 0.29 1.55
CA MET A 31 3.44 -0.44 0.29
C MET A 31 2.12 -0.25 -0.44
N LYS A 32 1.01 -0.52 0.24
CA LYS A 32 -0.31 -0.38 -0.34
C LYS A 32 -0.46 0.97 -1.04
N MET A 33 -0.01 2.02 -0.37
CA MET A 33 -0.09 3.37 -0.93
C MET A 33 0.82 3.51 -2.15
N HIS A 34 2.00 2.91 -2.08
CA HIS A 34 2.96 2.97 -3.18
C HIS A 34 2.36 2.36 -4.44
N ILE A 35 1.60 1.28 -4.27
CA ILE A 35 0.97 0.61 -5.41
C ILE A 35 -0.14 1.45 -6.00
N LEU A 36 -0.82 2.22 -5.15
CA LEU A 36 -1.91 3.08 -5.60
C LEU A 36 -1.39 4.48 -5.93
N GLN A 37 -0.13 4.74 -5.60
CA GLN A 37 0.47 6.04 -5.88
C GLN A 37 1.32 5.99 -7.15
N LYS A 38 2.08 4.92 -7.32
CA LYS A 38 2.92 4.76 -8.50
C LYS A 38 2.23 3.90 -9.55
N HIS A 39 1.46 2.92 -9.10
CA HIS A 39 0.74 2.03 -10.00
C HIS A 39 -0.77 2.22 -9.86
N THR A 40 -1.21 3.46 -9.93
CA THR A 40 -2.63 3.79 -9.81
C THR A 40 -3.40 3.32 -11.04
N GLU A 41 -2.73 3.33 -12.19
CA GLU A 41 -3.36 2.91 -13.43
C GLU A 41 -2.90 1.51 -13.83
N ASN A 42 -1.70 1.14 -13.41
CA ASN A 42 -1.15 -0.18 -13.71
C ASN A 42 -1.80 -1.24 -12.84
N VAL A 43 -3.13 -1.22 -12.76
CA VAL A 43 -3.86 -2.19 -11.96
C VAL A 43 -5.36 -2.16 -12.28
N ALA A 44 -6.01 -3.31 -12.18
CA ALA A 44 -7.43 -3.40 -12.46
C ALA A 44 -8.26 -3.18 -11.19
N LYS A 45 -8.05 -4.03 -10.20
CA LYS A 45 -8.78 -3.92 -8.93
C LYS A 45 -8.03 -3.02 -7.96
N PHE A 46 -8.77 -2.09 -7.33
CA PHE A 46 -8.17 -1.16 -6.37
C PHE A 46 -8.46 -1.61 -4.95
N HIS A 47 -7.43 -2.10 -4.27
CA HIS A 47 -7.56 -2.55 -2.89
C HIS A 47 -7.32 -1.41 -1.92
N CYS A 48 -8.22 -1.27 -0.95
CA CYS A 48 -8.12 -0.22 0.05
C CYS A 48 -6.84 -0.37 0.87
N PRO A 49 -6.16 0.76 1.12
CA PRO A 49 -4.91 0.78 1.89
C PRO A 49 -5.14 0.47 3.36
N HIS A 50 -6.30 0.87 3.88
CA HIS A 50 -6.64 0.63 5.28
C HIS A 50 -7.11 -0.80 5.48
N CYS A 51 -8.27 -1.13 4.92
CA CYS A 51 -8.84 -2.47 5.04
C CYS A 51 -8.67 -3.25 3.73
N ASP A 52 -9.01 -4.53 3.78
CA ASP A 52 -8.91 -5.38 2.60
C ASP A 52 -10.23 -5.39 1.82
N THR A 53 -10.44 -4.35 1.02
CA THR A 53 -11.66 -4.23 0.23
C THR A 53 -11.33 -3.88 -1.22
N VAL A 54 -11.94 -4.62 -2.14
CA VAL A 54 -11.72 -4.39 -3.56
C VAL A 54 -12.51 -3.19 -4.06
N ILE A 55 -11.87 -2.34 -4.85
CA ILE A 55 -12.52 -1.15 -5.40
C ILE A 55 -12.39 -1.10 -6.92
N ALA A 56 -13.53 -0.99 -7.60
CA ALA A 56 -13.54 -0.92 -9.06
C ALA A 56 -12.36 -0.11 -9.57
N ARG A 57 -12.44 1.20 -9.45
CA ARG A 57 -11.37 2.09 -9.92
C ARG A 57 -11.04 3.14 -8.85
N LYS A 58 -10.08 4.00 -9.17
CA LYS A 58 -9.67 5.05 -8.25
C LYS A 58 -10.86 5.89 -7.81
N SER A 59 -11.51 6.54 -8.77
CA SER A 59 -12.67 7.39 -8.47
C SER A 59 -13.60 6.70 -7.48
N ASP A 60 -13.69 5.38 -7.59
CA ASP A 60 -14.55 4.61 -6.69
C ASP A 60 -13.93 4.52 -5.29
N LEU A 61 -12.62 4.39 -5.23
CA LEU A 61 -11.91 4.30 -3.96
C LEU A 61 -12.41 5.36 -2.98
N GLY A 62 -12.24 6.63 -3.36
CA GLY A 62 -12.69 7.71 -2.51
C GLY A 62 -13.99 7.41 -1.80
N VAL A 63 -15.05 7.23 -2.57
CA VAL A 63 -16.37 6.92 -2.01
C VAL A 63 -16.25 5.95 -0.84
N HIS A 64 -15.44 4.90 -1.02
CA HIS A 64 -15.25 3.90 0.02
C HIS A 64 -14.52 4.50 1.22
N LEU A 65 -13.63 5.45 0.96
CA LEU A 65 -12.88 6.10 2.01
C LEU A 65 -13.77 7.00 2.85
N ARG A 66 -14.65 7.74 2.18
CA ARG A 66 -15.57 8.64 2.86
C ARG A 66 -16.72 7.86 3.52
N LYS A 67 -17.10 6.76 2.90
CA LYS A 67 -18.19 5.92 3.41
C LYS A 67 -17.71 5.10 4.60
N GLN A 68 -16.94 4.05 4.32
CA GLN A 68 -16.42 3.18 5.37
C GLN A 68 -15.60 3.98 6.38
N HIS A 69 -14.67 4.79 5.87
CA HIS A 69 -13.82 5.61 6.73
C HIS A 69 -14.25 7.07 6.68
N SER A 70 -13.57 7.91 7.47
CA SER A 70 -13.87 9.34 7.51
C SER A 70 -12.70 10.16 6.98
N TYR A 71 -12.81 10.61 5.73
CA TYR A 71 -11.77 11.40 5.11
C TYR A 71 -12.35 12.60 4.37
N SER A 72 -12.53 13.70 5.08
CA SER A 72 -13.10 14.92 4.50
C SER A 72 -13.01 16.09 5.48
N GLY A 73 -13.44 17.26 5.03
CA GLY A 73 -13.41 18.44 5.87
C GLY A 73 -14.63 18.55 6.75
N PRO A 74 -15.42 19.63 6.54
CA PRO A 74 -16.63 19.88 7.31
C PRO A 74 -17.74 18.89 6.98
N SER A 75 -18.92 19.10 7.58
CA SER A 75 -20.05 18.22 7.35
C SER A 75 -21.07 18.87 6.40
N SER A 76 -21.80 18.04 5.67
CA SER A 76 -22.80 18.52 4.74
C SER A 76 -24.18 18.01 5.09
N GLY A 77 -25.21 18.80 4.78
CA GLY A 77 -26.57 18.41 5.07
C GLY A 77 -27.41 18.24 3.82
N GLY A 1 28.09 -30.14 20.76
CA GLY A 1 28.41 -29.10 19.80
C GLY A 1 27.25 -28.16 19.54
N SER A 2 27.56 -26.91 19.23
CA SER A 2 26.52 -25.91 18.96
C SER A 2 26.94 -25.00 17.81
N SER A 3 25.98 -24.71 16.93
CA SER A 3 26.24 -23.86 15.78
C SER A 3 24.94 -23.26 15.24
N GLY A 4 24.93 -21.94 15.09
CA GLY A 4 23.74 -21.26 14.59
C GLY A 4 24.06 -19.91 13.97
N SER A 5 25.03 -19.90 13.06
CA SER A 5 25.44 -18.67 12.39
C SER A 5 26.30 -18.97 11.17
N SER A 6 26.09 -18.19 10.10
CA SER A 6 26.84 -18.38 8.86
C SER A 6 26.51 -17.27 7.86
N GLY A 7 27.39 -17.08 6.89
CA GLY A 7 27.17 -16.06 5.88
C GLY A 7 25.71 -15.96 5.47
N ARG A 8 25.26 -14.74 5.18
CA ARG A 8 23.88 -14.51 4.78
C ARG A 8 23.77 -13.25 3.94
N THR A 9 23.03 -13.34 2.84
CA THR A 9 22.83 -12.21 1.94
C THR A 9 22.41 -10.97 2.71
N HIS A 10 22.77 -9.80 2.19
CA HIS A 10 22.41 -8.53 2.82
C HIS A 10 21.05 -8.05 2.37
N SER A 11 20.06 -8.18 3.25
CA SER A 11 18.69 -7.77 2.94
C SER A 11 18.20 -6.73 3.94
N GLY A 12 17.02 -6.17 3.67
CA GLY A 12 16.46 -5.17 4.57
C GLY A 12 15.36 -5.75 5.44
N GLU A 13 14.83 -4.92 6.35
CA GLU A 13 13.78 -5.36 7.25
C GLU A 13 12.41 -4.85 6.79
N LYS A 14 11.76 -5.63 5.93
CA LYS A 14 10.45 -5.26 5.41
C LYS A 14 9.63 -6.51 5.09
N PRO A 15 8.64 -6.79 5.95
CA PRO A 15 7.75 -7.96 5.78
C PRO A 15 6.82 -7.81 4.58
N TYR A 16 6.97 -6.71 3.86
CA TYR A 16 6.14 -6.44 2.69
C TYR A 16 6.99 -5.98 1.51
N GLU A 17 6.46 -6.15 0.30
CA GLU A 17 7.17 -5.75 -0.91
C GLU A 17 6.21 -5.61 -2.09
N CYS A 18 6.50 -4.69 -2.99
CA CYS A 18 5.67 -4.46 -4.16
C CYS A 18 5.94 -5.51 -5.24
N TYR A 19 4.88 -6.18 -5.67
CA TYR A 19 5.01 -7.22 -6.70
C TYR A 19 5.04 -6.60 -8.09
N ILE A 20 5.33 -5.30 -8.16
CA ILE A 20 5.38 -4.58 -9.42
C ILE A 20 6.80 -4.07 -9.70
N CYS A 21 7.36 -3.37 -8.73
CA CYS A 21 8.70 -2.82 -8.86
C CYS A 21 9.66 -3.47 -7.88
N HIS A 22 9.16 -4.45 -7.13
CA HIS A 22 9.97 -5.15 -6.14
C HIS A 22 10.43 -4.20 -5.04
N ALA A 23 9.60 -3.19 -4.76
CA ALA A 23 9.92 -2.22 -3.73
C ALA A 23 9.55 -2.74 -2.34
N ARG A 24 10.54 -2.95 -1.50
CA ARG A 24 10.31 -3.45 -0.15
C ARG A 24 9.70 -2.37 0.74
N PHE A 25 8.80 -2.77 1.62
CA PHE A 25 8.14 -1.84 2.52
C PHE A 25 8.05 -2.41 3.93
N THR A 26 8.45 -1.62 4.92
CA THR A 26 8.42 -2.04 6.31
C THR A 26 6.98 -2.11 6.83
N GLN A 27 6.09 -1.39 6.17
CA GLN A 27 4.68 -1.37 6.56
C GLN A 27 3.78 -1.73 5.39
N SER A 28 2.59 -2.24 5.69
CA SER A 28 1.64 -2.62 4.65
C SER A 28 0.93 -1.39 4.09
N GLY A 29 0.72 -0.39 4.94
CA GLY A 29 0.06 0.83 4.51
C GLY A 29 0.85 1.57 3.46
N THR A 30 2.13 1.82 3.74
CA THR A 30 2.99 2.54 2.81
C THR A 30 3.04 1.84 1.46
N MET A 31 3.19 0.53 1.47
CA MET A 31 3.25 -0.24 0.24
C MET A 31 1.95 -0.08 -0.57
N LYS A 32 0.83 -0.42 0.06
CA LYS A 32 -0.47 -0.31 -0.59
C LYS A 32 -0.62 1.05 -1.28
N MET A 33 -0.30 2.11 -0.54
CA MET A 33 -0.40 3.46 -1.07
C MET A 33 0.57 3.66 -2.25
N HIS A 34 1.65 2.90 -2.24
CA HIS A 34 2.65 2.99 -3.29
C HIS A 34 2.17 2.30 -4.57
N ILE A 35 1.47 1.19 -4.40
CA ILE A 35 0.94 0.43 -5.54
C ILE A 35 -0.22 1.16 -6.18
N LEU A 36 -0.93 1.96 -5.39
CA LEU A 36 -2.07 2.72 -5.90
C LEU A 36 -1.65 4.13 -6.29
N GLN A 37 -0.43 4.51 -5.93
CA GLN A 37 0.09 5.83 -6.24
C GLN A 37 1.04 5.77 -7.43
N LYS A 38 1.82 4.69 -7.50
CA LYS A 38 2.78 4.52 -8.60
C LYS A 38 2.22 3.59 -9.66
N HIS A 39 1.38 2.65 -9.24
CA HIS A 39 0.77 1.70 -10.16
C HIS A 39 -0.75 1.78 -10.11
N THR A 40 -1.27 3.01 -10.18
CA THR A 40 -2.70 3.23 -10.14
C THR A 40 -3.39 2.62 -11.37
N GLU A 41 -2.77 2.79 -12.53
CA GLU A 41 -3.32 2.27 -13.77
C GLU A 41 -2.74 0.89 -14.08
N ASN A 42 -1.57 0.60 -13.53
CA ASN A 42 -0.90 -0.67 -13.75
C ASN A 42 -1.46 -1.75 -12.81
N VAL A 43 -2.78 -1.76 -12.65
CA VAL A 43 -3.44 -2.73 -11.79
C VAL A 43 -4.91 -2.88 -12.16
N ALA A 44 -5.46 -4.06 -11.88
CA ALA A 44 -6.87 -4.33 -12.17
C ALA A 44 -7.76 -4.05 -10.96
N LYS A 45 -7.58 -4.85 -9.91
CA LYS A 45 -8.37 -4.68 -8.69
C LYS A 45 -7.69 -3.72 -7.73
N PHE A 46 -8.48 -2.94 -7.02
CA PHE A 46 -7.96 -1.97 -6.06
C PHE A 46 -8.25 -2.41 -4.63
N HIS A 47 -7.23 -2.96 -3.97
CA HIS A 47 -7.38 -3.42 -2.58
C HIS A 47 -7.20 -2.26 -1.61
N CYS A 48 -8.30 -1.84 -0.99
CA CYS A 48 -8.25 -0.74 -0.03
C CYS A 48 -6.98 -0.80 0.82
N PRO A 49 -6.36 0.38 1.03
CA PRO A 49 -5.14 0.49 1.82
C PRO A 49 -5.38 0.23 3.30
N HIS A 50 -6.57 -0.26 3.64
CA HIS A 50 -6.93 -0.56 5.02
C HIS A 50 -7.53 -1.95 5.13
N CYS A 51 -8.72 -2.11 4.57
CA CYS A 51 -9.42 -3.39 4.61
C CYS A 51 -9.36 -4.09 3.25
N ASP A 52 -9.96 -5.28 3.18
CA ASP A 52 -9.98 -6.04 1.94
C ASP A 52 -11.23 -5.71 1.11
N THR A 53 -11.17 -4.59 0.39
CA THR A 53 -12.30 -4.17 -0.43
C THR A 53 -11.82 -3.71 -1.81
N VAL A 54 -12.28 -4.40 -2.84
CA VAL A 54 -11.90 -4.05 -4.21
C VAL A 54 -12.57 -2.76 -4.66
N ILE A 55 -11.80 -1.89 -5.32
CA ILE A 55 -12.31 -0.63 -5.80
C ILE A 55 -12.09 -0.47 -7.30
N ALA A 56 -12.97 -1.06 -8.09
CA ALA A 56 -12.88 -0.99 -9.54
C ALA A 56 -12.21 0.30 -9.98
N ARG A 57 -12.92 1.42 -9.84
CA ARG A 57 -12.39 2.72 -10.22
C ARG A 57 -11.89 3.49 -9.00
N LYS A 58 -10.88 4.32 -9.21
CA LYS A 58 -10.31 5.11 -8.13
C LYS A 58 -11.30 6.17 -7.65
N SER A 59 -11.90 6.88 -8.59
CA SER A 59 -12.87 7.93 -8.26
C SER A 59 -13.78 7.48 -7.12
N ASP A 60 -14.02 6.18 -7.03
CA ASP A 60 -14.87 5.63 -5.98
C ASP A 60 -14.08 5.43 -4.70
N LEU A 61 -12.83 5.00 -4.84
CA LEU A 61 -11.96 4.76 -3.69
C LEU A 61 -12.20 5.81 -2.60
N GLY A 62 -12.11 7.08 -2.98
CA GLY A 62 -12.31 8.16 -2.03
C GLY A 62 -13.60 7.99 -1.25
N VAL A 63 -14.72 7.92 -1.95
CA VAL A 63 -16.01 7.76 -1.31
C VAL A 63 -15.97 6.70 -0.21
N HIS A 64 -15.30 5.59 -0.51
CA HIS A 64 -15.18 4.49 0.45
C HIS A 64 -14.28 4.89 1.61
N LEU A 65 -13.22 5.62 1.31
CA LEU A 65 -12.27 6.08 2.33
C LEU A 65 -12.92 7.11 3.24
N ARG A 66 -13.97 7.76 2.75
CA ARG A 66 -14.68 8.77 3.52
C ARG A 66 -15.86 8.16 4.27
N LYS A 67 -16.61 7.30 3.58
CA LYS A 67 -17.76 6.65 4.17
C LYS A 67 -17.33 5.57 5.17
N GLN A 68 -16.82 4.46 4.65
CA GLN A 68 -16.38 3.37 5.49
C GLN A 68 -15.32 3.83 6.48
N HIS A 69 -14.31 4.55 5.97
CA HIS A 69 -13.23 5.06 6.81
C HIS A 69 -13.40 6.56 7.05
N SER A 70 -12.57 7.10 7.95
CA SER A 70 -12.63 8.52 8.28
C SER A 70 -11.49 9.27 7.60
N TYR A 71 -11.77 9.88 6.46
CA TYR A 71 -10.77 10.64 5.71
C TYR A 71 -11.32 11.99 5.28
N SER A 72 -11.27 12.96 6.19
CA SER A 72 -11.77 14.30 5.90
C SER A 72 -10.88 15.00 4.86
N GLY A 73 -11.50 15.83 4.03
CA GLY A 73 -10.75 16.54 3.00
C GLY A 73 -11.66 17.17 1.96
N PRO A 74 -11.93 18.47 2.12
CA PRO A 74 -12.80 19.22 1.20
C PRO A 74 -12.14 19.42 -0.17
N SER A 75 -12.57 18.63 -1.14
CA SER A 75 -12.02 18.72 -2.50
C SER A 75 -12.11 20.14 -3.02
N SER A 76 -11.01 20.63 -3.59
CA SER A 76 -10.96 21.98 -4.13
C SER A 76 -11.38 22.00 -5.60
N GLY A 77 -12.42 22.76 -5.90
CA GLY A 77 -12.90 22.84 -7.28
C GLY A 77 -13.98 21.82 -7.57
N GLY A 1 12.90 -41.44 8.48
CA GLY A 1 13.92 -40.58 7.92
C GLY A 1 14.17 -39.35 8.77
N SER A 2 15.06 -38.48 8.31
CA SER A 2 15.39 -37.27 9.04
C SER A 2 15.71 -36.12 8.07
N SER A 3 14.89 -35.07 8.12
CA SER A 3 15.08 -33.93 7.25
C SER A 3 14.80 -32.62 8.01
N GLY A 4 14.98 -31.50 7.32
CA GLY A 4 14.76 -30.21 7.94
C GLY A 4 15.06 -29.05 7.00
N SER A 5 14.75 -27.84 7.44
CA SER A 5 14.98 -26.65 6.64
C SER A 5 15.38 -25.46 7.52
N SER A 6 16.38 -24.72 7.08
CA SER A 6 16.87 -23.56 7.83
C SER A 6 17.20 -22.41 6.88
N GLY A 7 17.31 -21.21 7.44
CA GLY A 7 17.62 -20.04 6.64
C GLY A 7 18.94 -19.41 7.04
N ARG A 8 19.05 -18.10 6.83
CA ARG A 8 20.27 -17.37 7.17
C ARG A 8 20.23 -16.90 8.62
N THR A 9 19.26 -16.06 8.94
CA THR A 9 19.12 -15.55 10.29
C THR A 9 17.68 -15.11 10.58
N HIS A 10 17.13 -15.57 11.70
CA HIS A 10 15.77 -15.23 12.08
C HIS A 10 15.62 -13.72 12.24
N SER A 11 15.26 -13.05 11.14
CA SER A 11 15.08 -11.61 11.15
C SER A 11 14.44 -11.13 9.85
N GLY A 12 13.45 -10.25 9.98
CA GLY A 12 12.76 -9.73 8.80
C GLY A 12 12.86 -8.22 8.70
N GLU A 13 13.20 -7.72 7.52
CA GLU A 13 13.33 -6.30 7.29
C GLU A 13 12.01 -5.70 6.82
N LYS A 14 11.36 -6.38 5.88
CA LYS A 14 10.10 -5.91 5.33
C LYS A 14 9.22 -7.10 4.93
N PRO A 15 8.20 -7.38 5.75
CA PRO A 15 7.25 -8.49 5.50
C PRO A 15 6.35 -8.22 4.29
N TYR A 16 6.59 -7.10 3.62
CA TYR A 16 5.80 -6.73 2.45
C TYR A 16 6.70 -6.29 1.30
N GLU A 17 6.12 -6.20 0.11
CA GLU A 17 6.87 -5.78 -1.08
C GLU A 17 5.95 -5.65 -2.29
N CYS A 18 6.17 -4.61 -3.08
CA CYS A 18 5.37 -4.37 -4.27
C CYS A 18 5.64 -5.42 -5.34
N TYR A 19 4.58 -6.08 -5.78
CA TYR A 19 4.71 -7.12 -6.80
C TYR A 19 4.77 -6.51 -8.20
N ILE A 20 5.07 -5.22 -8.25
CA ILE A 20 5.17 -4.51 -9.53
C ILE A 20 6.58 -4.01 -9.79
N CYS A 21 7.13 -3.29 -8.82
CA CYS A 21 8.47 -2.76 -8.93
C CYS A 21 9.42 -3.43 -7.94
N HIS A 22 8.89 -4.40 -7.20
CA HIS A 22 9.69 -5.13 -6.22
C HIS A 22 10.13 -4.21 -5.08
N ALA A 23 9.34 -3.17 -4.84
CA ALA A 23 9.65 -2.21 -3.78
C ALA A 23 9.22 -2.75 -2.42
N ARG A 24 10.20 -3.23 -1.65
CA ARG A 24 9.93 -3.77 -0.32
C ARG A 24 9.33 -2.71 0.60
N PHE A 25 8.54 -3.15 1.57
CA PHE A 25 7.90 -2.24 2.52
C PHE A 25 7.81 -2.87 3.90
N THR A 26 8.21 -2.11 4.92
CA THR A 26 8.17 -2.60 6.29
C THR A 26 6.74 -2.62 6.82
N GLN A 27 5.85 -1.91 6.14
CA GLN A 27 4.44 -1.85 6.55
C GLN A 27 3.53 -2.05 5.35
N SER A 28 2.34 -2.60 5.61
CA SER A 28 1.37 -2.84 4.55
C SER A 28 0.76 -1.54 4.05
N GLY A 29 0.29 -0.72 4.99
CA GLY A 29 -0.33 0.55 4.63
C GLY A 29 0.53 1.33 3.65
N THR A 30 1.84 1.30 3.83
CA THR A 30 2.76 2.01 2.96
C THR A 30 2.81 1.37 1.57
N MET A 31 2.94 0.05 1.54
CA MET A 31 3.00 -0.68 0.29
C MET A 31 1.74 -0.45 -0.54
N LYS A 32 0.59 -0.68 0.08
CA LYS A 32 -0.69 -0.50 -0.59
C LYS A 32 -0.83 0.93 -1.11
N MET A 33 -0.36 1.89 -0.33
CA MET A 33 -0.44 3.29 -0.72
C MET A 33 0.55 3.60 -1.83
N HIS A 34 1.52 2.70 -2.03
CA HIS A 34 2.53 2.89 -3.05
C HIS A 34 2.04 2.36 -4.41
N ILE A 35 1.40 1.19 -4.37
CA ILE A 35 0.88 0.58 -5.59
C ILE A 35 -0.21 1.44 -6.22
N LEU A 36 -0.89 2.23 -5.39
CA LEU A 36 -1.95 3.10 -5.85
C LEU A 36 -1.42 4.50 -6.16
N GLN A 37 -0.16 4.73 -5.81
CA GLN A 37 0.47 6.03 -6.05
C GLN A 37 1.36 5.98 -7.28
N LYS A 38 2.12 4.89 -7.42
CA LYS A 38 3.00 4.72 -8.56
C LYS A 38 2.33 3.92 -9.66
N HIS A 39 1.50 2.96 -9.27
CA HIS A 39 0.78 2.12 -10.23
C HIS A 39 -0.72 2.34 -10.13
N THR A 40 -1.13 3.60 -10.07
CA THR A 40 -2.54 3.95 -9.97
C THR A 40 -3.31 3.46 -11.18
N GLU A 41 -2.70 3.57 -12.35
CA GLU A 41 -3.33 3.13 -13.59
C GLU A 41 -2.81 1.77 -14.02
N ASN A 42 -1.57 1.47 -13.64
CA ASN A 42 -0.95 0.19 -13.99
C ASN A 42 -1.47 -0.92 -13.08
N VAL A 43 -2.79 -1.02 -12.97
CA VAL A 43 -3.41 -2.05 -12.14
C VAL A 43 -4.89 -2.17 -12.45
N ALA A 44 -5.43 -3.38 -12.28
CA ALA A 44 -6.85 -3.64 -12.54
C ALA A 44 -7.65 -3.61 -11.25
N LYS A 45 -7.29 -4.46 -10.31
CA LYS A 45 -7.98 -4.54 -9.02
C LYS A 45 -7.37 -3.55 -8.03
N PHE A 46 -8.23 -2.74 -7.40
CA PHE A 46 -7.77 -1.77 -6.42
C PHE A 46 -8.00 -2.27 -5.00
N HIS A 47 -7.15 -1.84 -4.08
CA HIS A 47 -7.26 -2.24 -2.69
C HIS A 47 -7.13 -1.04 -1.76
N CYS A 48 -7.97 -1.00 -0.72
CA CYS A 48 -7.95 0.09 0.23
C CYS A 48 -6.64 0.11 1.03
N PRO A 49 -6.00 1.28 1.09
CA PRO A 49 -4.73 1.45 1.81
C PRO A 49 -4.91 1.35 3.32
N HIS A 50 -6.09 0.93 3.75
CA HIS A 50 -6.39 0.79 5.17
C HIS A 50 -6.85 -0.62 5.50
N CYS A 51 -8.06 -0.96 5.07
CA CYS A 51 -8.63 -2.28 5.31
C CYS A 51 -8.60 -3.12 4.04
N ASP A 52 -8.78 -4.44 4.21
CA ASP A 52 -8.78 -5.36 3.08
C ASP A 52 -10.08 -5.25 2.30
N THR A 53 -10.22 -4.22 1.47
CA THR A 53 -11.41 -4.02 0.68
C THR A 53 -11.07 -3.83 -0.80
N VAL A 54 -11.85 -4.47 -1.67
CA VAL A 54 -11.62 -4.36 -3.10
C VAL A 54 -12.41 -3.19 -3.69
N ILE A 55 -11.78 -2.49 -4.64
CA ILE A 55 -12.42 -1.35 -5.29
C ILE A 55 -12.34 -1.47 -6.81
N ALA A 56 -13.47 -1.23 -7.47
CA ALA A 56 -13.53 -1.31 -8.92
C ALA A 56 -12.46 -0.42 -9.56
N ARG A 57 -12.67 0.89 -9.50
CA ARG A 57 -11.72 1.84 -10.08
C ARG A 57 -11.22 2.81 -9.03
N LYS A 58 -10.37 3.74 -9.44
CA LYS A 58 -9.81 4.74 -8.53
C LYS A 58 -10.92 5.61 -7.93
N SER A 59 -11.60 6.36 -8.80
CA SER A 59 -12.69 7.23 -8.35
C SER A 59 -13.51 6.58 -7.25
N ASP A 60 -13.79 5.28 -7.43
CA ASP A 60 -14.57 4.54 -6.44
C ASP A 60 -13.85 4.49 -5.11
N LEU A 61 -12.55 4.23 -5.15
CA LEU A 61 -11.74 4.16 -3.93
C LEU A 61 -12.15 5.24 -2.93
N GLY A 62 -12.32 6.46 -3.44
CA GLY A 62 -12.71 7.57 -2.58
C GLY A 62 -13.98 7.27 -1.80
N VAL A 63 -15.08 7.07 -2.51
CA VAL A 63 -16.36 6.79 -1.87
C VAL A 63 -16.18 5.88 -0.66
N HIS A 64 -15.35 4.84 -0.82
CA HIS A 64 -15.09 3.90 0.26
C HIS A 64 -14.30 4.56 1.38
N LEU A 65 -13.36 5.44 1.01
CA LEU A 65 -12.55 6.14 1.98
C LEU A 65 -13.40 7.04 2.88
N ARG A 66 -14.38 7.70 2.27
CA ARG A 66 -15.27 8.59 3.01
C ARG A 66 -16.37 7.80 3.70
N LYS A 67 -16.84 6.74 3.04
CA LYS A 67 -17.90 5.89 3.59
C LYS A 67 -17.41 5.13 4.81
N GLN A 68 -16.41 4.28 4.60
CA GLN A 68 -15.84 3.49 5.69
C GLN A 68 -15.02 4.36 6.64
N HIS A 69 -14.11 5.15 6.06
CA HIS A 69 -13.27 6.02 6.86
C HIS A 69 -13.68 7.48 6.67
N SER A 70 -13.00 8.38 7.38
CA SER A 70 -13.31 9.80 7.31
C SER A 70 -12.22 10.54 6.53
N TYR A 71 -12.47 10.75 5.24
CA TYR A 71 -11.52 11.44 4.37
C TYR A 71 -12.18 12.63 3.68
N SER A 72 -12.37 13.71 4.43
CA SER A 72 -12.99 14.92 3.89
C SER A 72 -12.85 16.09 4.87
N GLY A 73 -13.21 17.28 4.41
CA GLY A 73 -13.11 18.45 5.25
C GLY A 73 -14.32 18.61 6.16
N PRO A 74 -14.08 19.07 7.39
CA PRO A 74 -15.14 19.27 8.39
C PRO A 74 -16.05 20.45 8.02
N SER A 75 -15.49 21.44 7.33
CA SER A 75 -16.25 22.61 6.93
C SER A 75 -17.19 22.28 5.78
N SER A 76 -18.11 23.19 5.49
CA SER A 76 -19.08 23.00 4.42
C SER A 76 -18.37 22.79 3.09
N GLY A 77 -18.44 21.56 2.57
CA GLY A 77 -17.79 21.25 1.31
C GLY A 77 -16.56 20.37 1.48
N GLY A 1 2.25 1.86 29.78
CA GLY A 1 2.76 1.78 28.42
C GLY A 1 3.17 0.38 28.04
N SER A 2 3.57 0.20 26.78
CA SER A 2 3.98 -1.10 26.28
C SER A 2 5.36 -1.03 25.64
N SER A 3 5.98 -2.20 25.43
CA SER A 3 7.30 -2.26 24.84
C SER A 3 7.60 -3.67 24.34
N GLY A 4 8.72 -3.83 23.65
CA GLY A 4 9.11 -5.12 23.13
C GLY A 4 10.16 -5.03 22.04
N SER A 5 11.06 -6.00 22.01
CA SER A 5 12.13 -6.03 21.01
C SER A 5 12.05 -7.28 20.14
N SER A 6 11.68 -7.10 18.88
CA SER A 6 11.55 -8.21 17.95
C SER A 6 12.64 -8.15 16.89
N GLY A 7 13.40 -9.24 16.77
CA GLY A 7 14.47 -9.30 15.78
C GLY A 7 14.14 -10.21 14.62
N ARG A 8 14.58 -9.83 13.43
CA ARG A 8 14.33 -10.63 12.23
C ARG A 8 15.52 -10.55 11.26
N THR A 9 15.67 -11.58 10.45
CA THR A 9 16.76 -11.64 9.49
C THR A 9 17.05 -10.27 8.90
N HIS A 10 18.32 -9.95 8.71
CA HIS A 10 18.73 -8.67 8.15
C HIS A 10 18.67 -8.70 6.62
N SER A 11 17.69 -9.40 6.08
CA SER A 11 17.52 -9.52 4.64
C SER A 11 16.12 -9.12 4.21
N GLY A 12 15.88 -7.81 4.11
CA GLY A 12 14.57 -7.32 3.71
C GLY A 12 13.90 -6.51 4.81
N GLU A 13 13.95 -7.01 6.03
CA GLU A 13 13.34 -6.33 7.17
C GLU A 13 12.00 -5.71 6.77
N LYS A 14 11.35 -6.32 5.79
CA LYS A 14 10.06 -5.83 5.31
C LYS A 14 9.15 -6.99 4.92
N PRO A 15 8.11 -7.24 5.73
CA PRO A 15 7.15 -8.31 5.49
C PRO A 15 6.26 -8.03 4.29
N TYR A 16 6.46 -6.87 3.67
CA TYR A 16 5.67 -6.49 2.50
C TYR A 16 6.58 -6.08 1.34
N GLU A 17 6.03 -6.12 0.13
CA GLU A 17 6.79 -5.76 -1.06
C GLU A 17 5.88 -5.63 -2.27
N CYS A 18 6.19 -4.68 -3.15
CA CYS A 18 5.39 -4.45 -4.34
C CYS A 18 5.68 -5.51 -5.40
N TYR A 19 4.64 -6.21 -5.82
CA TYR A 19 4.78 -7.26 -6.82
C TYR A 19 4.82 -6.67 -8.23
N ILE A 20 5.13 -5.38 -8.31
CA ILE A 20 5.21 -4.70 -9.60
C ILE A 20 6.62 -4.16 -9.84
N CYS A 21 7.14 -3.42 -8.88
CA CYS A 21 8.47 -2.85 -8.99
C CYS A 21 9.44 -3.52 -8.00
N HIS A 22 8.93 -4.50 -7.27
CA HIS A 22 9.74 -5.23 -6.30
C HIS A 22 10.21 -4.30 -5.19
N ALA A 23 9.37 -3.32 -4.85
CA ALA A 23 9.71 -2.36 -3.80
C ALA A 23 9.25 -2.87 -2.43
N ARG A 24 10.21 -3.27 -1.61
CA ARG A 24 9.91 -3.78 -0.28
C ARG A 24 9.32 -2.68 0.60
N PHE A 25 8.49 -3.07 1.55
CA PHE A 25 7.86 -2.12 2.46
C PHE A 25 7.67 -2.72 3.85
N THR A 26 7.92 -1.93 4.87
CA THR A 26 7.78 -2.38 6.25
C THR A 26 6.46 -1.93 6.85
N GLN A 27 5.53 -1.54 6.00
CA GLN A 27 4.21 -1.07 6.44
C GLN A 27 3.14 -1.44 5.43
N SER A 28 2.26 -2.36 5.80
CA SER A 28 1.18 -2.80 4.93
C SER A 28 0.49 -1.60 4.27
N GLY A 29 0.32 -0.53 5.04
CA GLY A 29 -0.32 0.66 4.51
C GLY A 29 0.53 1.36 3.46
N THR A 30 1.83 1.49 3.73
CA THR A 30 2.74 2.14 2.80
C THR A 30 2.74 1.44 1.45
N MET A 31 2.99 0.13 1.46
CA MET A 31 3.01 -0.65 0.24
C MET A 31 1.76 -0.40 -0.59
N LYS A 32 0.60 -0.64 0.01
CA LYS A 32 -0.67 -0.44 -0.67
C LYS A 32 -0.78 0.97 -1.24
N MET A 33 -0.41 1.95 -0.42
CA MET A 33 -0.45 3.35 -0.85
C MET A 33 0.52 3.61 -1.98
N HIS A 34 1.54 2.77 -2.08
CA HIS A 34 2.56 2.90 -3.12
C HIS A 34 2.04 2.35 -4.45
N ILE A 35 1.43 1.18 -4.41
CA ILE A 35 0.89 0.55 -5.60
C ILE A 35 -0.20 1.41 -6.24
N LEU A 36 -0.84 2.24 -5.41
CA LEU A 36 -1.90 3.11 -5.89
C LEU A 36 -1.36 4.50 -6.21
N GLN A 37 -0.09 4.73 -5.88
CA GLN A 37 0.54 6.02 -6.13
C GLN A 37 1.42 5.95 -7.37
N LYS A 38 2.18 4.87 -7.51
CA LYS A 38 3.07 4.68 -8.65
C LYS A 38 2.38 3.86 -9.75
N HIS A 39 1.54 2.92 -9.32
CA HIS A 39 0.81 2.07 -10.27
C HIS A 39 -0.68 2.30 -10.16
N THR A 40 -1.09 3.56 -10.04
CA THR A 40 -2.50 3.91 -9.93
C THR A 40 -3.30 3.36 -11.10
N GLU A 41 -2.70 3.42 -12.29
CA GLU A 41 -3.36 2.94 -13.50
C GLU A 41 -2.87 1.53 -13.86
N ASN A 42 -1.62 1.24 -13.51
CA ASN A 42 -1.03 -0.05 -13.80
C ASN A 42 -1.52 -1.11 -12.82
N VAL A 43 -2.84 -1.28 -12.75
CA VAL A 43 -3.44 -2.26 -11.85
C VAL A 43 -4.93 -2.42 -12.14
N ALA A 44 -5.43 -3.64 -11.92
CA ALA A 44 -6.84 -3.94 -12.16
C ALA A 44 -7.67 -3.69 -10.90
N LYS A 45 -7.46 -4.50 -9.88
CA LYS A 45 -8.19 -4.37 -8.63
C LYS A 45 -7.54 -3.32 -7.73
N PHE A 46 -8.37 -2.46 -7.13
CA PHE A 46 -7.88 -1.41 -6.25
C PHE A 46 -8.06 -1.80 -4.78
N HIS A 47 -6.97 -2.23 -4.16
CA HIS A 47 -7.01 -2.63 -2.76
C HIS A 47 -6.85 -1.42 -1.84
N CYS A 48 -7.80 -1.26 -0.92
CA CYS A 48 -7.77 -0.14 0.02
C CYS A 48 -6.44 -0.10 0.78
N PRO A 49 -5.86 1.09 0.88
CA PRO A 49 -4.59 1.29 1.58
C PRO A 49 -4.72 1.13 3.09
N HIS A 50 -5.90 0.69 3.53
CA HIS A 50 -6.15 0.48 4.95
C HIS A 50 -6.67 -0.93 5.21
N CYS A 51 -7.91 -1.20 4.82
CA CYS A 51 -8.51 -2.51 5.00
C CYS A 51 -8.40 -3.35 3.73
N ASP A 52 -8.71 -4.63 3.85
CA ASP A 52 -8.65 -5.54 2.71
C ASP A 52 -9.96 -5.51 1.92
N THR A 53 -10.21 -4.40 1.24
CA THR A 53 -11.42 -4.24 0.46
C THR A 53 -11.09 -3.94 -1.00
N VAL A 54 -11.84 -4.54 -1.92
CA VAL A 54 -11.63 -4.33 -3.34
C VAL A 54 -12.46 -3.16 -3.85
N ILE A 55 -11.85 -2.35 -4.71
CA ILE A 55 -12.52 -1.19 -5.27
C ILE A 55 -12.44 -1.19 -6.80
N ALA A 56 -13.60 -1.01 -7.44
CA ALA A 56 -13.67 -1.00 -8.90
C ALA A 56 -12.53 -0.17 -9.49
N ARG A 57 -12.67 1.15 -9.41
CA ARG A 57 -11.65 2.05 -9.94
C ARG A 57 -11.18 3.03 -8.87
N LYS A 58 -10.18 3.83 -9.21
CA LYS A 58 -9.64 4.83 -8.28
C LYS A 58 -10.74 5.71 -7.73
N SER A 59 -11.32 6.53 -8.61
CA SER A 59 -12.39 7.44 -8.21
C SER A 59 -13.29 6.80 -7.16
N ASP A 60 -13.61 5.52 -7.36
CA ASP A 60 -14.45 4.78 -6.43
C ASP A 60 -13.80 4.66 -5.07
N LEU A 61 -12.51 4.37 -5.05
CA LEU A 61 -11.76 4.22 -3.82
C LEU A 61 -12.17 5.29 -2.81
N GLY A 62 -12.12 6.55 -3.23
CA GLY A 62 -12.49 7.64 -2.35
C GLY A 62 -13.78 7.37 -1.60
N VAL A 63 -14.86 7.14 -2.34
CA VAL A 63 -16.16 6.87 -1.74
C VAL A 63 -16.02 5.93 -0.55
N HIS A 64 -15.23 4.88 -0.72
CA HIS A 64 -15.01 3.90 0.34
C HIS A 64 -14.24 4.51 1.50
N LEU A 65 -13.34 5.44 1.18
CA LEU A 65 -12.53 6.11 2.20
C LEU A 65 -13.37 7.13 2.97
N ARG A 66 -14.41 7.64 2.34
CA ARG A 66 -15.29 8.61 2.96
C ARG A 66 -16.42 7.93 3.73
N LYS A 67 -16.95 6.86 3.14
CA LYS A 67 -18.04 6.10 3.76
C LYS A 67 -17.51 5.23 4.90
N GLN A 68 -16.83 4.15 4.53
CA GLN A 68 -16.27 3.23 5.53
C GLN A 68 -15.35 3.97 6.48
N HIS A 69 -14.45 4.78 5.93
CA HIS A 69 -13.51 5.54 6.74
C HIS A 69 -13.90 7.02 6.79
N SER A 70 -13.18 7.79 7.59
CA SER A 70 -13.46 9.22 7.73
C SER A 70 -12.29 10.04 7.18
N TYR A 71 -12.49 10.60 6.00
CA TYR A 71 -11.46 11.41 5.36
C TYR A 71 -12.05 12.69 4.78
N SER A 72 -13.00 13.28 5.51
CA SER A 72 -13.65 14.51 5.06
C SER A 72 -14.18 15.30 6.26
N GLY A 73 -14.32 16.60 6.08
CA GLY A 73 -14.82 17.46 7.14
C GLY A 73 -14.76 18.93 6.79
N PRO A 74 -15.81 19.42 6.10
CA PRO A 74 -15.89 20.83 5.70
C PRO A 74 -16.09 21.76 6.88
N SER A 75 -16.94 21.34 7.81
CA SER A 75 -17.23 22.15 9.00
C SER A 75 -16.06 22.11 9.99
N SER A 76 -15.47 23.27 10.24
CA SER A 76 -14.34 23.37 11.16
C SER A 76 -14.67 24.29 12.33
N GLY A 77 -13.96 24.11 13.44
CA GLY A 77 -14.19 24.94 14.61
C GLY A 77 -14.17 24.14 15.90
N GLY A 1 35.97 18.37 5.65
CA GLY A 1 34.70 17.68 5.50
C GLY A 1 34.60 16.46 6.38
N SER A 2 33.52 15.70 6.21
CA SER A 2 33.30 14.50 7.00
C SER A 2 34.57 13.64 7.06
N SER A 3 35.03 13.20 5.90
CA SER A 3 36.22 12.38 5.81
C SER A 3 35.97 10.99 6.38
N GLY A 4 34.80 10.42 6.06
CA GLY A 4 34.45 9.11 6.55
C GLY A 4 33.15 8.60 5.96
N SER A 5 33.25 7.65 5.03
CA SER A 5 32.07 7.09 4.38
C SER A 5 31.52 5.91 5.19
N SER A 6 30.26 6.01 5.58
CA SER A 6 29.62 4.96 6.37
C SER A 6 28.60 4.20 5.52
N GLY A 7 28.76 2.88 5.47
CA GLY A 7 27.86 2.05 4.69
C GLY A 7 28.40 0.66 4.44
N ARG A 8 28.40 -0.17 5.48
CA ARG A 8 28.90 -1.53 5.37
C ARG A 8 27.79 -2.55 5.62
N THR A 9 27.02 -2.33 6.68
CA THR A 9 25.93 -3.22 7.04
C THR A 9 24.73 -3.01 6.12
N HIS A 10 24.35 -4.05 5.40
CA HIS A 10 23.22 -3.99 4.48
C HIS A 10 22.17 -5.04 4.82
N SER A 11 21.18 -4.66 5.62
CA SER A 11 20.13 -5.58 6.03
C SER A 11 18.82 -4.83 6.27
N GLY A 12 17.71 -5.44 5.89
CA GLY A 12 16.41 -4.82 6.07
C GLY A 12 15.28 -5.84 6.15
N GLU A 13 14.35 -5.60 7.06
CA GLU A 13 13.21 -6.50 7.23
C GLU A 13 11.91 -5.85 6.77
N LYS A 14 11.21 -6.52 5.88
CA LYS A 14 9.95 -6.01 5.36
C LYS A 14 9.03 -7.15 4.93
N PRO A 15 7.99 -7.41 5.73
CA PRO A 15 7.02 -8.48 5.46
C PRO A 15 6.13 -8.16 4.26
N TYR A 16 6.39 -7.02 3.62
CA TYR A 16 5.62 -6.60 2.47
C TYR A 16 6.54 -6.16 1.33
N GLU A 17 6.03 -6.22 0.10
CA GLU A 17 6.80 -5.82 -1.07
C GLU A 17 5.90 -5.65 -2.28
N CYS A 18 6.16 -4.62 -3.07
CA CYS A 18 5.37 -4.34 -4.27
C CYS A 18 5.66 -5.37 -5.36
N TYR A 19 4.61 -6.04 -5.83
CA TYR A 19 4.75 -7.05 -6.87
C TYR A 19 4.81 -6.40 -8.25
N ILE A 20 5.07 -5.10 -8.27
CA ILE A 20 5.15 -4.36 -9.53
C ILE A 20 6.58 -3.89 -9.79
N CYS A 21 7.18 -3.27 -8.79
CA CYS A 21 8.55 -2.77 -8.91
C CYS A 21 9.48 -3.48 -7.93
N HIS A 22 8.93 -4.42 -7.17
CA HIS A 22 9.70 -5.16 -6.18
C HIS A 22 10.17 -4.26 -5.06
N ALA A 23 9.38 -3.23 -4.77
CA ALA A 23 9.72 -2.28 -3.70
C ALA A 23 9.28 -2.81 -2.35
N ARG A 24 10.24 -3.26 -1.55
CA ARG A 24 9.95 -3.80 -0.22
C ARG A 24 9.36 -2.73 0.68
N PHE A 25 8.58 -3.16 1.67
CA PHE A 25 7.95 -2.24 2.60
C PHE A 25 7.74 -2.88 3.96
N THR A 26 8.19 -2.21 5.01
CA THR A 26 8.06 -2.73 6.37
C THR A 26 6.61 -2.67 6.84
N GLN A 27 5.80 -1.87 6.15
CA GLN A 27 4.39 -1.72 6.50
C GLN A 27 3.51 -1.98 5.29
N SER A 28 2.24 -2.33 5.54
CA SER A 28 1.29 -2.61 4.48
C SER A 28 0.70 -1.32 3.92
N GLY A 29 0.24 -0.45 4.82
CA GLY A 29 -0.34 0.81 4.41
C GLY A 29 0.56 1.58 3.45
N THR A 30 1.85 1.62 3.76
CA THR A 30 2.82 2.32 2.93
C THR A 30 2.92 1.68 1.55
N MET A 31 2.99 0.37 1.51
CA MET A 31 3.09 -0.37 0.25
C MET A 31 1.82 -0.20 -0.57
N LYS A 32 0.68 -0.55 0.02
CA LYS A 32 -0.60 -0.43 -0.66
C LYS A 32 -0.74 0.93 -1.34
N MET A 33 -0.39 1.98 -0.61
CA MET A 33 -0.47 3.35 -1.15
C MET A 33 0.49 3.53 -2.31
N HIS A 34 1.70 2.97 -2.17
CA HIS A 34 2.71 3.07 -3.20
C HIS A 34 2.23 2.44 -4.51
N ILE A 35 1.48 1.35 -4.40
CA ILE A 35 0.95 0.66 -5.56
C ILE A 35 -0.14 1.49 -6.25
N LEU A 36 -0.92 2.20 -5.44
CA LEU A 36 -2.00 3.03 -5.96
C LEU A 36 -1.51 4.44 -6.25
N GLN A 37 -0.30 4.76 -5.78
CA GLN A 37 0.28 6.07 -6.00
C GLN A 37 1.23 6.07 -7.19
N LYS A 38 1.96 4.97 -7.34
CA LYS A 38 2.91 4.83 -8.45
C LYS A 38 2.30 4.00 -9.58
N HIS A 39 1.51 3.00 -9.22
CA HIS A 39 0.87 2.14 -10.20
C HIS A 39 -0.65 2.29 -10.16
N THR A 40 -1.11 3.53 -10.11
CA THR A 40 -2.54 3.82 -10.07
C THR A 40 -3.25 3.25 -11.29
N GLU A 41 -2.61 3.35 -12.45
CA GLU A 41 -3.18 2.85 -13.69
C GLU A 41 -2.70 1.43 -13.97
N ASN A 42 -1.48 1.13 -13.54
CA ASN A 42 -0.90 -0.19 -13.75
C ASN A 42 -1.47 -1.20 -12.75
N VAL A 43 -2.80 -1.30 -12.71
CA VAL A 43 -3.46 -2.23 -11.81
C VAL A 43 -4.95 -2.31 -12.11
N ALA A 44 -5.52 -3.50 -11.92
CA ALA A 44 -6.93 -3.72 -12.17
C ALA A 44 -7.77 -3.49 -10.90
N LYS A 45 -7.59 -4.38 -9.93
CA LYS A 45 -8.32 -4.27 -8.67
C LYS A 45 -7.66 -3.25 -7.74
N PHE A 46 -8.48 -2.38 -7.15
CA PHE A 46 -7.97 -1.36 -6.24
C PHE A 46 -8.18 -1.78 -4.79
N HIS A 47 -7.11 -2.25 -4.15
CA HIS A 47 -7.18 -2.67 -2.76
C HIS A 47 -7.03 -1.49 -1.82
N CYS A 48 -7.95 -1.38 -0.86
CA CYS A 48 -7.91 -0.29 0.11
C CYS A 48 -6.59 -0.26 0.86
N PRO A 49 -6.01 0.94 1.01
CA PRO A 49 -4.74 1.13 1.71
C PRO A 49 -4.87 0.90 3.22
N HIS A 50 -6.09 1.01 3.72
CA HIS A 50 -6.35 0.82 5.14
C HIS A 50 -6.73 -0.63 5.44
N CYS A 51 -7.89 -1.04 4.94
CA CYS A 51 -8.38 -2.40 5.15
C CYS A 51 -8.22 -3.23 3.88
N ASP A 52 -8.61 -4.49 3.96
CA ASP A 52 -8.53 -5.39 2.81
C ASP A 52 -9.86 -5.47 2.07
N THR A 53 -10.12 -4.48 1.23
CA THR A 53 -11.36 -4.43 0.46
C THR A 53 -11.09 -4.11 -1.01
N VAL A 54 -11.83 -4.76 -1.89
CA VAL A 54 -11.68 -4.55 -3.33
C VAL A 54 -12.47 -3.33 -3.79
N ILE A 55 -11.85 -2.51 -4.65
CA ILE A 55 -12.50 -1.32 -5.17
C ILE A 55 -12.44 -1.28 -6.69
N ALA A 56 -13.59 -1.08 -7.32
CA ALA A 56 -13.66 -1.01 -8.77
C ALA A 56 -12.48 -0.24 -9.35
N ARG A 57 -12.52 1.08 -9.22
CA ARG A 57 -11.45 1.93 -9.73
C ARG A 57 -11.08 3.00 -8.71
N LYS A 58 -10.16 3.88 -9.09
CA LYS A 58 -9.71 4.95 -8.21
C LYS A 58 -10.90 5.78 -7.72
N SER A 59 -11.51 6.52 -8.63
CA SER A 59 -12.67 7.36 -8.29
C SER A 59 -13.55 6.66 -7.26
N ASP A 60 -13.82 5.38 -7.49
CA ASP A 60 -14.66 4.59 -6.59
C ASP A 60 -14.02 4.50 -5.21
N LEU A 61 -12.71 4.31 -5.17
CA LEU A 61 -11.98 4.20 -3.91
C LEU A 61 -12.42 5.29 -2.93
N GLY A 62 -12.21 6.54 -3.31
CA GLY A 62 -12.60 7.65 -2.47
C GLY A 62 -13.89 7.39 -1.71
N VAL A 63 -14.97 7.14 -2.46
CA VAL A 63 -16.26 6.88 -1.85
C VAL A 63 -16.13 5.96 -0.64
N HIS A 64 -15.35 4.90 -0.80
CA HIS A 64 -15.13 3.94 0.28
C HIS A 64 -14.27 4.55 1.38
N LEU A 65 -13.24 5.29 0.99
CA LEU A 65 -12.34 5.93 1.94
C LEU A 65 -13.07 6.99 2.74
N ARG A 66 -14.15 7.52 2.19
CA ARG A 66 -14.94 8.54 2.85
C ARG A 66 -16.09 7.92 3.64
N LYS A 67 -16.75 6.94 3.03
CA LYS A 67 -17.87 6.26 3.68
C LYS A 67 -17.39 5.39 4.83
N GLN A 68 -16.73 4.28 4.51
CA GLN A 68 -16.22 3.37 5.52
C GLN A 68 -15.22 4.08 6.44
N HIS A 69 -14.28 4.79 5.84
CA HIS A 69 -13.27 5.52 6.60
C HIS A 69 -13.58 7.01 6.63
N SER A 70 -12.68 7.79 7.23
CA SER A 70 -12.85 9.24 7.33
C SER A 70 -11.95 9.96 6.34
N TYR A 71 -12.56 10.44 5.24
CA TYR A 71 -11.82 11.16 4.21
C TYR A 71 -12.52 12.45 3.84
N SER A 72 -13.02 13.17 4.85
CA SER A 72 -13.72 14.43 4.61
C SER A 72 -13.17 15.53 5.51
N GLY A 73 -13.08 15.23 6.81
CA GLY A 73 -12.58 16.21 7.76
C GLY A 73 -12.96 15.87 9.19
N PRO A 74 -13.56 16.84 9.89
CA PRO A 74 -13.99 16.67 11.28
C PRO A 74 -15.17 15.72 11.41
N SER A 75 -16.16 15.89 10.53
CA SER A 75 -17.34 15.05 10.55
C SER A 75 -17.83 14.76 9.13
N SER A 76 -18.03 13.48 8.83
CA SER A 76 -18.49 13.08 7.50
C SER A 76 -19.60 13.99 7.01
N GLY A 77 -19.57 14.31 5.72
CA GLY A 77 -20.58 15.18 5.14
C GLY A 77 -21.97 14.59 5.23
N GLY A 1 29.82 -24.55 17.91
CA GLY A 1 29.78 -23.17 17.46
C GLY A 1 30.73 -22.28 18.25
N SER A 2 30.21 -21.21 18.82
CA SER A 2 31.01 -20.27 19.59
C SER A 2 32.16 -19.72 18.75
N SER A 3 31.87 -19.41 17.50
CA SER A 3 32.87 -18.87 16.58
C SER A 3 33.23 -17.44 16.95
N GLY A 4 34.44 -17.03 16.59
CA GLY A 4 34.89 -15.68 16.90
C GLY A 4 34.63 -14.72 15.76
N SER A 5 33.44 -14.76 15.19
CA SER A 5 33.08 -13.89 14.08
C SER A 5 32.10 -12.80 14.55
N SER A 6 32.38 -11.57 14.13
CA SER A 6 31.53 -10.44 14.50
C SER A 6 30.08 -10.70 14.14
N GLY A 7 29.82 -10.88 12.85
CA GLY A 7 28.46 -11.14 12.39
C GLY A 7 27.47 -10.10 12.89
N ARG A 8 27.64 -8.86 12.45
CA ARG A 8 26.76 -7.77 12.85
C ARG A 8 26.25 -7.00 11.64
N THR A 9 25.93 -7.72 10.57
CA THR A 9 25.44 -7.10 9.35
C THR A 9 24.09 -7.69 8.94
N HIS A 10 23.21 -6.84 8.44
CA HIS A 10 21.88 -7.26 8.01
C HIS A 10 21.19 -6.17 7.20
N SER A 11 20.87 -6.49 5.95
CA SER A 11 20.21 -5.53 5.07
C SER A 11 18.88 -6.09 4.55
N GLY A 12 17.83 -5.28 4.62
CA GLY A 12 16.53 -5.72 4.15
C GLY A 12 15.61 -6.12 5.29
N GLU A 13 14.98 -5.13 5.91
CA GLU A 13 14.08 -5.39 7.03
C GLU A 13 12.66 -4.94 6.70
N LYS A 14 12.00 -5.66 5.79
CA LYS A 14 10.64 -5.33 5.38
C LYS A 14 9.90 -6.59 4.92
N PRO A 15 8.88 -6.99 5.69
CA PRO A 15 8.07 -8.17 5.38
C PRO A 15 7.19 -7.96 4.16
N TYR A 16 7.33 -6.79 3.53
CA TYR A 16 6.53 -6.47 2.35
C TYR A 16 7.40 -5.84 1.26
N GLU A 17 6.98 -5.98 0.02
CA GLU A 17 7.73 -5.43 -1.11
C GLU A 17 6.85 -5.34 -2.35
N CYS A 18 7.00 -4.27 -3.12
CA CYS A 18 6.24 -4.07 -4.34
C CYS A 18 6.70 -5.01 -5.44
N TYR A 19 5.79 -5.81 -5.98
CA TYR A 19 6.12 -6.75 -7.03
C TYR A 19 6.10 -6.07 -8.40
N ILE A 20 6.14 -4.74 -8.38
CA ILE A 20 6.13 -3.96 -9.62
C ILE A 20 7.46 -3.24 -9.82
N CYS A 21 7.90 -2.51 -8.79
CA CYS A 21 9.16 -1.78 -8.86
C CYS A 21 10.21 -2.41 -7.94
N HIS A 22 9.77 -3.34 -7.11
CA HIS A 22 10.66 -4.03 -6.18
C HIS A 22 11.05 -3.10 -5.02
N ALA A 23 10.09 -2.32 -4.55
CA ALA A 23 10.32 -1.39 -3.45
C ALA A 23 9.85 -2.01 -2.13
N ARG A 24 10.80 -2.40 -1.29
CA ARG A 24 10.48 -2.99 0.01
C ARG A 24 9.66 -2.02 0.85
N PHE A 25 8.91 -2.57 1.80
CA PHE A 25 8.07 -1.77 2.68
C PHE A 25 7.91 -2.44 4.04
N THR A 26 8.16 -1.67 5.10
CA THR A 26 8.03 -2.19 6.46
C THR A 26 6.60 -2.07 6.97
N GLN A 27 5.71 -1.60 6.11
CA GLN A 27 4.31 -1.44 6.47
C GLN A 27 3.39 -1.95 5.36
N SER A 28 2.53 -2.90 5.71
CA SER A 28 1.60 -3.48 4.73
C SER A 28 0.75 -2.39 4.09
N GLY A 29 0.36 -1.39 4.89
CA GLY A 29 -0.45 -0.31 4.38
C GLY A 29 0.29 0.56 3.38
N THR A 30 1.47 1.02 3.77
CA THR A 30 2.28 1.86 2.88
C THR A 30 2.43 1.24 1.50
N MET A 31 2.84 -0.02 1.47
CA MET A 31 3.02 -0.74 0.21
C MET A 31 1.77 -0.65 -0.65
N LYS A 32 0.67 -1.18 -0.13
CA LYS A 32 -0.60 -1.15 -0.85
C LYS A 32 -0.93 0.26 -1.34
N MET A 33 -0.62 1.25 -0.51
CA MET A 33 -0.88 2.64 -0.85
C MET A 33 0.09 3.12 -1.94
N HIS A 34 1.21 2.43 -2.07
CA HIS A 34 2.21 2.79 -3.07
C HIS A 34 1.84 2.21 -4.43
N ILE A 35 1.34 0.98 -4.43
CA ILE A 35 0.95 0.31 -5.66
C ILE A 35 -0.26 1.00 -6.30
N LEU A 36 -1.10 1.59 -5.47
CA LEU A 36 -2.30 2.29 -5.95
C LEU A 36 -1.99 3.75 -6.23
N GLN A 37 -0.79 4.18 -5.87
CA GLN A 37 -0.37 5.57 -6.09
C GLN A 37 0.56 5.67 -7.29
N LYS A 38 1.48 4.72 -7.41
CA LYS A 38 2.43 4.70 -8.53
C LYS A 38 1.96 3.76 -9.62
N HIS A 39 1.24 2.71 -9.24
CA HIS A 39 0.74 1.72 -10.19
C HIS A 39 -0.79 1.66 -10.13
N THR A 40 -1.43 2.82 -10.12
CA THR A 40 -2.89 2.88 -10.06
C THR A 40 -3.51 2.28 -11.31
N GLU A 41 -2.84 2.45 -12.44
CA GLU A 41 -3.33 1.91 -13.71
C GLU A 41 -2.82 0.50 -13.94
N ASN A 42 -1.52 0.30 -13.77
CA ASN A 42 -0.91 -1.01 -13.96
C ASN A 42 -1.77 -2.10 -13.34
N VAL A 43 -2.24 -1.87 -12.13
CA VAL A 43 -3.08 -2.83 -11.42
C VAL A 43 -4.48 -2.86 -12.01
N ALA A 44 -5.08 -4.05 -12.04
CA ALA A 44 -6.42 -4.23 -12.57
C ALA A 44 -7.47 -3.98 -11.50
N LYS A 45 -7.46 -4.82 -10.46
CA LYS A 45 -8.41 -4.70 -9.36
C LYS A 45 -7.83 -3.86 -8.23
N PHE A 46 -8.68 -3.03 -7.62
CA PHE A 46 -8.25 -2.17 -6.52
C PHE A 46 -8.69 -2.74 -5.18
N HIS A 47 -7.87 -2.52 -4.16
CA HIS A 47 -8.18 -3.01 -2.81
C HIS A 47 -7.86 -1.96 -1.76
N CYS A 48 -8.79 -1.78 -0.82
CA CYS A 48 -8.60 -0.80 0.25
C CYS A 48 -7.33 -1.08 1.04
N PRO A 49 -6.46 -0.07 1.14
CA PRO A 49 -5.20 -0.19 1.89
C PRO A 49 -5.41 -0.30 3.39
N HIS A 50 -6.66 -0.47 3.79
CA HIS A 50 -7.01 -0.59 5.21
C HIS A 50 -7.75 -1.90 5.49
N CYS A 51 -8.99 -1.96 5.03
CA CYS A 51 -9.81 -3.15 5.23
C CYS A 51 -9.99 -3.92 3.92
N ASP A 52 -10.68 -5.05 3.99
CA ASP A 52 -10.93 -5.87 2.81
C ASP A 52 -12.12 -5.34 2.02
N THR A 53 -11.87 -4.37 1.14
CA THR A 53 -12.93 -3.79 0.33
C THR A 53 -12.47 -3.62 -1.12
N VAL A 54 -13.09 -4.39 -2.01
CA VAL A 54 -12.75 -4.32 -3.43
C VAL A 54 -13.31 -3.06 -4.07
N ILE A 55 -12.47 -2.38 -4.85
CA ILE A 55 -12.88 -1.15 -5.52
C ILE A 55 -12.70 -1.27 -7.03
N ALA A 56 -13.71 -0.81 -7.78
CA ALA A 56 -13.65 -0.85 -9.24
C ALA A 56 -12.74 0.23 -9.79
N ARG A 57 -13.19 1.49 -9.69
CA ARG A 57 -12.42 2.61 -10.19
C ARG A 57 -11.87 3.45 -9.03
N LYS A 58 -10.82 4.21 -9.30
CA LYS A 58 -10.20 5.06 -8.29
C LYS A 58 -11.16 6.16 -7.84
N SER A 59 -11.72 6.87 -8.82
CA SER A 59 -12.65 7.96 -8.53
C SER A 59 -13.60 7.57 -7.40
N ASP A 60 -13.92 6.28 -7.31
CA ASP A 60 -14.81 5.78 -6.27
C ASP A 60 -14.03 5.45 -4.99
N LEU A 61 -12.83 4.91 -5.16
CA LEU A 61 -11.99 4.55 -4.02
C LEU A 61 -12.10 5.59 -2.92
N GLY A 62 -11.90 6.86 -3.28
CA GLY A 62 -11.99 7.93 -2.30
C GLY A 62 -13.24 7.85 -1.47
N VAL A 63 -14.39 7.88 -2.12
CA VAL A 63 -15.68 7.82 -1.43
C VAL A 63 -15.64 6.81 -0.29
N HIS A 64 -15.02 5.65 -0.55
CA HIS A 64 -14.91 4.61 0.46
C HIS A 64 -13.96 5.03 1.58
N LEU A 65 -12.88 5.70 1.21
CA LEU A 65 -11.89 6.16 2.18
C LEU A 65 -12.46 7.29 3.04
N ARG A 66 -13.39 8.05 2.46
CA ARG A 66 -14.01 9.16 3.17
C ARG A 66 -15.19 8.68 4.02
N LYS A 67 -16.00 7.79 3.44
CA LYS A 67 -17.17 7.26 4.13
C LYS A 67 -16.74 6.29 5.23
N GLN A 68 -16.30 5.10 4.83
CA GLN A 68 -15.87 4.08 5.78
C GLN A 68 -14.77 4.62 6.68
N HIS A 69 -13.75 5.22 6.07
CA HIS A 69 -12.62 5.78 6.80
C HIS A 69 -12.69 7.30 6.83
N SER A 70 -11.68 7.93 7.43
CA SER A 70 -11.61 9.37 7.51
C SER A 70 -10.61 9.94 6.52
N TYR A 71 -11.12 10.55 5.46
CA TYR A 71 -10.26 11.14 4.43
C TYR A 71 -10.87 12.42 3.88
N SER A 72 -10.01 13.34 3.44
CA SER A 72 -10.47 14.62 2.89
C SER A 72 -10.41 14.59 1.37
N GLY A 73 -11.32 15.34 0.75
CA GLY A 73 -11.36 15.39 -0.70
C GLY A 73 -11.40 16.82 -1.23
N PRO A 74 -11.73 16.97 -2.52
CA PRO A 74 -11.81 18.28 -3.17
C PRO A 74 -12.99 19.10 -2.67
N SER A 75 -12.71 20.20 -1.99
CA SER A 75 -13.75 21.07 -1.45
C SER A 75 -14.33 21.96 -2.54
N SER A 76 -13.44 22.60 -3.30
CA SER A 76 -13.85 23.49 -4.38
C SER A 76 -14.76 24.61 -3.84
N GLY A 77 -14.36 25.17 -2.70
CA GLY A 77 -15.13 26.25 -2.10
C GLY A 77 -14.36 27.02 -1.06
#